data_6F2T
#
_entry.id   6F2T
#
_cell.length_a   73.843
_cell.length_b   124.063
_cell.length_c   110.673
_cell.angle_alpha   90.00
_cell.angle_beta   97.03
_cell.angle_gamma   90.00
#
_symmetry.space_group_name_H-M   'P 1 21 1'
#
loop_
_entity.id
_entity.type
_entity.pdbx_description
1 polymer 'Ectonucleotide pyrophosphatase/phosphodiesterase family member 3'
2 branched 2-acetamido-2-deoxy-beta-D-glucopyranose-(1-4)-2-acetamido-2-deoxy-beta-D-glucopyranose
3 branched beta-D-mannopyranose-(1-4)-2-acetamido-2-deoxy-beta-D-glucopyranose-(1-4)-2-acetamido-2-deoxy-beta-D-glucopyranose
4 non-polymer 'PHOSPHATE ION'
5 non-polymer 'ZINC ION'
6 non-polymer 'CALCIUM ION'
7 non-polymer 2-acetamido-2-deoxy-beta-D-glucopyranose
8 water water
#
_entity_poly.entity_id   1
_entity_poly.type   'polypeptide(L)'
_entity_poly.pdbx_seq_one_letter_code
;AETGWVTEACASSQEPQCPEGFDQPPVILFSMDGFRAEYLQTWSTLLPNINKLKTCGLHSKYMRAVYPTKTFPNHYTIVT
GLYPESHGIIDNNMYDVYLNKNFSLSSVEKSNPAWWSGQPIWLTAMYQGLKAASYYWPGSDVAVNGSFPNIYRNYSNSVP
YESRIATLLQWLDLPKAERPSFYTIYVEEPDSAGHKSGPVSAGVIKALQLVDDAFGMLMEGLKQRNLHNCVNIIVLADHG
MDQTSCDRVEYMTDYFPEINFYMYQGPAPRIRTRNIPQDFFTFNSEEIVRDLSCRKSDQHFKPYLTPDLPKRLHYAKNVR
IDKVHLMVDRQWLAYRNKGSSNCEGGTHGYNNEFKSMEAIFLAHGPSFKEKTVIEPFENIEVYNLLCDLLHIQPAPNNGS
HGSLNHLLKAPFYQPSHAEELSKSAGCGFTTPLPKDSLNCSCLALQTSGQEEQVNQRLNLNRGEVSATEKTNLPFGRPRV
IQKNKDHCLLYHREYVSGFGKAMKMPMWSSYTVPKPGDTSSLPPTVPDCLRADVRVDPSESQKCSFYLADQNIDHGFLYP
PAIKGNNESQYDALITSNLVPMYKEFKKMWDYFHKVLLIKYAIERNGVNVVSGPIFDYNYDGHFDAPDEITNYVAGTDVP
VPTHYFVVLTSCKNKTHTPDSCPGWLDVLPFVVPHRPTNVESCPENKAEDLWVEERFKAHIARVRDVELLTGLDFYQEKT
QPVSEILQLKTYLPTFETIIGTKHHHHHH
;
_entity_poly.pdbx_strand_id   A,B
#
loop_
_chem_comp.id
_chem_comp.type
_chem_comp.name
_chem_comp.formula
BMA D-saccharide, beta linking beta-D-mannopyranose 'C6 H12 O6'
CA non-polymer 'CALCIUM ION' 'Ca 2'
NAG D-saccharide, beta linking 2-acetamido-2-deoxy-beta-D-glucopyranose 'C8 H15 N O6'
PO4 non-polymer 'PHOSPHATE ION' 'O4 P -3'
ZN non-polymer 'ZINC ION' 'Zn 2'
#
# COMPACT_ATOMS: atom_id res chain seq x y z
N TRP A 5 -37.48 -15.57 8.00
CA TRP A 5 -37.06 -15.24 6.64
C TRP A 5 -35.61 -15.66 6.35
N VAL A 6 -34.67 -15.30 7.25
CA VAL A 6 -33.24 -15.58 7.12
C VAL A 6 -32.96 -17.12 7.08
N THR A 7 -33.67 -17.92 7.90
CA THR A 7 -33.50 -19.37 7.94
C THR A 7 -34.21 -20.10 6.80
N GLU A 8 -35.19 -19.43 6.16
CA GLU A 8 -35.95 -19.95 5.01
C GLU A 8 -35.09 -19.96 3.75
N ALA A 9 -35.35 -20.91 2.84
CA ALA A 9 -34.64 -21.06 1.56
C ALA A 9 -35.09 -19.99 0.54
N CYS A 10 -34.36 -19.86 -0.59
CA CYS A 10 -34.66 -18.90 -1.66
C CYS A 10 -36.01 -19.18 -2.32
N ALA A 11 -36.66 -18.12 -2.85
CA ALA A 11 -37.97 -18.18 -3.51
C ALA A 11 -37.91 -18.98 -4.81
N PRO A 16 -45.82 -12.90 -9.96
CA PRO A 16 -45.61 -12.30 -8.64
C PRO A 16 -46.47 -12.93 -7.54
N GLN A 17 -45.84 -13.27 -6.40
CA GLN A 17 -46.52 -13.86 -5.25
C GLN A 17 -46.99 -12.70 -4.34
N CYS A 18 -48.02 -11.99 -4.84
CA CYS A 18 -48.63 -10.82 -4.20
C CYS A 18 -50.01 -11.13 -3.60
N PRO A 19 -50.33 -10.59 -2.40
CA PRO A 19 -51.66 -10.86 -1.81
C PRO A 19 -52.78 -9.98 -2.38
N GLU A 20 -53.98 -10.04 -1.76
CA GLU A 20 -55.18 -9.28 -2.15
C GLU A 20 -54.94 -7.76 -2.08
N GLY A 21 -55.26 -7.08 -3.17
CA GLY A 21 -55.10 -5.63 -3.29
C GLY A 21 -53.82 -5.20 -3.99
N PHE A 22 -52.81 -6.10 -4.06
CA PHE A 22 -51.52 -5.84 -4.68
C PHE A 22 -51.50 -6.32 -6.14
N ASP A 23 -52.06 -5.49 -7.05
CA ASP A 23 -52.12 -5.80 -8.49
C ASP A 23 -50.74 -5.66 -9.12
N GLN A 24 -50.00 -4.62 -8.74
CA GLN A 24 -48.64 -4.36 -9.21
C GLN A 24 -47.65 -4.46 -8.04
N PRO A 25 -46.45 -5.08 -8.25
CA PRO A 25 -45.49 -5.19 -7.15
C PRO A 25 -44.93 -3.85 -6.66
N PRO A 26 -44.89 -3.61 -5.32
CA PRO A 26 -44.36 -2.32 -4.83
C PRO A 26 -42.84 -2.25 -4.93
N VAL A 27 -42.29 -1.03 -4.96
CA VAL A 27 -40.84 -0.83 -5.07
C VAL A 27 -40.29 -0.09 -3.85
N ILE A 28 -39.28 -0.69 -3.18
CA ILE A 28 -38.61 -0.09 -2.02
C ILE A 28 -37.15 0.13 -2.37
N LEU A 29 -36.73 1.40 -2.34
CA LEU A 29 -35.35 1.82 -2.61
C LEU A 29 -34.68 2.11 -1.25
N PHE A 30 -33.84 1.16 -0.81
CA PHE A 30 -33.12 1.22 0.46
C PHE A 30 -31.69 1.69 0.22
N SER A 31 -31.29 2.75 0.96
CA SER A 31 -29.94 3.29 0.88
C SER A 31 -29.21 3.20 2.19
N MET A 32 -28.03 2.56 2.16
CA MET A 32 -27.14 2.42 3.30
C MET A 32 -25.92 3.27 2.92
N ASP A 33 -25.85 4.47 3.48
CA ASP A 33 -24.81 5.47 3.20
C ASP A 33 -23.40 4.93 3.42
N GLY A 34 -22.52 5.16 2.46
CA GLY A 34 -21.12 4.78 2.51
C GLY A 34 -20.82 3.29 2.52
N PHE A 35 -21.77 2.46 2.07
CA PHE A 35 -21.61 1.02 2.00
C PHE A 35 -20.84 0.70 0.71
N ARG A 36 -19.51 0.60 0.82
CA ARG A 36 -18.66 0.30 -0.33
C ARG A 36 -18.77 -1.16 -0.77
N ALA A 37 -18.47 -1.43 -2.05
CA ALA A 37 -18.52 -2.77 -2.67
C ALA A 37 -17.64 -3.79 -1.94
N GLU A 38 -16.49 -3.31 -1.40
CA GLU A 38 -15.51 -4.07 -0.64
C GLU A 38 -16.11 -4.71 0.62
N TYR A 39 -17.04 -4.00 1.32
CA TYR A 39 -17.71 -4.48 2.52
C TYR A 39 -18.51 -5.75 2.26
N LEU A 40 -19.20 -5.82 1.11
CA LEU A 40 -20.00 -6.97 0.69
C LEU A 40 -19.10 -8.14 0.30
N GLN A 41 -17.96 -7.88 -0.35
CA GLN A 41 -17.03 -8.92 -0.78
C GLN A 41 -16.29 -9.60 0.37
N THR A 42 -16.03 -8.88 1.46
CA THR A 42 -15.28 -9.38 2.61
C THR A 42 -16.15 -9.73 3.83
N TRP A 43 -17.10 -8.86 4.21
CA TRP A 43 -17.89 -9.06 5.43
C TRP A 43 -19.32 -9.61 5.24
N SER A 44 -19.65 -10.18 4.05
CA SER A 44 -20.96 -10.75 3.75
C SER A 44 -21.41 -11.84 4.74
N THR A 45 -20.51 -12.79 5.05
CA THR A 45 -20.73 -13.92 5.97
C THR A 45 -21.05 -13.48 7.42
N LEU A 46 -20.68 -12.23 7.77
CA LEU A 46 -20.92 -11.62 9.09
C LEU A 46 -22.30 -10.95 9.14
N LEU A 47 -22.94 -10.76 7.95
CA LEU A 47 -24.25 -10.12 7.81
C LEU A 47 -25.25 -11.13 7.22
N PRO A 48 -25.97 -11.91 8.06
CA PRO A 48 -26.86 -12.97 7.53
C PRO A 48 -28.02 -12.52 6.64
N ASN A 49 -28.64 -11.36 6.93
CA ASN A 49 -29.77 -10.84 6.16
C ASN A 49 -29.38 -10.32 4.77
N ILE A 50 -28.27 -9.55 4.69
CA ILE A 50 -27.74 -9.01 3.44
C ILE A 50 -27.12 -10.14 2.60
N ASN A 51 -26.51 -11.17 3.25
CA ASN A 51 -25.92 -12.32 2.57
C ASN A 51 -26.99 -13.20 1.91
N LYS A 52 -28.19 -13.29 2.51
CA LYS A 52 -29.32 -14.05 1.95
C LYS A 52 -29.82 -13.36 0.69
N LEU A 53 -29.86 -12.01 0.71
CA LEU A 53 -30.23 -11.14 -0.41
C LEU A 53 -29.20 -11.28 -1.54
N LYS A 54 -27.90 -11.45 -1.18
CA LYS A 54 -26.78 -11.65 -2.09
C LYS A 54 -26.85 -13.03 -2.76
N THR A 55 -27.24 -14.07 -1.99
CA THR A 55 -27.35 -15.46 -2.46
C THR A 55 -28.60 -15.70 -3.30
N CYS A 56 -29.79 -15.31 -2.79
CA CYS A 56 -31.08 -15.54 -3.45
C CYS A 56 -31.38 -14.58 -4.60
N GLY A 57 -31.18 -13.28 -4.37
CA GLY A 57 -31.47 -12.26 -5.35
C GLY A 57 -30.38 -11.99 -6.38
N LEU A 58 -30.45 -10.79 -6.97
CA LEU A 58 -29.52 -10.28 -7.99
C LEU A 58 -28.61 -9.25 -7.34
N HIS A 59 -27.33 -9.22 -7.73
CA HIS A 59 -26.37 -8.24 -7.25
C HIS A 59 -25.25 -7.99 -8.27
N SER A 60 -24.75 -6.75 -8.32
CA SER A 60 -23.66 -6.40 -9.22
C SER A 60 -22.35 -6.49 -8.46
N LYS A 61 -21.23 -6.69 -9.19
CA LYS A 61 -19.88 -6.75 -8.61
C LYS A 61 -19.65 -5.44 -7.83
N TYR A 62 -20.10 -4.31 -8.44
CA TYR A 62 -20.11 -2.96 -7.89
C TYR A 62 -21.01 -2.03 -8.71
N MET A 63 -21.39 -0.89 -8.13
CA MET A 63 -22.16 0.14 -8.80
C MET A 63 -21.32 1.41 -8.75
N ARG A 64 -21.07 2.01 -9.93
CA ARG A 64 -20.28 3.22 -10.05
C ARG A 64 -21.12 4.44 -9.71
N ALA A 65 -20.61 5.26 -8.79
CA ALA A 65 -21.24 6.49 -8.33
C ALA A 65 -20.85 7.64 -9.28
N VAL A 66 -21.41 8.84 -9.07
CA VAL A 66 -21.06 10.03 -9.87
C VAL A 66 -20.05 10.88 -9.11
N TYR A 67 -19.26 11.68 -9.83
CA TYR A 67 -18.27 12.56 -9.24
C TYR A 67 -18.89 13.94 -8.90
N PRO A 68 -18.67 14.50 -7.69
CA PRO A 68 -17.90 13.94 -6.55
C PRO A 68 -18.70 12.87 -5.81
N THR A 69 -18.01 11.86 -5.27
CA THR A 69 -18.65 10.74 -4.57
C THR A 69 -19.10 11.17 -3.16
N LYS A 70 -20.08 12.09 -3.12
CA LYS A 70 -20.67 12.69 -1.92
C LYS A 70 -22.13 12.23 -1.79
N THR A 71 -22.73 12.39 -0.58
CA THR A 71 -24.08 11.98 -0.22
C THR A 71 -25.19 12.62 -1.08
N PHE A 72 -25.38 13.94 -0.98
CA PHE A 72 -26.43 14.67 -1.70
C PHE A 72 -26.31 14.61 -3.25
N PRO A 73 -25.13 14.79 -3.89
CA PRO A 73 -25.08 14.67 -5.37
C PRO A 73 -25.44 13.28 -5.91
N ASN A 74 -25.07 12.22 -5.17
CA ASN A 74 -25.30 10.83 -5.56
C ASN A 74 -26.69 10.31 -5.29
N HIS A 75 -27.29 10.69 -4.15
CA HIS A 75 -28.64 10.27 -3.80
C HIS A 75 -29.64 10.90 -4.76
N TYR A 76 -29.42 12.18 -5.13
CA TYR A 76 -30.28 12.88 -6.09
C TYR A 76 -30.08 12.36 -7.52
N THR A 77 -28.89 11.80 -7.84
CA THR A 77 -28.56 11.20 -9.12
C THR A 77 -29.34 9.89 -9.31
N ILE A 78 -29.39 9.05 -8.26
CA ILE A 78 -30.10 7.76 -8.25
C ILE A 78 -31.60 7.93 -8.58
N VAL A 79 -32.23 8.97 -8.00
CA VAL A 79 -33.66 9.24 -8.17
C VAL A 79 -34.00 10.09 -9.41
N THR A 80 -33.01 10.71 -10.09
CA THR A 80 -33.28 11.52 -11.29
C THR A 80 -32.71 10.95 -12.60
N GLY A 81 -31.59 10.23 -12.48
CA GLY A 81 -30.86 9.68 -13.61
C GLY A 81 -30.01 10.74 -14.27
N LEU A 82 -29.73 11.83 -13.52
CA LEU A 82 -28.99 13.01 -13.98
C LEU A 82 -27.64 13.15 -13.31
N TYR A 83 -26.67 13.74 -14.05
CA TYR A 83 -25.35 14.05 -13.51
C TYR A 83 -25.53 15.31 -12.64
N PRO A 84 -24.76 15.46 -11.53
CA PRO A 84 -24.92 16.67 -10.69
C PRO A 84 -24.97 18.02 -11.43
N GLU A 85 -24.27 18.15 -12.58
CA GLU A 85 -24.28 19.37 -13.40
C GLU A 85 -25.67 19.70 -13.96
N SER A 86 -26.50 18.66 -14.18
CA SER A 86 -27.86 18.80 -14.69
C SER A 86 -28.89 18.97 -13.58
N HIS A 87 -28.83 18.14 -12.51
CA HIS A 87 -29.81 18.24 -11.42
C HIS A 87 -29.52 19.39 -10.43
N GLY A 88 -28.32 19.97 -10.50
CA GLY A 88 -27.92 21.12 -9.71
C GLY A 88 -27.21 20.90 -8.38
N ILE A 89 -27.43 19.74 -7.75
CA ILE A 89 -26.81 19.40 -6.46
C ILE A 89 -25.41 18.84 -6.74
N ILE A 90 -24.45 19.74 -6.92
CA ILE A 90 -23.07 19.41 -7.29
C ILE A 90 -22.21 19.05 -6.06
N ASP A 91 -22.64 19.46 -4.86
CA ASP A 91 -21.98 19.20 -3.58
C ASP A 91 -22.95 19.45 -2.43
N ASN A 92 -22.59 18.99 -1.21
CA ASN A 92 -23.37 19.21 0.02
C ASN A 92 -23.26 20.69 0.42
N ASN A 93 -22.13 21.35 0.04
CA ASN A 93 -21.84 22.76 0.27
C ASN A 93 -21.52 23.43 -1.07
N MET A 94 -22.35 24.42 -1.47
CA MET A 94 -22.18 25.12 -2.76
C MET A 94 -22.74 26.56 -2.74
N TYR A 95 -22.36 27.36 -3.76
CA TYR A 95 -22.81 28.74 -3.92
C TYR A 95 -23.28 29.02 -5.35
N ASP A 96 -24.46 29.63 -5.48
CA ASP A 96 -25.03 30.05 -6.77
C ASP A 96 -24.88 31.57 -6.85
N VAL A 97 -24.22 32.06 -7.91
CA VAL A 97 -23.97 33.50 -8.12
C VAL A 97 -25.27 34.26 -8.50
N TYR A 98 -26.13 33.65 -9.34
CA TYR A 98 -27.38 34.26 -9.80
C TYR A 98 -28.43 34.36 -8.68
N LEU A 99 -28.54 33.31 -7.85
CA LEU A 99 -29.45 33.28 -6.70
C LEU A 99 -28.86 34.10 -5.55
N ASN A 100 -27.50 34.19 -5.50
CA ASN A 100 -26.69 34.84 -4.47
C ASN A 100 -27.04 34.28 -3.08
N LYS A 101 -27.02 32.94 -3.00
CA LYS A 101 -27.33 32.17 -1.79
C LYS A 101 -26.34 31.03 -1.60
N ASN A 102 -26.16 30.59 -0.34
CA ASN A 102 -25.27 29.49 0.02
C ASN A 102 -26.09 28.26 0.41
N PHE A 103 -25.74 27.10 -0.17
CA PHE A 103 -26.38 25.83 0.11
C PHE A 103 -25.52 25.03 1.07
N SER A 104 -26.16 24.47 2.11
CA SER A 104 -25.56 23.60 3.13
C SER A 104 -26.68 22.78 3.77
N LEU A 105 -26.32 21.63 4.37
CA LEU A 105 -27.29 20.72 5.00
C LEU A 105 -27.88 21.26 6.30
N SER A 106 -27.25 22.30 6.89
CA SER A 106 -27.68 22.96 8.13
C SER A 106 -28.55 24.19 7.84
N SER A 107 -28.28 24.90 6.72
CA SER A 107 -29.02 26.09 6.30
C SER A 107 -30.46 25.80 5.86
N VAL A 108 -31.32 26.84 5.88
CA VAL A 108 -32.73 26.78 5.46
C VAL A 108 -32.80 26.64 3.92
N GLU A 109 -31.70 27.05 3.23
CA GLU A 109 -31.54 26.99 1.77
C GLU A 109 -31.57 25.56 1.19
N LYS A 110 -31.43 24.52 2.06
CA LYS A 110 -31.50 23.13 1.63
C LYS A 110 -32.94 22.77 1.21
N SER A 111 -33.93 23.45 1.85
CA SER A 111 -35.36 23.29 1.60
C SER A 111 -35.86 24.19 0.44
N ASN A 112 -34.98 25.07 -0.09
CA ASN A 112 -35.30 25.97 -1.20
C ASN A 112 -35.35 25.17 -2.52
N PRO A 113 -36.52 25.14 -3.22
CA PRO A 113 -36.63 24.35 -4.46
C PRO A 113 -35.83 24.88 -5.66
N ALA A 114 -35.31 26.12 -5.57
CA ALA A 114 -34.51 26.78 -6.63
C ALA A 114 -33.20 26.05 -6.94
N TRP A 115 -32.70 25.23 -5.99
CA TRP A 115 -31.47 24.45 -6.10
C TRP A 115 -31.72 23.08 -6.76
N TRP A 116 -32.95 22.56 -6.66
CA TRP A 116 -33.30 21.22 -7.15
C TRP A 116 -33.95 21.21 -8.54
N SER A 117 -33.16 20.78 -9.54
CA SER A 117 -33.59 20.66 -10.93
C SER A 117 -33.88 19.19 -11.27
N GLY A 118 -34.46 18.96 -12.43
CA GLY A 118 -34.81 17.61 -12.87
C GLY A 118 -36.10 17.10 -12.25
N GLN A 119 -36.40 15.81 -12.49
CA GLN A 119 -37.62 15.19 -12.01
C GLN A 119 -37.35 13.89 -11.22
N PRO A 120 -37.24 13.96 -9.87
CA PRO A 120 -37.04 12.73 -9.09
C PRO A 120 -38.19 11.73 -9.24
N ILE A 121 -37.88 10.42 -9.13
CA ILE A 121 -38.78 9.28 -9.31
C ILE A 121 -40.12 9.42 -8.54
N TRP A 122 -40.11 10.07 -7.36
CA TRP A 122 -41.35 10.28 -6.59
C TRP A 122 -42.31 11.24 -7.30
N LEU A 123 -41.77 12.25 -8.03
CA LEU A 123 -42.59 13.20 -8.81
C LEU A 123 -43.14 12.49 -10.05
N THR A 124 -42.27 11.73 -10.76
CA THR A 124 -42.58 10.96 -11.97
C THR A 124 -43.74 9.96 -11.71
N ALA A 125 -43.74 9.33 -10.52
CA ALA A 125 -44.77 8.39 -10.09
C ALA A 125 -46.10 9.13 -9.84
N MET A 126 -46.03 10.30 -9.14
CA MET A 126 -47.19 11.15 -8.82
C MET A 126 -47.83 11.77 -10.05
N TYR A 127 -47.00 12.18 -11.04
CA TYR A 127 -47.49 12.77 -12.28
C TYR A 127 -48.16 11.72 -13.19
N GLN A 128 -47.87 10.42 -12.96
CA GLN A 128 -48.41 9.32 -13.76
C GLN A 128 -49.38 8.39 -12.98
N GLY A 129 -50.18 8.98 -12.10
CA GLY A 129 -51.22 8.31 -11.32
C GLY A 129 -50.83 7.29 -10.27
N LEU A 130 -49.66 7.45 -9.64
CA LEU A 130 -49.20 6.56 -8.58
C LEU A 130 -48.82 7.34 -7.32
N LYS A 131 -48.93 6.71 -6.14
CA LYS A 131 -48.56 7.35 -4.89
C LYS A 131 -47.15 6.98 -4.48
N ALA A 132 -46.38 7.94 -3.95
CA ALA A 132 -44.99 7.72 -3.54
C ALA A 132 -44.73 8.18 -2.11
N ALA A 133 -44.06 7.32 -1.31
CA ALA A 133 -43.71 7.60 0.09
C ALA A 133 -42.22 7.66 0.30
N SER A 134 -41.76 8.40 1.33
CA SER A 134 -40.33 8.55 1.60
C SER A 134 -39.97 8.71 3.07
N TYR A 135 -39.20 7.75 3.62
CA TYR A 135 -38.66 7.86 4.96
C TYR A 135 -37.19 8.18 4.77
N TYR A 136 -36.91 9.47 4.50
CA TYR A 136 -35.58 10.05 4.24
C TYR A 136 -35.02 9.74 2.86
N TRP A 137 -34.52 10.80 2.20
CA TRP A 137 -33.85 10.83 0.89
C TRP A 137 -33.62 12.28 0.50
N PRO A 138 -32.35 12.68 0.23
CA PRO A 138 -32.08 14.07 -0.17
C PRO A 138 -33.01 14.55 -1.30
N GLY A 139 -33.83 15.55 -0.98
CA GLY A 139 -34.81 16.12 -1.89
C GLY A 139 -36.26 15.76 -1.59
N SER A 140 -36.48 14.67 -0.83
CA SER A 140 -37.82 14.18 -0.47
C SER A 140 -38.52 15.04 0.59
N ASP A 141 -37.76 15.83 1.35
CA ASP A 141 -38.29 16.75 2.35
C ASP A 141 -38.24 18.20 1.81
N VAL A 142 -38.06 18.32 0.48
CA VAL A 142 -37.99 19.57 -0.29
C VAL A 142 -39.15 19.54 -1.32
N ALA A 143 -39.84 20.68 -1.50
CA ALA A 143 -40.94 20.81 -2.45
C ALA A 143 -40.38 20.99 -3.88
N VAL A 144 -39.73 19.92 -4.40
CA VAL A 144 -39.12 19.88 -5.73
C VAL A 144 -40.22 20.05 -6.79
N ASN A 145 -40.08 21.11 -7.63
CA ASN A 145 -41.03 21.50 -8.68
C ASN A 145 -42.44 21.79 -8.10
N GLY A 146 -42.45 22.38 -6.90
CA GLY A 146 -43.66 22.74 -6.16
C GLY A 146 -44.43 21.60 -5.54
N SER A 147 -43.84 20.39 -5.48
CA SER A 147 -44.50 19.21 -4.91
C SER A 147 -43.60 18.31 -4.06
N PHE A 148 -44.16 17.80 -2.96
CA PHE A 148 -43.53 16.88 -2.02
C PHE A 148 -44.11 15.48 -2.31
N PRO A 149 -43.46 14.35 -1.92
CA PRO A 149 -44.11 13.03 -2.09
C PRO A 149 -45.36 12.93 -1.21
N ASN A 150 -46.29 12.00 -1.54
CA ASN A 150 -47.55 11.81 -0.81
C ASN A 150 -47.34 11.74 0.71
N ILE A 151 -46.36 10.91 1.14
CA ILE A 151 -45.96 10.79 2.54
C ILE A 151 -44.44 10.99 2.59
N TYR A 152 -43.98 11.95 3.40
CA TYR A 152 -42.56 12.23 3.55
C TYR A 152 -42.19 12.52 5.00
N ARG A 153 -40.90 12.40 5.31
CA ARG A 153 -40.40 12.68 6.66
C ARG A 153 -39.28 13.69 6.61
N ASN A 154 -39.38 14.75 7.44
CA ASN A 154 -38.36 15.78 7.56
C ASN A 154 -37.15 15.12 8.22
N TYR A 155 -35.97 15.27 7.61
CA TYR A 155 -34.73 14.64 8.07
C TYR A 155 -34.44 14.87 9.55
N SER A 156 -34.19 13.74 10.26
CA SER A 156 -33.87 13.63 11.67
C SER A 156 -32.96 12.38 11.78
N ASN A 157 -31.65 12.59 11.62
CA ASN A 157 -30.58 11.59 11.55
C ASN A 157 -30.48 10.57 12.70
N SER A 158 -30.94 10.91 13.90
CA SER A 158 -30.79 10.03 15.06
C SER A 158 -31.97 9.11 15.37
N VAL A 159 -33.11 9.25 14.63
CA VAL A 159 -34.30 8.40 14.82
C VAL A 159 -33.89 6.93 14.60
N PRO A 160 -34.11 6.02 15.60
CA PRO A 160 -33.67 4.63 15.45
C PRO A 160 -34.24 3.93 14.22
N TYR A 161 -33.43 3.04 13.61
CA TYR A 161 -33.76 2.29 12.39
C TYR A 161 -35.03 1.42 12.55
N GLU A 162 -35.28 0.88 13.77
CA GLU A 162 -36.48 0.06 14.06
C GLU A 162 -37.76 0.88 13.86
N SER A 163 -37.73 2.18 14.22
CA SER A 163 -38.85 3.12 14.06
C SER A 163 -39.07 3.44 12.58
N ARG A 164 -37.98 3.60 11.81
CA ARG A 164 -37.99 3.90 10.37
C ARG A 164 -38.64 2.75 9.59
N ILE A 165 -38.26 1.51 9.93
CA ILE A 165 -38.76 0.27 9.34
C ILE A 165 -40.24 0.07 9.66
N ALA A 166 -40.63 0.25 10.95
CA ALA A 166 -42.01 0.11 11.44
C ALA A 166 -42.99 1.08 10.77
N THR A 167 -42.54 2.33 10.51
CA THR A 167 -43.33 3.37 9.84
C THR A 167 -43.51 3.01 8.35
N LEU A 168 -42.46 2.45 7.71
CA LEU A 168 -42.49 2.02 6.31
C LEU A 168 -43.49 0.86 6.14
N LEU A 169 -43.53 -0.07 7.11
CA LEU A 169 -44.44 -1.21 7.13
C LEU A 169 -45.89 -0.77 7.37
N GLN A 170 -46.09 0.36 8.10
CA GLN A 170 -47.41 0.95 8.37
C GLN A 170 -47.98 1.54 7.09
N TRP A 171 -47.10 2.09 6.22
CA TRP A 171 -47.46 2.64 4.91
C TRP A 171 -47.92 1.55 3.95
N LEU A 172 -47.35 0.33 4.10
CA LEU A 172 -47.69 -0.85 3.30
C LEU A 172 -49.00 -1.50 3.80
N ASP A 173 -49.41 -1.13 5.04
CA ASP A 173 -50.65 -1.62 5.68
C ASP A 173 -51.86 -0.71 5.38
N LEU A 174 -51.61 0.46 4.77
CA LEU A 174 -52.63 1.44 4.37
C LEU A 174 -53.58 0.86 3.30
N PRO A 175 -54.87 1.29 3.24
CA PRO A 175 -55.77 0.76 2.20
C PRO A 175 -55.30 1.11 0.80
N LYS A 176 -55.59 0.22 -0.19
CA LYS A 176 -55.21 0.31 -1.61
C LYS A 176 -55.24 1.74 -2.21
N ALA A 177 -56.29 2.52 -1.90
CA ALA A 177 -56.48 3.89 -2.38
C ALA A 177 -55.46 4.90 -1.82
N GLU A 178 -54.98 4.67 -0.58
CA GLU A 178 -54.01 5.53 0.11
C GLU A 178 -52.58 4.99 0.01
N ARG A 179 -52.43 3.66 -0.07
CA ARG A 179 -51.16 2.93 -0.11
C ARG A 179 -50.24 3.30 -1.29
N PRO A 180 -49.02 3.80 -0.99
CA PRO A 180 -48.07 4.15 -2.07
C PRO A 180 -47.51 2.94 -2.80
N SER A 181 -47.07 3.16 -4.06
CA SER A 181 -46.48 2.15 -4.94
C SER A 181 -44.95 2.18 -4.85
N PHE A 182 -44.37 3.38 -4.64
CA PHE A 182 -42.93 3.59 -4.53
C PHE A 182 -42.54 4.08 -3.14
N TYR A 183 -41.43 3.53 -2.60
CA TYR A 183 -40.90 3.86 -1.27
C TYR A 183 -39.38 4.07 -1.31
N THR A 184 -38.90 5.00 -0.47
CA THR A 184 -37.48 5.27 -0.26
C THR A 184 -37.20 5.26 1.23
N ILE A 185 -36.18 4.53 1.63
CA ILE A 185 -35.73 4.46 3.02
C ILE A 185 -34.22 4.69 3.04
N TYR A 186 -33.77 5.61 3.91
CA TYR A 186 -32.36 5.97 4.02
C TYR A 186 -31.80 5.70 5.41
N VAL A 187 -30.56 5.20 5.45
CA VAL A 187 -29.82 4.87 6.65
C VAL A 187 -28.41 5.50 6.57
N GLU A 188 -27.95 6.14 7.66
CA GLU A 188 -26.67 6.85 7.75
C GLU A 188 -25.44 5.96 7.79
N GLU A 189 -25.56 4.73 8.34
CA GLU A 189 -24.46 3.78 8.47
C GLU A 189 -24.30 2.88 7.22
N PRO A 190 -23.10 2.34 6.89
CA PRO A 190 -21.81 2.42 7.62
C PRO A 190 -20.94 3.66 7.31
N ASP A 191 -21.54 4.75 6.81
CA ASP A 191 -20.83 6.00 6.48
C ASP A 191 -20.26 6.71 7.72
N SER A 192 -21.11 6.89 8.77
CA SER A 192 -20.74 7.55 10.03
C SER A 192 -19.55 6.87 10.70
N ALA A 193 -19.55 5.52 10.74
CA ALA A 193 -18.47 4.71 11.32
C ALA A 193 -17.20 4.81 10.47
N GLY A 194 -17.38 4.88 9.15
CA GLY A 194 -16.30 5.01 8.17
C GLY A 194 -15.54 6.30 8.32
N HIS A 195 -16.25 7.40 8.63
CA HIS A 195 -15.67 8.73 8.86
C HIS A 195 -14.87 8.78 10.15
N LYS A 196 -15.33 8.07 11.19
CA LYS A 196 -14.71 8.03 12.51
C LYS A 196 -13.42 7.22 12.59
N SER A 197 -13.42 5.97 12.06
CA SER A 197 -12.29 5.06 12.19
C SER A 197 -11.74 4.45 10.89
N GLY A 198 -12.31 4.80 9.74
CA GLY A 198 -11.86 4.28 8.46
C GLY A 198 -12.62 3.06 7.97
N PRO A 199 -12.47 2.67 6.69
CA PRO A 199 -13.23 1.52 6.16
C PRO A 199 -12.90 0.16 6.78
N VAL A 200 -11.63 -0.10 7.12
CA VAL A 200 -11.23 -1.36 7.75
C VAL A 200 -11.04 -1.11 9.26
N SER A 201 -12.16 -1.21 10.01
CA SER A 201 -12.23 -0.95 11.45
C SER A 201 -13.36 -1.73 12.11
N ALA A 202 -13.28 -1.87 13.46
CA ALA A 202 -14.28 -2.54 14.29
C ALA A 202 -15.61 -1.78 14.28
N GLY A 203 -15.53 -0.45 14.25
CA GLY A 203 -16.69 0.44 14.20
C GLY A 203 -17.54 0.23 12.96
N VAL A 204 -16.88 -0.01 11.80
CA VAL A 204 -17.53 -0.30 10.52
C VAL A 204 -18.24 -1.66 10.59
N ILE A 205 -17.59 -2.68 11.20
CA ILE A 205 -18.15 -4.04 11.41
C ILE A 205 -19.47 -3.93 12.19
N LYS A 206 -19.46 -3.15 13.30
CA LYS A 206 -20.63 -2.92 14.15
C LYS A 206 -21.74 -2.18 13.39
N ALA A 207 -21.36 -1.20 12.54
CA ALA A 207 -22.28 -0.41 11.71
C ALA A 207 -22.92 -1.27 10.61
N LEU A 208 -22.15 -2.20 10.02
CA LEU A 208 -22.61 -3.12 8.98
C LEU A 208 -23.64 -4.11 9.56
N GLN A 209 -23.42 -4.55 10.82
CA GLN A 209 -24.31 -5.46 11.53
C GLN A 209 -25.61 -4.76 11.92
N LEU A 210 -25.51 -3.44 12.22
CA LEU A 210 -26.62 -2.56 12.59
C LEU A 210 -27.57 -2.36 11.40
N VAL A 211 -27.02 -2.19 10.18
CA VAL A 211 -27.80 -2.03 8.94
C VAL A 211 -28.38 -3.37 8.49
N ASP A 212 -27.71 -4.48 8.83
CA ASP A 212 -28.15 -5.84 8.53
C ASP A 212 -29.38 -6.19 9.35
N ASP A 213 -29.43 -5.72 10.62
CA ASP A 213 -30.56 -5.91 11.54
C ASP A 213 -31.75 -5.10 11.03
N ALA A 214 -31.50 -3.85 10.59
CA ALA A 214 -32.50 -2.92 10.03
C ALA A 214 -33.14 -3.52 8.77
N PHE A 215 -32.32 -4.09 7.86
CA PHE A 215 -32.79 -4.75 6.64
C PHE A 215 -33.53 -6.05 6.99
N GLY A 216 -33.07 -6.73 8.05
CA GLY A 216 -33.65 -7.95 8.57
C GLY A 216 -35.05 -7.75 9.12
N MET A 217 -35.26 -6.61 9.81
CA MET A 217 -36.54 -6.21 10.39
C MET A 217 -37.57 -5.92 9.28
N LEU A 218 -37.11 -5.33 8.16
CA LEU A 218 -37.94 -5.00 7.01
C LEU A 218 -38.38 -6.28 6.29
N MET A 219 -37.43 -7.20 6.04
CA MET A 219 -37.69 -8.49 5.38
C MET A 219 -38.59 -9.40 6.21
N GLU A 220 -38.44 -9.36 7.55
CA GLU A 220 -39.26 -10.15 8.48
C GLU A 220 -40.68 -9.56 8.55
N GLY A 221 -40.77 -8.23 8.44
CA GLY A 221 -42.02 -7.49 8.44
C GLY A 221 -42.83 -7.76 7.17
N LEU A 222 -42.12 -7.87 6.02
CA LEU A 222 -42.71 -8.18 4.72
C LEU A 222 -43.16 -9.65 4.70
N LYS A 223 -42.36 -10.55 5.32
CA LYS A 223 -42.61 -11.99 5.45
C LYS A 223 -43.95 -12.24 6.17
N GLN A 224 -44.21 -11.48 7.26
CA GLN A 224 -45.43 -11.56 8.07
C GLN A 224 -46.66 -11.11 7.27
N ARG A 225 -46.48 -10.14 6.36
CA ARG A 225 -47.52 -9.58 5.49
C ARG A 225 -47.63 -10.35 4.16
N ASN A 226 -46.73 -11.32 3.92
CA ASN A 226 -46.59 -12.15 2.72
C ASN A 226 -46.30 -11.28 1.47
N LEU A 227 -45.37 -10.32 1.65
CA LEU A 227 -44.90 -9.37 0.65
C LEU A 227 -43.40 -9.58 0.35
N HIS A 228 -42.75 -10.52 1.07
CA HIS A 228 -41.33 -10.87 0.93
C HIS A 228 -40.92 -11.30 -0.48
N ASN A 229 -41.87 -11.88 -1.24
CA ASN A 229 -41.67 -12.32 -2.62
C ASN A 229 -42.54 -11.51 -3.60
N CYS A 230 -43.18 -10.44 -3.10
CA CYS A 230 -44.04 -9.53 -3.88
C CYS A 230 -43.32 -8.21 -4.15
N VAL A 231 -42.70 -7.63 -3.13
CA VAL A 231 -42.01 -6.34 -3.20
C VAL A 231 -40.71 -6.44 -4.00
N ASN A 232 -40.47 -5.47 -4.91
CA ASN A 232 -39.25 -5.34 -5.68
C ASN A 232 -38.34 -4.41 -4.88
N ILE A 233 -37.53 -5.00 -4.00
CA ILE A 233 -36.62 -4.26 -3.12
C ILE A 233 -35.23 -4.09 -3.74
N ILE A 234 -34.70 -2.87 -3.64
CA ILE A 234 -33.36 -2.51 -4.11
C ILE A 234 -32.57 -1.97 -2.93
N VAL A 235 -31.43 -2.60 -2.64
CA VAL A 235 -30.52 -2.18 -1.57
C VAL A 235 -29.24 -1.70 -2.24
N LEU A 236 -28.95 -0.39 -2.12
CA LEU A 236 -27.77 0.23 -2.71
C LEU A 236 -27.12 1.25 -1.78
N ALA A 237 -26.05 1.90 -2.29
CA ALA A 237 -25.32 2.94 -1.59
C ALA A 237 -25.02 4.10 -2.53
N ASP A 238 -24.86 5.29 -1.96
CA ASP A 238 -24.56 6.54 -2.67
C ASP A 238 -23.09 6.61 -3.14
N HIS A 239 -22.17 6.06 -2.34
CA HIS A 239 -20.73 6.05 -2.61
C HIS A 239 -20.04 5.01 -1.72
N GLY A 240 -18.71 4.98 -1.77
CA GLY A 240 -17.88 4.12 -0.96
C GLY A 240 -17.22 4.86 0.18
N MET A 241 -16.09 4.33 0.67
CA MET A 241 -15.30 4.88 1.78
C MET A 241 -13.83 4.52 1.63
N ASP A 242 -12.94 5.47 1.93
CA ASP A 242 -11.50 5.25 1.92
C ASP A 242 -10.87 5.78 3.20
N GLN A 243 -9.68 5.28 3.54
CA GLN A 243 -8.93 5.68 4.74
C GLN A 243 -8.20 7.00 4.51
N THR A 244 -8.23 7.86 5.54
CA THR A 244 -7.57 9.17 5.54
C THR A 244 -6.55 9.25 6.67
N SER A 245 -5.52 10.10 6.51
CA SER A 245 -4.48 10.33 7.50
C SER A 245 -4.13 11.81 7.53
N CYS A 246 -3.65 12.30 8.69
CA CYS A 246 -3.24 13.69 8.84
C CYS A 246 -1.85 13.94 8.25
N ASP A 247 -1.13 12.84 7.95
CA ASP A 247 0.17 12.81 7.29
C ASP A 247 -0.06 12.78 5.77
N ARG A 248 -1.31 12.46 5.36
CA ARG A 248 -1.73 12.39 3.96
C ARG A 248 -2.59 13.62 3.60
N VAL A 249 -2.11 14.83 3.95
CA VAL A 249 -2.81 16.09 3.66
C VAL A 249 -1.89 17.07 2.91
N GLU A 250 -2.41 17.68 1.84
CA GLU A 250 -1.74 18.70 1.04
C GLU A 250 -2.27 20.07 1.48
N TYR A 251 -1.36 21.01 1.75
CA TYR A 251 -1.73 22.35 2.20
C TYR A 251 -1.44 23.40 1.13
N MET A 252 -2.41 24.30 0.90
CA MET A 252 -2.30 25.37 -0.11
C MET A 252 -1.28 26.45 0.25
N THR A 253 -0.88 26.53 1.54
CA THR A 253 0.13 27.45 2.06
C THR A 253 1.52 27.10 1.51
N ASP A 254 1.74 25.82 1.16
CA ASP A 254 2.97 25.30 0.58
C ASP A 254 3.12 25.69 -0.90
N TYR A 255 2.04 26.20 -1.51
CA TYR A 255 2.00 26.59 -2.92
C TYR A 255 1.77 28.09 -3.14
N PHE A 256 1.10 28.77 -2.18
CA PHE A 256 0.83 30.21 -2.26
C PHE A 256 1.40 30.93 -1.03
N PRO A 257 2.17 32.04 -1.20
CA PRO A 257 2.68 32.77 -0.02
C PRO A 257 1.59 33.53 0.73
N GLU A 258 0.46 33.84 0.05
CA GLU A 258 -0.72 34.52 0.59
C GLU A 258 -1.97 34.02 -0.13
N ILE A 259 -2.94 33.49 0.63
CA ILE A 259 -4.20 32.96 0.10
C ILE A 259 -5.32 33.98 0.32
N ASN A 260 -5.87 34.51 -0.78
CA ASN A 260 -6.96 35.50 -0.79
C ASN A 260 -8.25 34.93 -1.37
N PHE A 261 -8.23 33.65 -1.79
CA PHE A 261 -9.35 32.93 -2.37
C PHE A 261 -10.06 32.03 -1.35
N TYR A 262 -11.30 31.63 -1.66
CA TYR A 262 -12.10 30.71 -0.85
C TYR A 262 -11.91 29.29 -1.42
N MET A 263 -11.81 28.30 -0.54
CA MET A 263 -11.62 26.91 -0.94
C MET A 263 -12.59 25.96 -0.24
N TYR A 264 -13.23 25.09 -1.04
CA TYR A 264 -14.10 24.02 -0.56
C TYR A 264 -13.12 22.85 -0.37
N GLN A 265 -12.60 22.69 0.86
CA GLN A 265 -11.59 21.69 1.20
C GLN A 265 -12.10 20.25 1.22
N GLY A 266 -11.18 19.28 1.16
CA GLY A 266 -11.49 17.86 1.22
C GLY A 266 -10.95 17.00 0.09
N PRO A 267 -11.69 15.94 -0.31
CA PRO A 267 -11.21 15.05 -1.38
C PRO A 267 -11.52 15.49 -2.82
N ALA A 268 -12.45 16.45 -2.99
CA ALA A 268 -12.85 17.01 -4.28
C ALA A 268 -12.91 18.55 -4.16
N PRO A 269 -11.75 19.24 -4.06
CA PRO A 269 -11.77 20.68 -3.83
C PRO A 269 -12.14 21.56 -5.01
N ARG A 270 -12.70 22.74 -4.69
CA ARG A 270 -13.13 23.80 -5.61
C ARG A 270 -12.61 25.14 -5.06
N ILE A 271 -12.07 26.00 -5.94
CA ILE A 271 -11.55 27.31 -5.55
C ILE A 271 -12.29 28.44 -6.29
N ARG A 272 -12.74 29.44 -5.51
CA ARG A 272 -13.44 30.63 -6.01
C ARG A 272 -12.98 31.88 -5.24
N THR A 273 -13.44 33.07 -5.67
CA THR A 273 -13.11 34.32 -5.00
C THR A 273 -13.85 34.46 -3.67
N ARG A 274 -13.30 35.27 -2.75
CA ARG A 274 -13.93 35.56 -1.47
C ARG A 274 -15.00 36.62 -1.69
N ASN A 275 -14.71 37.62 -2.55
CA ASN A 275 -15.61 38.71 -2.87
C ASN A 275 -16.69 38.30 -3.90
N ILE A 276 -17.76 37.67 -3.39
CA ILE A 276 -18.91 37.20 -4.16
C ILE A 276 -20.14 38.09 -3.86
N PRO A 277 -21.04 38.40 -4.84
CA PRO A 277 -21.06 37.97 -6.25
C PRO A 277 -20.27 38.83 -7.24
N GLN A 278 -19.77 40.00 -6.79
CA GLN A 278 -19.03 41.02 -7.54
C GLN A 278 -17.87 40.50 -8.41
N ASP A 279 -16.95 39.73 -7.82
CA ASP A 279 -15.75 39.24 -8.53
C ASP A 279 -15.81 37.76 -8.95
N PHE A 280 -17.00 37.13 -8.95
CA PHE A 280 -17.17 35.72 -9.31
C PHE A 280 -16.66 35.37 -10.71
N PHE A 281 -17.09 36.13 -11.74
CA PHE A 281 -16.70 35.87 -13.13
C PHE A 281 -15.34 36.48 -13.51
N THR A 282 -14.96 37.59 -12.86
CA THR A 282 -13.69 38.28 -13.12
C THR A 282 -12.49 37.58 -12.46
N PHE A 283 -12.75 36.65 -11.50
CA PHE A 283 -11.74 35.87 -10.77
C PHE A 283 -10.85 35.10 -11.74
N ASN A 284 -9.53 35.29 -11.61
CA ASN A 284 -8.54 34.62 -12.48
C ASN A 284 -8.40 33.15 -12.09
N SER A 285 -9.24 32.30 -12.68
CA SER A 285 -9.26 30.86 -12.44
C SER A 285 -8.07 30.14 -13.05
N GLU A 286 -7.64 30.55 -14.25
CA GLU A 286 -6.50 29.95 -14.97
C GLU A 286 -5.17 30.24 -14.29
N GLU A 287 -5.07 31.36 -13.54
CA GLU A 287 -3.87 31.75 -12.79
C GLU A 287 -3.69 30.78 -11.61
N ILE A 288 -4.79 30.43 -10.91
CA ILE A 288 -4.81 29.50 -9.78
C ILE A 288 -4.38 28.08 -10.19
N VAL A 289 -4.93 27.57 -11.33
CA VAL A 289 -4.59 26.23 -11.84
C VAL A 289 -3.13 26.19 -12.32
N ARG A 290 -2.62 27.31 -12.87
CA ARG A 290 -1.23 27.45 -13.35
C ARG A 290 -0.26 27.47 -12.17
N ASP A 291 -0.62 28.22 -11.09
CA ASP A 291 0.19 28.34 -9.87
C ASP A 291 0.22 27.05 -9.05
N LEU A 292 -0.66 26.09 -9.37
CA LEU A 292 -0.76 24.80 -8.69
C LEU A 292 -0.28 23.63 -9.57
N SER A 293 -0.02 23.89 -10.87
CA SER A 293 0.42 22.87 -11.82
C SER A 293 1.90 22.56 -11.72
N CYS A 294 2.24 21.25 -11.66
CA CYS A 294 3.57 20.66 -11.64
C CYS A 294 4.56 21.39 -10.71
N ARG A 295 4.09 21.75 -9.51
CA ARG A 295 4.89 22.47 -8.50
C ARG A 295 5.91 21.57 -7.81
N LYS A 296 5.50 20.33 -7.48
CA LYS A 296 6.32 19.30 -6.84
C LYS A 296 6.21 17.99 -7.62
N SER A 297 7.31 17.22 -7.69
CA SER A 297 7.34 15.91 -8.40
C SER A 297 6.38 14.89 -7.78
N ASP A 298 6.26 14.89 -6.44
CA ASP A 298 5.37 13.99 -5.70
C ASP A 298 4.08 14.69 -5.24
N GLN A 299 3.51 15.57 -6.09
CA GLN A 299 2.26 16.30 -5.84
C GLN A 299 1.11 15.28 -5.76
N HIS A 300 0.32 15.33 -4.67
CA HIS A 300 -0.77 14.39 -4.43
C HIS A 300 -2.16 14.90 -4.87
N PHE A 301 -2.17 15.87 -5.79
CA PHE A 301 -3.37 16.46 -6.38
C PHE A 301 -3.03 17.00 -7.77
N LYS A 302 -4.05 17.18 -8.60
CA LYS A 302 -3.87 17.73 -9.95
C LYS A 302 -4.86 18.86 -10.18
N PRO A 303 -4.37 20.10 -10.41
CA PRO A 303 -5.30 21.20 -10.68
C PRO A 303 -5.85 21.14 -12.10
N TYR A 304 -7.13 21.50 -12.25
CA TYR A 304 -7.82 21.47 -13.53
C TYR A 304 -8.81 22.62 -13.64
N LEU A 305 -8.99 23.12 -14.87
CA LEU A 305 -10.06 24.04 -15.20
C LEU A 305 -11.16 23.06 -15.58
N THR A 306 -12.41 23.27 -15.12
CA THR A 306 -13.54 22.35 -15.35
C THR A 306 -13.67 21.83 -16.80
N PRO A 307 -13.49 22.61 -17.91
CA PRO A 307 -13.57 22.00 -19.26
C PRO A 307 -12.44 21.01 -19.58
N ASP A 308 -11.30 21.10 -18.85
CA ASP A 308 -10.12 20.25 -19.03
C ASP A 308 -10.17 18.93 -18.24
N LEU A 309 -11.15 18.80 -17.33
CA LEU A 309 -11.35 17.58 -16.53
C LEU A 309 -11.78 16.41 -17.44
N PRO A 310 -11.43 15.13 -17.10
CA PRO A 310 -11.89 14.00 -17.93
C PRO A 310 -13.40 14.06 -18.20
N LYS A 311 -13.78 13.98 -19.50
CA LYS A 311 -15.15 14.13 -19.99
C LYS A 311 -16.15 13.11 -19.43
N ARG A 312 -15.67 11.91 -19.03
CA ARG A 312 -16.51 10.85 -18.45
C ARG A 312 -17.11 11.24 -17.09
N LEU A 313 -16.49 12.23 -16.40
CA LEU A 313 -16.94 12.72 -15.10
C LEU A 313 -18.20 13.58 -15.22
N HIS A 314 -18.38 14.27 -16.38
CA HIS A 314 -19.51 15.17 -16.70
C HIS A 314 -19.73 16.18 -15.56
N TYR A 315 -18.66 16.88 -15.15
CA TYR A 315 -18.67 17.81 -14.03
C TYR A 315 -18.10 19.18 -14.42
N ALA A 316 -18.91 19.98 -15.16
CA ALA A 316 -18.53 21.31 -15.62
C ALA A 316 -19.70 22.22 -15.95
N LYS A 317 -20.73 21.71 -16.66
CA LYS A 317 -21.87 22.51 -17.11
C LYS A 317 -22.88 22.85 -16.02
N ASN A 318 -22.47 23.74 -15.11
CA ASN A 318 -23.25 24.31 -14.01
C ASN A 318 -22.45 25.46 -13.39
N VAL A 319 -23.13 26.59 -13.13
CA VAL A 319 -22.51 27.79 -12.56
C VAL A 319 -22.05 27.55 -11.10
N ARG A 320 -22.65 26.55 -10.41
CA ARG A 320 -22.29 26.16 -9.04
C ARG A 320 -20.93 25.45 -9.01
N ILE A 321 -20.54 24.82 -10.14
CA ILE A 321 -19.24 24.15 -10.27
C ILE A 321 -18.22 25.25 -10.62
N ASP A 322 -17.39 25.62 -9.63
CA ASP A 322 -16.35 26.63 -9.79
C ASP A 322 -15.31 26.14 -10.80
N LYS A 323 -14.77 27.05 -11.63
CA LYS A 323 -13.79 26.74 -12.68
C LYS A 323 -12.54 26.02 -12.16
N VAL A 324 -12.02 26.43 -10.99
CA VAL A 324 -10.84 25.79 -10.38
C VAL A 324 -11.28 24.51 -9.66
N HIS A 325 -10.68 23.38 -10.04
CA HIS A 325 -10.95 22.08 -9.43
C HIS A 325 -9.63 21.33 -9.19
N LEU A 326 -9.60 20.51 -8.13
CA LEU A 326 -8.42 19.70 -7.82
C LEU A 326 -8.80 18.21 -7.81
N MET A 327 -8.05 17.38 -8.55
CA MET A 327 -8.25 15.94 -8.56
C MET A 327 -7.27 15.35 -7.57
N VAL A 328 -7.76 15.02 -6.37
CA VAL A 328 -6.94 14.50 -5.27
C VAL A 328 -6.72 12.99 -5.42
N ASP A 329 -5.46 12.56 -5.20
CA ASP A 329 -5.02 11.15 -5.26
C ASP A 329 -5.68 10.31 -4.18
N ARG A 330 -5.64 8.97 -4.35
CA ARG A 330 -6.19 7.98 -3.41
C ARG A 330 -5.68 8.22 -1.99
N GLN A 331 -6.60 8.23 -1.01
CA GLN A 331 -6.35 8.36 0.44
C GLN A 331 -5.77 9.72 0.89
N TRP A 332 -5.68 10.72 -0.01
CA TRP A 332 -5.14 12.04 0.30
C TRP A 332 -6.23 13.12 0.49
N LEU A 333 -5.86 14.27 1.07
CA LEU A 333 -6.78 15.39 1.29
C LEU A 333 -6.09 16.70 0.93
N ALA A 334 -6.87 17.74 0.58
CA ALA A 334 -6.35 19.04 0.24
C ALA A 334 -7.06 20.13 1.05
N TYR A 335 -6.31 20.77 1.96
CA TYR A 335 -6.80 21.84 2.84
C TYR A 335 -6.13 23.18 2.51
N ARG A 336 -6.76 24.29 2.95
CA ARG A 336 -6.25 25.65 2.74
C ARG A 336 -4.96 25.86 3.55
N ASN A 337 -4.99 25.50 4.85
CA ASN A 337 -3.88 25.60 5.78
C ASN A 337 -3.94 24.50 6.84
N LYS A 338 -2.86 24.35 7.63
CA LYS A 338 -2.77 23.38 8.71
C LYS A 338 -3.68 23.80 9.89
N GLY A 339 -4.73 23.02 10.10
CA GLY A 339 -5.71 23.26 11.15
C GLY A 339 -6.51 22.04 11.52
N ASN A 342 -11.49 15.33 11.87
CA ASN A 342 -10.77 16.07 10.84
C ASN A 342 -10.15 15.14 9.77
N CYS A 343 -8.81 15.11 9.66
CA CYS A 343 -8.06 14.31 8.68
C CYS A 343 -7.92 12.82 9.06
N GLU A 344 -8.30 12.43 10.29
CA GLU A 344 -8.22 11.04 10.72
C GLU A 344 -9.51 10.27 10.47
N GLY A 345 -9.36 8.96 10.29
CA GLY A 345 -10.47 8.04 10.02
C GLY A 345 -10.59 7.76 8.54
N GLY A 346 -11.65 8.27 7.93
CA GLY A 346 -11.92 8.10 6.51
C GLY A 346 -12.89 9.10 5.92
N THR A 347 -12.92 9.19 4.58
CA THR A 347 -13.82 10.07 3.84
C THR A 347 -14.08 9.52 2.41
N HIS A 348 -15.02 10.19 1.73
CA HIS A 348 -15.45 9.92 0.36
C HIS A 348 -15.59 11.27 -0.35
N GLY A 349 -15.61 11.24 -1.68
CA GLY A 349 -15.72 12.43 -2.51
C GLY A 349 -14.75 12.38 -3.67
N TYR A 350 -13.82 11.41 -3.62
CA TYR A 350 -12.77 11.14 -4.59
C TYR A 350 -13.33 10.71 -5.94
N ASN A 351 -12.42 10.42 -6.90
CA ASN A 351 -12.73 9.93 -8.23
C ASN A 351 -13.56 8.65 -8.10
N ASN A 352 -14.68 8.58 -8.85
CA ASN A 352 -15.62 7.45 -8.85
C ASN A 352 -15.04 6.15 -9.40
N GLU A 353 -13.90 6.22 -10.12
CA GLU A 353 -13.22 5.06 -10.69
C GLU A 353 -12.42 4.30 -9.62
N PHE A 354 -12.02 4.99 -8.53
CA PHE A 354 -11.28 4.41 -7.40
C PHE A 354 -12.12 3.32 -6.76
N LYS A 355 -11.53 2.10 -6.60
CA LYS A 355 -12.18 0.90 -6.02
C LYS A 355 -12.87 1.15 -4.69
N SER A 356 -12.27 2.00 -3.83
CA SER A 356 -12.78 2.37 -2.51
C SER A 356 -14.06 3.19 -2.58
N MET A 357 -14.30 3.89 -3.71
CA MET A 357 -15.47 4.74 -3.95
C MET A 357 -16.66 3.99 -4.55
N GLU A 358 -16.45 2.72 -4.97
CA GLU A 358 -17.48 1.86 -5.56
C GLU A 358 -18.54 1.51 -4.52
N ALA A 359 -19.82 1.57 -4.93
CA ALA A 359 -20.97 1.32 -4.06
C ALA A 359 -21.64 -0.02 -4.33
N ILE A 360 -22.40 -0.52 -3.35
CA ILE A 360 -23.12 -1.80 -3.45
C ILE A 360 -24.43 -1.64 -4.24
N PHE A 361 -24.91 -2.74 -4.80
CA PHE A 361 -26.19 -2.82 -5.51
C PHE A 361 -26.71 -4.24 -5.44
N LEU A 362 -27.85 -4.41 -4.79
CA LEU A 362 -28.54 -5.69 -4.61
C LEU A 362 -30.02 -5.48 -4.88
N ALA A 363 -30.67 -6.49 -5.48
CA ALA A 363 -32.09 -6.43 -5.83
C ALA A 363 -32.77 -7.78 -5.68
N HIS A 364 -34.02 -7.78 -5.20
CA HIS A 364 -34.86 -8.96 -5.03
C HIS A 364 -36.31 -8.61 -5.30
N GLY A 365 -37.04 -9.55 -5.90
CA GLY A 365 -38.44 -9.37 -6.23
C GLY A 365 -38.89 -10.19 -7.43
N PRO A 366 -40.20 -10.17 -7.76
CA PRO A 366 -40.68 -10.96 -8.91
C PRO A 366 -40.21 -10.45 -10.27
N SER A 367 -39.92 -9.14 -10.39
CA SER A 367 -39.46 -8.52 -11.62
C SER A 367 -37.97 -8.73 -11.88
N PHE A 368 -37.18 -9.02 -10.81
CA PHE A 368 -35.74 -9.24 -10.89
C PHE A 368 -35.35 -10.71 -11.09
N LYS A 369 -34.22 -10.95 -11.76
CA LYS A 369 -33.69 -12.30 -12.01
C LYS A 369 -33.10 -12.88 -10.72
N GLU A 370 -33.43 -14.15 -10.43
CA GLU A 370 -33.00 -14.86 -9.22
C GLU A 370 -31.58 -15.43 -9.37
N LYS A 371 -30.79 -15.39 -8.27
CA LYS A 371 -29.41 -15.92 -8.16
C LYS A 371 -28.53 -15.49 -9.35
N THR A 372 -28.48 -14.18 -9.62
CA THR A 372 -27.75 -13.62 -10.75
C THR A 372 -26.69 -12.61 -10.32
N VAL A 373 -25.47 -12.75 -10.89
CA VAL A 373 -24.37 -11.82 -10.66
C VAL A 373 -24.19 -11.02 -11.96
N ILE A 374 -24.51 -9.71 -11.90
CA ILE A 374 -24.40 -8.85 -13.07
C ILE A 374 -23.09 -8.05 -13.03
N GLU A 375 -22.61 -7.64 -14.22
CA GLU A 375 -21.38 -6.86 -14.38
C GLU A 375 -21.57 -5.44 -13.83
N PRO A 376 -20.49 -4.71 -13.44
CA PRO A 376 -20.67 -3.35 -12.89
C PRO A 376 -21.38 -2.38 -13.84
N PHE A 377 -22.17 -1.47 -13.26
CA PHE A 377 -22.93 -0.46 -13.98
C PHE A 377 -22.95 0.86 -13.19
N GLU A 378 -23.39 1.95 -13.84
CA GLU A 378 -23.45 3.28 -13.23
C GLU A 378 -24.79 3.64 -12.60
N ASN A 379 -24.79 4.42 -11.50
CA ASN A 379 -26.02 4.82 -10.78
C ASN A 379 -26.97 5.71 -11.61
N ILE A 380 -26.47 6.38 -12.70
CA ILE A 380 -27.30 7.18 -13.61
C ILE A 380 -28.36 6.31 -14.34
N GLU A 381 -28.16 4.97 -14.32
CA GLU A 381 -29.02 3.98 -14.96
C GLU A 381 -30.20 3.50 -14.10
N VAL A 382 -30.15 3.74 -12.78
CA VAL A 382 -31.14 3.30 -11.78
C VAL A 382 -32.54 3.91 -12.04
N TYR A 383 -32.63 5.21 -12.39
CA TYR A 383 -33.89 5.92 -12.64
C TYR A 383 -34.79 5.25 -13.67
N ASN A 384 -34.24 4.90 -14.86
CA ASN A 384 -34.98 4.22 -15.94
C ASN A 384 -35.48 2.86 -15.48
N LEU A 385 -34.68 2.14 -14.67
CA LEU A 385 -35.02 0.83 -14.10
C LEU A 385 -36.18 0.98 -13.12
N LEU A 386 -36.16 2.06 -12.28
CA LEU A 386 -37.23 2.37 -11.32
C LEU A 386 -38.53 2.67 -12.05
N CYS A 387 -38.45 3.37 -13.21
CA CYS A 387 -39.57 3.72 -14.08
C CYS A 387 -40.18 2.47 -14.70
N ASP A 388 -39.32 1.49 -15.08
CA ASP A 388 -39.73 0.21 -15.67
C ASP A 388 -40.50 -0.65 -14.67
N LEU A 389 -40.03 -0.67 -13.40
CA LEU A 389 -40.65 -1.41 -12.29
C LEU A 389 -42.01 -0.82 -11.93
N LEU A 390 -42.12 0.53 -12.00
CA LEU A 390 -43.32 1.31 -11.71
C LEU A 390 -44.26 1.42 -12.90
N HIS A 391 -43.85 0.89 -14.09
CA HIS A 391 -44.59 0.92 -15.36
C HIS A 391 -44.91 2.36 -15.82
N ILE A 392 -43.96 3.28 -15.58
CA ILE A 392 -44.09 4.69 -15.91
C ILE A 392 -43.05 5.15 -16.94
N GLN A 393 -43.37 6.23 -17.68
CA GLN A 393 -42.52 6.82 -18.70
C GLN A 393 -41.45 7.70 -18.04
N PRO A 394 -40.15 7.52 -18.36
CA PRO A 394 -39.12 8.34 -17.71
C PRO A 394 -38.98 9.74 -18.30
N ALA A 395 -38.64 10.70 -17.42
CA ALA A 395 -38.37 12.09 -17.81
C ALA A 395 -36.99 12.13 -18.49
N PRO A 396 -36.65 13.13 -19.35
CA PRO A 396 -35.31 13.12 -19.98
C PRO A 396 -34.16 13.08 -18.98
N ASN A 397 -33.37 11.99 -19.01
CA ASN A 397 -32.23 11.76 -18.12
C ASN A 397 -30.97 11.32 -18.89
N ASN A 398 -29.90 10.97 -18.16
CA ASN A 398 -28.60 10.60 -18.73
C ASN A 398 -28.34 9.09 -18.79
N GLY A 399 -29.32 8.31 -18.36
CA GLY A 399 -29.26 6.86 -18.43
C GLY A 399 -29.61 6.40 -19.83
N SER A 400 -29.18 5.19 -20.19
CA SER A 400 -29.47 4.58 -21.49
C SER A 400 -30.59 3.57 -21.25
N HIS A 401 -31.82 3.94 -21.65
CA HIS A 401 -33.01 3.12 -21.46
C HIS A 401 -32.95 1.81 -22.23
N GLY A 402 -32.78 0.72 -21.48
CA GLY A 402 -32.66 -0.64 -22.00
C GLY A 402 -31.34 -1.31 -21.65
N SER A 403 -30.36 -0.54 -21.12
CA SER A 403 -29.05 -1.07 -20.72
C SER A 403 -29.12 -1.97 -19.49
N LEU A 404 -30.17 -1.82 -18.65
CA LEU A 404 -30.38 -2.62 -17.45
C LEU A 404 -31.49 -3.69 -17.63
N ASN A 405 -31.83 -4.03 -18.89
CA ASN A 405 -32.84 -5.04 -19.22
C ASN A 405 -32.42 -6.46 -18.82
N HIS A 406 -31.09 -6.71 -18.72
CA HIS A 406 -30.53 -8.00 -18.34
C HIS A 406 -30.70 -8.33 -16.83
N LEU A 407 -31.26 -7.36 -16.07
CA LEU A 407 -31.54 -7.47 -14.64
C LEU A 407 -32.98 -7.96 -14.42
N LEU A 408 -33.88 -7.63 -15.37
CA LEU A 408 -35.30 -7.95 -15.32
C LEU A 408 -35.67 -9.29 -15.97
N LYS A 409 -36.62 -10.02 -15.34
CA LYS A 409 -37.15 -11.30 -15.83
C LYS A 409 -37.91 -11.10 -17.14
N ALA A 410 -38.68 -10.00 -17.22
CA ALA A 410 -39.47 -9.60 -18.38
C ALA A 410 -39.37 -8.06 -18.55
N PRO A 411 -38.46 -7.56 -19.42
CA PRO A 411 -38.30 -6.10 -19.58
C PRO A 411 -39.56 -5.35 -20.04
N PHE A 412 -39.82 -4.19 -19.40
CA PHE A 412 -40.97 -3.33 -19.69
C PHE A 412 -40.74 -2.51 -20.97
N TYR A 413 -39.51 -1.99 -21.14
CA TYR A 413 -39.12 -1.18 -22.29
C TYR A 413 -38.19 -1.94 -23.23
N GLN A 414 -38.44 -1.83 -24.54
CA GLN A 414 -37.63 -2.46 -25.59
C GLN A 414 -36.86 -1.38 -26.34
N PRO A 415 -35.52 -1.34 -26.24
CA PRO A 415 -34.77 -0.28 -26.93
C PRO A 415 -34.59 -0.54 -28.43
N SER A 416 -34.32 0.56 -29.16
CA SER A 416 -34.11 0.55 -30.61
C SER A 416 -32.92 1.45 -30.98
N HIS A 417 -32.26 1.15 -32.12
CA HIS A 417 -31.10 1.90 -32.63
C HIS A 417 -31.49 3.34 -32.94
N ALA A 418 -30.57 4.30 -32.66
CA ALA A 418 -30.80 5.73 -32.92
C ALA A 418 -30.95 5.99 -34.43
N GLU A 419 -32.02 6.72 -34.79
CA GLU A 419 -32.37 7.05 -36.17
C GLU A 419 -31.39 8.05 -36.78
N GLU A 420 -30.84 7.71 -37.97
CA GLU A 420 -29.90 8.57 -38.70
C GLU A 420 -30.66 9.76 -39.29
N LEU A 421 -30.21 10.98 -38.96
CA LEU A 421 -30.86 12.23 -39.39
C LEU A 421 -30.25 12.83 -40.68
N SER A 422 -29.04 12.38 -41.08
CA SER A 422 -28.36 12.85 -42.29
C SER A 422 -27.81 11.68 -43.10
N LYS A 423 -28.02 11.72 -44.43
CA LYS A 423 -27.58 10.67 -45.36
C LYS A 423 -26.37 11.11 -46.17
N SER A 424 -25.47 10.15 -46.46
CA SER A 424 -24.24 10.36 -47.24
C SER A 424 -24.57 10.64 -48.70
N ALA A 425 -23.90 11.64 -49.30
CA ALA A 425 -24.07 12.05 -50.69
C ALA A 425 -22.80 12.69 -51.27
N GLY A 426 -22.54 12.39 -52.54
CA GLY A 426 -21.40 12.91 -53.28
C GLY A 426 -20.09 12.19 -53.02
N CYS A 427 -18.97 12.90 -53.29
CA CYS A 427 -17.57 12.45 -53.16
C CYS A 427 -17.24 11.21 -53.99
N GLY A 428 -17.90 11.08 -55.13
CA GLY A 428 -17.68 9.99 -56.08
C GLY A 428 -16.49 10.29 -56.96
N PHE A 429 -15.78 9.24 -57.40
CA PHE A 429 -14.62 9.38 -58.28
C PHE A 429 -15.05 9.77 -59.70
N THR A 430 -14.47 10.86 -60.23
CA THR A 430 -14.77 11.35 -61.57
C THR A 430 -13.50 11.40 -62.42
N THR A 431 -12.54 12.26 -62.03
CA THR A 431 -11.26 12.43 -62.72
C THR A 431 -10.07 12.09 -61.81
N PRO A 432 -9.00 11.46 -62.34
CA PRO A 432 -7.84 11.15 -61.48
C PRO A 432 -6.87 12.33 -61.29
N LEU A 433 -7.16 13.47 -61.94
CA LEU A 433 -6.36 14.69 -61.88
C LEU A 433 -7.06 15.73 -60.98
N PRO A 434 -6.35 16.39 -60.04
CA PRO A 434 -7.02 17.38 -59.18
C PRO A 434 -7.24 18.72 -59.87
N LYS A 435 -8.44 19.30 -59.69
CA LYS A 435 -8.83 20.60 -60.25
C LYS A 435 -8.05 21.74 -59.59
N ASP A 436 -7.76 21.59 -58.28
CA ASP A 436 -7.00 22.53 -57.46
C ASP A 436 -5.95 21.74 -56.67
N SER A 437 -4.69 22.21 -56.71
CA SER A 437 -3.57 21.60 -56.00
C SER A 437 -3.65 21.86 -54.48
N LEU A 438 -4.42 22.89 -54.08
CA LEU A 438 -4.66 23.36 -52.71
C LEU A 438 -3.37 23.76 -51.98
N ASN A 439 -2.37 24.26 -52.74
CA ASN A 439 -1.03 24.67 -52.29
C ASN A 439 -0.29 23.54 -51.52
N CYS A 440 -0.59 22.28 -51.90
CA CYS A 440 0.02 21.07 -51.34
C CYS A 440 1.09 20.53 -52.29
N SER A 441 2.13 19.89 -51.74
CA SER A 441 3.22 19.37 -52.56
C SER A 441 3.72 17.99 -52.17
N CYS A 442 4.03 17.17 -53.18
CA CYS A 442 4.59 15.84 -53.07
C CYS A 442 5.58 15.67 -54.23
N LEU A 443 6.86 15.92 -53.95
CA LEU A 443 7.96 15.86 -54.92
C LEU A 443 8.30 14.42 -55.38
N ALA A 444 7.78 13.40 -54.67
CA ALA A 444 7.98 11.99 -54.99
C ALA A 444 7.18 11.58 -56.22
N GLN A 453 -1.78 9.62 -61.34
CA GLN A 453 -1.91 8.20 -61.70
C GLN A 453 -2.06 7.30 -60.46
N VAL A 454 -1.49 7.72 -59.32
CA VAL A 454 -1.55 7.01 -58.03
C VAL A 454 -2.96 7.11 -57.43
N ASN A 455 -3.72 8.17 -57.79
CA ASN A 455 -5.09 8.43 -57.34
C ASN A 455 -6.12 7.41 -57.87
N GLN A 456 -5.68 6.43 -58.71
CA GLN A 456 -6.53 5.37 -59.25
C GLN A 456 -6.86 4.35 -58.15
N ARG A 457 -6.05 4.30 -57.07
CA ARG A 457 -6.23 3.45 -55.89
C ARG A 457 -7.44 3.93 -55.08
N LEU A 458 -7.78 5.22 -55.20
CA LEU A 458 -8.92 5.88 -54.55
C LEU A 458 -10.23 5.54 -55.28
N ASN A 459 -10.13 5.01 -56.53
CA ASN A 459 -11.25 4.59 -57.36
C ASN A 459 -11.49 3.09 -57.12
N LEU A 460 -12.45 2.78 -56.22
CA LEU A 460 -12.79 1.41 -55.86
C LEU A 460 -14.10 0.95 -56.48
N ASN A 461 -14.12 -0.29 -57.03
CA ASN A 461 -15.31 -0.90 -57.61
C ASN A 461 -16.21 -1.44 -56.49
N ARG A 462 -17.41 -1.97 -56.83
CA ARG A 462 -18.38 -2.51 -55.85
C ARG A 462 -17.76 -3.61 -54.98
N GLY A 463 -16.97 -4.49 -55.61
CA GLY A 463 -16.26 -5.58 -54.94
C GLY A 463 -15.22 -5.08 -53.97
N GLU A 464 -14.46 -4.04 -54.37
CA GLU A 464 -13.42 -3.40 -53.56
C GLU A 464 -14.02 -2.59 -52.40
N VAL A 465 -15.18 -1.93 -52.62
CA VAL A 465 -15.91 -1.16 -51.61
C VAL A 465 -16.48 -2.12 -50.55
N SER A 466 -17.09 -3.25 -50.98
CA SER A 466 -17.64 -4.28 -50.08
C SER A 466 -16.55 -4.94 -49.23
N ALA A 467 -15.35 -5.16 -49.82
CA ALA A 467 -14.19 -5.75 -49.16
C ALA A 467 -13.65 -4.86 -48.03
N THR A 468 -13.58 -3.53 -48.26
CA THR A 468 -13.11 -2.58 -47.25
C THR A 468 -14.20 -2.35 -46.19
N GLU A 469 -15.49 -2.51 -46.57
CA GLU A 469 -16.64 -2.39 -45.65
C GLU A 469 -16.67 -3.59 -44.71
N LYS A 470 -16.32 -4.79 -45.22
CA LYS A 470 -16.30 -6.03 -44.43
C LYS A 470 -15.19 -6.01 -43.38
N THR A 471 -14.00 -5.49 -43.76
CA THR A 471 -12.81 -5.43 -42.90
C THR A 471 -12.82 -4.21 -41.97
N ASN A 472 -12.92 -2.99 -42.53
CA ASN A 472 -12.80 -1.73 -41.78
C ASN A 472 -14.11 -1.23 -41.14
N LEU A 473 -15.28 -1.75 -41.56
CA LEU A 473 -16.56 -1.41 -40.94
C LEU A 473 -17.27 -2.73 -40.52
N PRO A 474 -16.71 -3.55 -39.60
CA PRO A 474 -17.37 -4.83 -39.27
C PRO A 474 -18.68 -4.72 -38.49
N PHE A 475 -18.88 -3.61 -37.78
CA PHE A 475 -20.08 -3.36 -36.98
C PHE A 475 -20.96 -2.28 -37.64
N GLY A 476 -20.68 -2.01 -38.91
CA GLY A 476 -21.39 -1.01 -39.69
C GLY A 476 -20.84 0.39 -39.52
N ARG A 477 -21.17 1.28 -40.47
CA ARG A 477 -20.71 2.66 -40.46
C ARG A 477 -21.36 3.45 -39.30
N PRO A 478 -20.62 4.36 -38.62
CA PRO A 478 -21.26 5.18 -37.58
C PRO A 478 -22.36 6.04 -38.20
N ARG A 479 -23.57 6.01 -37.59
CA ARG A 479 -24.72 6.76 -38.09
C ARG A 479 -24.69 8.20 -37.62
N VAL A 480 -24.99 9.15 -38.52
CA VAL A 480 -24.99 10.58 -38.22
C VAL A 480 -26.35 10.97 -37.62
N ILE A 481 -26.37 11.20 -36.29
CA ILE A 481 -27.56 11.60 -35.55
C ILE A 481 -27.54 13.13 -35.41
N GLN A 482 -27.45 13.81 -36.58
CA GLN A 482 -27.39 15.27 -36.71
C GLN A 482 -28.22 15.70 -37.92
N LYS A 483 -29.08 16.70 -37.75
CA LYS A 483 -29.91 17.23 -38.84
C LYS A 483 -29.10 18.18 -39.70
N ASN A 484 -29.29 18.10 -41.02
CA ASN A 484 -28.65 18.93 -42.07
C ASN A 484 -27.10 18.93 -42.00
N LYS A 485 -26.50 17.78 -41.64
CA LYS A 485 -25.04 17.62 -41.56
C LYS A 485 -24.54 17.04 -42.89
N ASP A 486 -24.11 17.94 -43.81
CA ASP A 486 -23.61 17.58 -45.14
C ASP A 486 -22.32 16.77 -45.04
N HIS A 487 -22.41 15.48 -45.44
CA HIS A 487 -21.28 14.55 -45.37
C HIS A 487 -21.27 13.52 -46.49
N CYS A 488 -20.12 12.85 -46.66
CA CYS A 488 -19.89 11.80 -47.66
C CYS A 488 -18.95 10.74 -47.12
N LEU A 489 -19.08 9.50 -47.60
CA LEU A 489 -18.20 8.41 -47.19
C LEU A 489 -17.07 8.22 -48.20
N LEU A 490 -15.83 8.19 -47.71
CA LEU A 490 -14.64 8.01 -48.53
C LEU A 490 -14.07 6.61 -48.30
N TYR A 491 -13.96 5.83 -49.38
CA TYR A 491 -13.49 4.45 -49.33
C TYR A 491 -12.05 4.31 -49.80
N HIS A 492 -11.26 3.50 -49.08
CA HIS A 492 -9.85 3.22 -49.35
C HIS A 492 -9.62 1.72 -49.07
N ARG A 493 -8.48 1.18 -49.54
CA ARG A 493 -8.14 -0.23 -49.36
C ARG A 493 -7.90 -0.62 -47.89
N GLU A 494 -7.35 0.30 -47.08
CA GLU A 494 -7.02 0.04 -45.68
C GLU A 494 -7.93 0.74 -44.65
N TYR A 495 -8.71 1.76 -45.07
CA TYR A 495 -9.59 2.50 -44.15
C TYR A 495 -10.81 3.12 -44.84
N VAL A 496 -11.84 3.47 -44.04
CA VAL A 496 -13.09 4.09 -44.50
C VAL A 496 -13.37 5.29 -43.58
N SER A 497 -13.63 6.47 -44.15
CA SER A 497 -13.91 7.67 -43.37
C SER A 497 -15.21 8.37 -43.78
N GLY A 498 -15.80 9.08 -42.82
CA GLY A 498 -17.01 9.87 -43.03
C GLY A 498 -16.62 11.33 -43.00
N PHE A 499 -16.50 11.95 -44.19
CA PHE A 499 -16.05 13.33 -44.35
C PHE A 499 -17.12 14.39 -44.14
N GLY A 500 -16.91 15.27 -43.16
CA GLY A 500 -17.77 16.40 -42.85
C GLY A 500 -17.41 17.56 -43.75
N LYS A 501 -18.24 17.80 -44.78
CA LYS A 501 -18.07 18.83 -45.82
C LYS A 501 -17.92 20.27 -45.31
N ALA A 502 -18.79 20.69 -44.37
CA ALA A 502 -18.80 22.05 -43.80
C ALA A 502 -17.54 22.38 -42.99
N MET A 503 -17.07 21.43 -42.17
CA MET A 503 -15.87 21.61 -41.33
C MET A 503 -14.56 21.25 -42.06
N LYS A 504 -14.68 20.82 -43.35
CA LYS A 504 -13.58 20.44 -44.25
C LYS A 504 -12.68 19.30 -43.73
N MET A 505 -13.18 18.50 -42.76
CA MET A 505 -12.44 17.38 -42.16
C MET A 505 -13.36 16.18 -41.87
N PRO A 506 -12.82 14.95 -41.62
CA PRO A 506 -13.72 13.83 -41.34
C PRO A 506 -14.30 13.85 -39.93
N MET A 507 -15.55 13.35 -39.77
CA MET A 507 -16.24 13.23 -38.50
C MET A 507 -15.71 11.99 -37.78
N TRP A 508 -15.39 10.94 -38.57
CA TRP A 508 -14.87 9.66 -38.13
C TRP A 508 -14.01 8.99 -39.21
N SER A 509 -13.06 8.15 -38.77
CA SER A 509 -12.19 7.35 -39.63
C SER A 509 -12.09 5.96 -39.02
N SER A 510 -12.56 4.94 -39.75
CA SER A 510 -12.62 3.55 -39.29
C SER A 510 -11.65 2.66 -40.05
N TYR A 511 -10.88 1.84 -39.30
CA TYR A 511 -9.88 0.91 -39.84
C TYR A 511 -9.56 -0.22 -38.85
N THR A 512 -9.46 -1.46 -39.36
CA THR A 512 -9.13 -2.62 -38.54
C THR A 512 -7.68 -3.04 -38.75
N VAL A 513 -6.82 -2.75 -37.75
CA VAL A 513 -5.40 -3.10 -37.76
C VAL A 513 -5.30 -4.60 -37.45
N PRO A 514 -4.62 -5.41 -38.29
CA PRO A 514 -4.51 -6.84 -37.96
C PRO A 514 -3.44 -7.09 -36.89
N LYS A 515 -3.31 -8.34 -36.39
CA LYS A 515 -2.33 -8.70 -35.38
C LYS A 515 -0.90 -8.59 -35.98
N PRO A 516 -0.05 -7.67 -35.46
CA PRO A 516 1.30 -7.52 -36.04
C PRO A 516 2.27 -8.66 -35.69
N GLY A 517 3.32 -8.76 -36.49
CA GLY A 517 4.36 -9.78 -36.32
C GLY A 517 5.68 -9.18 -35.89
N PRO A 523 7.37 0.35 -40.21
CA PRO A 523 7.74 1.34 -41.22
C PRO A 523 7.32 2.77 -40.86
N PRO A 524 8.13 3.80 -41.22
CA PRO A 524 7.74 5.18 -40.89
C PRO A 524 6.84 5.83 -41.94
N THR A 525 6.29 7.02 -41.62
CA THR A 525 5.41 7.79 -42.50
C THR A 525 6.24 8.47 -43.59
N VAL A 526 5.74 8.47 -44.85
CA VAL A 526 6.39 9.10 -46.01
C VAL A 526 6.45 10.62 -45.79
N PRO A 527 7.66 11.22 -45.73
CA PRO A 527 7.75 12.67 -45.45
C PRO A 527 7.66 13.56 -46.69
N ASP A 528 7.28 14.84 -46.47
CA ASP A 528 7.14 15.92 -47.46
C ASP A 528 6.20 15.57 -48.63
N CYS A 529 5.23 14.66 -48.41
CA CYS A 529 4.27 14.25 -49.41
C CYS A 529 2.83 14.40 -48.94
N LEU A 530 2.09 15.31 -49.60
CA LEU A 530 0.70 15.65 -49.30
C LEU A 530 0.05 16.25 -50.55
N ARG A 531 -1.13 15.71 -50.93
CA ARG A 531 -1.87 16.15 -52.12
C ARG A 531 -3.37 16.32 -51.85
N ALA A 532 -4.08 16.93 -52.81
CA ALA A 532 -5.52 17.16 -52.75
C ALA A 532 -6.29 15.87 -53.06
N ASP A 533 -7.47 15.69 -52.44
CA ASP A 533 -8.33 14.53 -52.71
C ASP A 533 -9.16 14.84 -53.94
N VAL A 534 -9.01 14.01 -54.99
CA VAL A 534 -9.72 14.15 -56.28
C VAL A 534 -11.25 14.00 -56.16
N ARG A 535 -11.72 13.25 -55.14
CA ARG A 535 -13.14 13.00 -54.88
C ARG A 535 -13.82 14.17 -54.17
N VAL A 536 -13.09 14.88 -53.31
CA VAL A 536 -13.57 16.02 -52.51
C VAL A 536 -13.41 17.33 -53.30
N ASP A 537 -14.47 18.16 -53.32
CA ASP A 537 -14.50 19.47 -53.99
C ASP A 537 -13.50 20.44 -53.31
N PRO A 538 -12.78 21.31 -54.08
CA PRO A 538 -11.81 22.23 -53.44
C PRO A 538 -12.39 23.18 -52.40
N SER A 539 -13.67 23.60 -52.56
CA SER A 539 -14.38 24.50 -51.63
C SER A 539 -14.73 23.79 -50.31
N GLU A 540 -14.73 22.45 -50.30
CA GLU A 540 -15.06 21.62 -49.14
C GLU A 540 -13.81 20.93 -48.56
N SER A 541 -12.61 21.26 -49.08
CA SER A 541 -11.36 20.66 -48.60
C SER A 541 -10.34 21.67 -48.07
N GLN A 542 -9.49 21.20 -47.15
CA GLN A 542 -8.44 21.97 -46.48
C GLN A 542 -7.24 22.19 -47.41
N LYS A 543 -6.57 23.34 -47.29
CA LYS A 543 -5.37 23.66 -48.06
C LYS A 543 -4.15 23.53 -47.14
N CYS A 544 -3.00 23.11 -47.71
CA CYS A 544 -1.74 22.96 -46.95
C CYS A 544 -1.20 24.32 -46.50
N SER A 545 -1.57 25.40 -47.23
CA SER A 545 -1.19 26.79 -46.96
C SER A 545 -1.87 27.35 -45.70
N PHE A 546 -3.03 26.77 -45.30
CA PHE A 546 -3.82 27.16 -44.12
C PHE A 546 -3.02 27.01 -42.82
N TYR A 547 -2.17 25.96 -42.75
CA TYR A 547 -1.35 25.63 -41.59
C TYR A 547 -0.03 26.40 -41.52
N LEU A 548 0.45 26.92 -42.67
CA LEU A 548 1.68 27.73 -42.74
C LEU A 548 1.43 29.11 -42.12
N ALA A 549 0.23 29.69 -42.39
CA ALA A 549 -0.20 30.99 -41.89
C ALA A 549 -0.48 30.95 -40.39
N ILE A 553 -0.04 25.49 -34.18
CA ILE A 553 -1.00 24.57 -34.80
C ILE A 553 -0.51 24.12 -36.20
N ASP A 554 -0.48 22.79 -36.41
CA ASP A 554 -0.04 22.13 -37.65
C ASP A 554 -1.06 21.04 -38.06
N HIS A 555 -0.94 20.52 -39.28
CA HIS A 555 -1.84 19.46 -39.76
C HIS A 555 -1.43 18.11 -39.19
N GLY A 556 -2.43 17.31 -38.82
CA GLY A 556 -2.23 15.96 -38.30
C GLY A 556 -3.04 14.94 -39.08
N PHE A 557 -2.57 13.69 -39.13
CA PHE A 557 -3.28 12.61 -39.82
C PHE A 557 -4.19 11.86 -38.84
N LEU A 558 -5.50 11.80 -39.14
CA LEU A 558 -6.48 11.10 -38.31
C LEU A 558 -6.19 9.60 -38.38
N TYR A 559 -6.06 9.05 -39.60
CA TYR A 559 -5.67 7.67 -39.84
C TYR A 559 -4.14 7.68 -40.02
N PRO A 560 -3.35 6.83 -39.31
CA PRO A 560 -1.89 6.85 -39.51
C PRO A 560 -1.52 6.20 -40.84
N PRO A 561 -0.88 6.96 -41.78
CA PRO A 561 -0.59 6.40 -43.11
C PRO A 561 0.26 5.13 -43.17
N ALA A 562 1.21 4.96 -42.23
CA ALA A 562 2.14 3.83 -42.21
C ALA A 562 1.69 2.60 -41.39
N ILE A 563 0.46 2.60 -40.83
CA ILE A 563 -0.03 1.49 -40.00
C ILE A 563 -0.39 0.23 -40.82
N LYS A 564 -0.90 0.39 -42.06
CA LYS A 564 -1.30 -0.75 -42.89
C LYS A 564 -0.74 -0.71 -44.31
N GLY A 565 -0.47 -1.90 -44.85
CA GLY A 565 0.08 -2.09 -46.19
C GLY A 565 1.57 -1.79 -46.29
N ASN A 566 1.97 -1.16 -47.40
CA ASN A 566 3.35 -0.78 -47.70
C ASN A 566 3.46 0.71 -48.09
N ASN A 567 4.55 1.10 -48.79
CA ASN A 567 4.80 2.48 -49.22
C ASN A 567 3.73 3.04 -50.16
N GLU A 568 3.24 2.21 -51.11
CA GLU A 568 2.18 2.62 -52.06
C GLU A 568 0.81 2.76 -51.37
N SER A 569 0.59 1.99 -50.29
CA SER A 569 -0.65 2.03 -49.49
C SER A 569 -0.76 3.33 -48.69
N GLN A 570 0.39 3.95 -48.37
CA GLN A 570 0.49 5.21 -47.62
C GLN A 570 -0.13 6.39 -48.36
N TYR A 571 -0.03 6.40 -49.71
CA TYR A 571 -0.55 7.47 -50.59
C TYR A 571 -2.06 7.69 -50.47
N ASP A 572 -2.82 6.63 -50.11
CA ASP A 572 -4.27 6.68 -49.90
C ASP A 572 -4.64 7.48 -48.64
N ALA A 573 -3.65 7.71 -47.75
CA ALA A 573 -3.80 8.43 -46.50
C ALA A 573 -3.04 9.78 -46.48
N LEU A 574 -2.14 10.00 -47.46
CA LEU A 574 -1.37 11.25 -47.58
C LEU A 574 -2.14 12.27 -48.42
N ILE A 575 -3.46 12.40 -48.14
CA ILE A 575 -4.40 13.30 -48.82
C ILE A 575 -5.04 14.29 -47.84
N THR A 576 -5.53 15.44 -48.37
CA THR A 576 -6.16 16.55 -47.63
C THR A 576 -7.37 16.16 -46.80
N SER A 577 -8.09 15.11 -47.21
CA SER A 577 -9.29 14.61 -46.51
C SER A 577 -8.96 13.85 -45.22
N ASN A 578 -7.68 13.45 -45.03
CA ASN A 578 -7.19 12.74 -43.85
C ASN A 578 -6.52 13.74 -42.87
N LEU A 579 -6.55 15.04 -43.19
CA LEU A 579 -5.95 16.08 -42.36
C LEU A 579 -6.92 16.65 -41.33
N VAL A 580 -6.43 16.82 -40.09
CA VAL A 580 -7.15 17.38 -38.94
C VAL A 580 -6.26 18.44 -38.24
N PRO A 581 -6.81 19.55 -37.69
CA PRO A 581 -5.94 20.55 -37.03
C PRO A 581 -5.37 20.06 -35.69
N MET A 582 -4.03 20.05 -35.55
CA MET A 582 -3.36 19.58 -34.33
C MET A 582 -2.26 20.48 -33.81
N TYR A 583 -2.23 20.68 -32.47
CA TYR A 583 -1.18 21.44 -31.81
C TYR A 583 0.07 20.56 -31.77
N LYS A 584 1.28 21.17 -31.89
CA LYS A 584 2.57 20.47 -31.88
C LYS A 584 2.73 19.56 -30.65
N GLU A 585 2.32 20.03 -29.46
CA GLU A 585 2.40 19.27 -28.22
C GLU A 585 1.42 18.09 -28.18
N PHE A 586 0.19 18.27 -28.71
CA PHE A 586 -0.80 17.21 -28.78
C PHE A 586 -0.37 16.14 -29.80
N LYS A 587 0.19 16.58 -30.95
CA LYS A 587 0.69 15.72 -32.02
C LYS A 587 1.74 14.72 -31.52
N LYS A 588 2.51 15.10 -30.48
CA LYS A 588 3.53 14.26 -29.83
C LYS A 588 2.88 13.05 -29.15
N MET A 589 1.71 13.27 -28.47
CA MET A 589 0.93 12.22 -27.81
C MET A 589 0.24 11.35 -28.87
N TRP A 590 -0.34 12.00 -29.91
CA TRP A 590 -1.06 11.38 -31.01
C TRP A 590 -0.17 10.46 -31.84
N ASP A 591 1.02 10.95 -32.26
CA ASP A 591 1.98 10.16 -33.04
C ASP A 591 2.53 8.98 -32.25
N TYR A 592 2.82 9.18 -30.94
CA TYR A 592 3.32 8.11 -30.06
C TYR A 592 2.27 7.03 -29.86
N PHE A 593 0.98 7.42 -29.73
CA PHE A 593 -0.12 6.47 -29.54
C PHE A 593 -0.32 5.57 -30.76
N HIS A 594 -0.24 6.12 -31.97
CA HIS A 594 -0.45 5.34 -33.20
C HIS A 594 0.78 4.55 -33.67
N LYS A 595 1.99 5.02 -33.32
CA LYS A 595 3.25 4.38 -33.69
C LYS A 595 3.66 3.28 -32.70
N VAL A 596 3.45 3.50 -31.37
CA VAL A 596 3.89 2.58 -30.32
C VAL A 596 2.72 1.88 -29.58
N LEU A 597 1.83 2.66 -28.95
CA LEU A 597 0.72 2.15 -28.11
C LEU A 597 -0.33 1.32 -28.87
N LEU A 598 -0.74 1.74 -30.07
CA LEU A 598 -1.72 1.08 -30.91
C LEU A 598 -1.27 -0.31 -31.37
N ILE A 599 0.03 -0.45 -31.69
CA ILE A 599 0.65 -1.71 -32.11
C ILE A 599 0.62 -2.70 -30.93
N LYS A 600 0.96 -2.21 -29.72
CA LYS A 600 0.95 -2.96 -28.45
C LYS A 600 -0.44 -3.51 -28.15
N TYR A 601 -1.50 -2.69 -28.35
CA TYR A 601 -2.89 -3.09 -28.12
C TYR A 601 -3.37 -4.11 -29.16
N ALA A 602 -2.94 -3.96 -30.42
CA ALA A 602 -3.28 -4.86 -31.53
C ALA A 602 -2.71 -6.27 -31.32
N ILE A 603 -1.55 -6.39 -30.64
CA ILE A 603 -0.91 -7.68 -30.31
C ILE A 603 -1.74 -8.37 -29.21
N GLU A 604 -2.08 -7.62 -28.14
CA GLU A 604 -2.83 -8.08 -26.97
C GLU A 604 -4.25 -8.57 -27.27
N ARG A 605 -5.01 -7.86 -28.12
CA ARG A 605 -6.40 -8.23 -28.43
C ARG A 605 -6.59 -8.86 -29.83
N ASN A 606 -5.50 -9.38 -30.46
CA ASN A 606 -5.49 -10.06 -31.77
C ASN A 606 -6.20 -9.21 -32.83
N GLY A 607 -5.59 -8.08 -33.14
CA GLY A 607 -6.13 -7.10 -34.07
C GLY A 607 -7.05 -6.13 -33.34
N VAL A 608 -7.21 -4.92 -33.88
CA VAL A 608 -8.07 -3.91 -33.27
C VAL A 608 -8.73 -2.99 -34.32
N ASN A 609 -10.05 -2.78 -34.18
CA ASN A 609 -10.80 -1.86 -35.04
C ASN A 609 -10.74 -0.50 -34.34
N VAL A 610 -10.27 0.51 -35.08
CA VAL A 610 -10.11 1.87 -34.56
C VAL A 610 -11.06 2.82 -35.28
N VAL A 611 -11.81 3.60 -34.49
CA VAL A 611 -12.69 4.65 -34.99
C VAL A 611 -12.23 5.92 -34.27
N SER A 612 -11.64 6.85 -35.02
CA SER A 612 -11.11 8.10 -34.49
C SER A 612 -11.75 9.29 -35.18
N GLY A 613 -11.73 10.44 -34.51
CA GLY A 613 -12.29 11.66 -35.05
C GLY A 613 -12.25 12.85 -34.11
N PRO A 614 -12.63 14.04 -34.61
CA PRO A 614 -12.61 15.24 -33.76
C PRO A 614 -13.87 15.44 -32.93
N ILE A 615 -13.73 16.16 -31.82
CA ILE A 615 -14.81 16.51 -30.91
C ILE A 615 -14.79 18.02 -30.72
N PHE A 616 -15.96 18.65 -30.85
CA PHE A 616 -16.13 20.08 -30.68
C PHE A 616 -17.10 20.30 -29.51
N ASP A 617 -16.58 20.79 -28.38
CA ASP A 617 -17.38 21.05 -27.18
C ASP A 617 -16.87 22.28 -26.42
N TYR A 618 -16.92 23.44 -27.08
CA TYR A 618 -16.47 24.73 -26.53
C TYR A 618 -17.31 25.23 -25.37
N ASN A 619 -18.60 24.86 -25.34
CA ASN A 619 -19.52 25.25 -24.27
C ASN A 619 -19.51 24.23 -23.12
N TYR A 620 -18.69 23.15 -23.26
CA TYR A 620 -18.47 22.04 -22.31
C TYR A 620 -19.78 21.49 -21.69
N ASP A 621 -20.77 21.19 -22.55
CA ASP A 621 -22.06 20.63 -22.14
C ASP A 621 -22.14 19.10 -22.35
N GLY A 622 -21.05 18.51 -22.84
CA GLY A 622 -20.93 17.08 -23.10
C GLY A 622 -21.64 16.61 -24.37
N HIS A 623 -22.06 17.57 -25.20
CA HIS A 623 -22.75 17.35 -26.47
C HIS A 623 -21.99 17.98 -27.62
N PHE A 624 -22.19 17.45 -28.84
CA PHE A 624 -21.56 17.96 -30.06
C PHE A 624 -21.96 19.42 -30.30
N ASP A 625 -20.98 20.25 -30.68
CA ASP A 625 -21.19 21.68 -30.91
C ASP A 625 -21.92 21.97 -32.21
N ALA A 626 -22.71 23.05 -32.19
CA ALA A 626 -23.40 23.60 -33.35
C ALA A 626 -22.36 24.50 -34.05
N PRO A 627 -22.46 24.82 -35.37
CA PRO A 627 -21.44 25.68 -36.01
C PRO A 627 -21.23 27.04 -35.34
N ASP A 628 -22.30 27.62 -34.76
CA ASP A 628 -22.28 28.90 -34.05
C ASP A 628 -21.70 28.80 -32.63
N GLU A 629 -21.48 27.57 -32.11
CA GLU A 629 -20.93 27.31 -30.77
C GLU A 629 -19.40 27.23 -30.75
N ILE A 630 -18.76 26.93 -31.89
CA ILE A 630 -17.30 26.83 -32.05
C ILE A 630 -16.69 28.24 -32.02
N THR A 631 -15.74 28.47 -31.10
CA THR A 631 -15.10 29.78 -30.91
C THR A 631 -13.65 29.86 -31.45
N ASN A 632 -13.01 28.71 -31.72
CA ASN A 632 -11.64 28.72 -32.25
C ASN A 632 -11.53 28.00 -33.60
N TYR A 633 -10.88 28.68 -34.55
CA TYR A 633 -10.67 28.23 -35.92
C TYR A 633 -9.19 28.35 -36.32
N VAL A 634 -8.80 27.72 -37.44
CA VAL A 634 -7.44 27.81 -37.98
C VAL A 634 -7.34 29.22 -38.60
N ALA A 635 -6.30 29.99 -38.21
CA ALA A 635 -6.04 31.38 -38.59
C ALA A 635 -6.47 31.77 -40.01
N GLY A 636 -7.45 32.69 -40.07
CA GLY A 636 -8.02 33.24 -41.30
C GLY A 636 -8.95 32.34 -42.08
N THR A 637 -9.21 31.10 -41.60
CA THR A 637 -10.06 30.13 -42.27
C THR A 637 -11.29 29.71 -41.46
N ASP A 638 -12.25 29.03 -42.12
CA ASP A 638 -13.48 28.54 -41.51
C ASP A 638 -13.35 27.09 -40.99
N VAL A 639 -12.12 26.50 -41.03
CA VAL A 639 -11.90 25.14 -40.53
C VAL A 639 -11.76 25.20 -39.00
N PRO A 640 -12.68 24.54 -38.26
CA PRO A 640 -12.67 24.63 -36.79
C PRO A 640 -11.59 23.82 -36.08
N VAL A 641 -11.21 24.26 -34.88
CA VAL A 641 -10.20 23.59 -34.06
C VAL A 641 -10.93 22.67 -33.06
N PRO A 642 -10.63 21.35 -33.04
CA PRO A 642 -11.32 20.45 -32.10
C PRO A 642 -10.87 20.65 -30.66
N THR A 643 -11.81 20.51 -29.70
CA THR A 643 -11.54 20.63 -28.27
C THR A 643 -10.95 19.32 -27.75
N HIS A 644 -11.38 18.19 -28.36
CA HIS A 644 -10.97 16.84 -28.02
C HIS A 644 -10.85 15.98 -29.28
N TYR A 645 -10.19 14.82 -29.14
CA TYR A 645 -10.05 13.83 -30.20
C TYR A 645 -10.43 12.47 -29.62
N PHE A 646 -11.33 11.75 -30.30
CA PHE A 646 -11.75 10.43 -29.82
C PHE A 646 -11.00 9.32 -30.53
N VAL A 647 -10.75 8.21 -29.82
CA VAL A 647 -10.12 6.98 -30.33
C VAL A 647 -10.90 5.85 -29.66
N VAL A 648 -11.72 5.13 -30.44
CA VAL A 648 -12.52 4.01 -29.93
C VAL A 648 -11.92 2.72 -30.45
N LEU A 649 -11.38 1.90 -29.53
CA LEU A 649 -10.76 0.62 -29.85
C LEU A 649 -11.74 -0.52 -29.62
N THR A 650 -12.07 -1.27 -30.69
CA THR A 650 -13.01 -2.37 -30.60
C THR A 650 -12.39 -3.66 -31.14
N SER A 651 -12.45 -4.70 -30.32
CA SER A 651 -11.96 -6.04 -30.64
C SER A 651 -13.00 -7.04 -30.11
N CYS A 652 -12.71 -8.34 -30.19
CA CYS A 652 -13.64 -9.36 -29.68
C CYS A 652 -13.18 -9.93 -28.36
N LYS A 653 -14.16 -10.29 -27.49
CA LYS A 653 -13.93 -10.90 -26.16
C LYS A 653 -13.11 -12.18 -26.34
N ASN A 654 -13.51 -13.04 -27.29
CA ASN A 654 -12.78 -14.27 -27.62
C ASN A 654 -11.60 -13.86 -28.51
N LYS A 655 -10.39 -13.88 -27.93
CA LYS A 655 -9.14 -13.48 -28.57
C LYS A 655 -8.69 -14.39 -29.73
N THR A 656 -9.41 -15.51 -29.96
CA THR A 656 -9.11 -16.43 -31.07
C THR A 656 -9.56 -15.82 -32.41
N HIS A 657 -10.55 -14.91 -32.36
CA HIS A 657 -11.11 -14.22 -33.53
C HIS A 657 -10.64 -12.77 -33.61
N THR A 658 -10.54 -12.24 -34.85
CA THR A 658 -10.16 -10.85 -35.15
C THR A 658 -11.41 -9.93 -35.05
N PRO A 659 -11.28 -8.59 -34.94
CA PRO A 659 -12.49 -7.73 -34.83
C PRO A 659 -13.41 -7.77 -36.05
N ASP A 660 -12.82 -7.93 -37.26
CA ASP A 660 -13.56 -7.97 -38.53
C ASP A 660 -14.37 -9.26 -38.73
N SER A 661 -13.92 -10.38 -38.13
CA SER A 661 -14.59 -11.67 -38.24
C SER A 661 -14.79 -12.32 -36.87
N CYS A 662 -15.89 -11.92 -36.18
CA CYS A 662 -16.23 -12.44 -34.84
C CYS A 662 -17.75 -12.42 -34.55
N PRO A 663 -18.35 -13.57 -34.15
CA PRO A 663 -19.81 -13.58 -33.90
C PRO A 663 -20.26 -13.19 -32.50
N GLY A 664 -19.44 -13.45 -31.48
CA GLY A 664 -19.76 -13.19 -30.08
C GLY A 664 -19.66 -11.75 -29.62
N TRP A 665 -19.55 -11.59 -28.28
CA TRP A 665 -19.45 -10.30 -27.59
C TRP A 665 -18.16 -9.55 -27.92
N LEU A 666 -18.23 -8.21 -27.95
CA LEU A 666 -17.08 -7.36 -28.24
C LEU A 666 -16.43 -6.78 -26.98
N ASP A 667 -15.16 -6.33 -27.10
CA ASP A 667 -14.39 -5.70 -26.05
C ASP A 667 -14.06 -4.27 -26.52
N VAL A 668 -14.42 -3.26 -25.73
CA VAL A 668 -14.22 -1.87 -26.14
C VAL A 668 -13.31 -1.08 -25.17
N LEU A 669 -12.53 -0.13 -25.75
CA LEU A 669 -11.62 0.77 -25.04
C LEU A 669 -11.67 2.21 -25.66
N PRO A 670 -12.67 3.03 -25.28
CA PRO A 670 -12.77 4.38 -25.85
C PRO A 670 -11.94 5.43 -25.11
N PHE A 671 -11.46 6.45 -25.86
CA PHE A 671 -10.67 7.57 -25.32
C PHE A 671 -11.25 8.89 -25.82
N VAL A 672 -11.24 9.92 -24.97
CA VAL A 672 -11.67 11.29 -25.29
C VAL A 672 -10.56 12.19 -24.73
N VAL A 673 -9.48 12.32 -25.51
CA VAL A 673 -8.29 13.08 -25.11
C VAL A 673 -8.43 14.56 -25.47
N PRO A 674 -8.26 15.48 -24.49
CA PRO A 674 -8.37 16.92 -24.80
C PRO A 674 -7.27 17.40 -25.74
N HIS A 675 -7.65 18.16 -26.77
CA HIS A 675 -6.74 18.72 -27.75
C HIS A 675 -6.28 20.08 -27.20
N ARG A 676 -5.23 20.04 -26.38
CA ARG A 676 -4.65 21.19 -25.69
C ARG A 676 -3.31 21.65 -26.28
N PRO A 677 -2.98 22.97 -26.25
CA PRO A 677 -1.71 23.43 -26.83
C PRO A 677 -0.45 23.05 -26.04
N THR A 678 -0.61 22.65 -24.76
CA THR A 678 0.49 22.22 -23.88
C THR A 678 0.16 20.88 -23.24
N ASN A 679 1.19 20.16 -22.77
CA ASN A 679 1.04 18.88 -22.09
C ASN A 679 1.22 19.00 -20.56
N VAL A 680 0.93 20.21 -20.01
CA VAL A 680 1.01 20.58 -18.59
C VAL A 680 0.25 19.60 -17.67
N GLU A 681 -0.84 18.97 -18.17
CA GLU A 681 -1.66 18.01 -17.44
C GLU A 681 -0.85 16.74 -17.05
N SER A 682 0.14 16.38 -17.87
CA SER A 682 0.99 15.20 -17.67
C SER A 682 2.26 15.48 -16.87
N CYS A 683 2.69 16.77 -16.78
CA CYS A 683 3.94 17.25 -16.15
C CYS A 683 5.10 16.45 -16.81
N PRO A 684 5.27 16.58 -18.15
CA PRO A 684 6.23 15.73 -18.86
C PRO A 684 7.61 16.33 -19.10
N GLU A 685 7.97 17.37 -18.33
CA GLU A 685 9.26 18.02 -18.46
C GLU A 685 10.39 17.05 -18.11
N ASN A 686 11.37 16.89 -19.03
CA ASN A 686 12.53 16.00 -18.93
C ASN A 686 12.14 14.51 -18.79
N LYS A 687 10.90 14.18 -19.21
CA LYS A 687 10.34 12.83 -19.18
C LYS A 687 10.08 12.35 -20.61
N ALA A 688 10.58 11.15 -20.95
CA ALA A 688 10.37 10.55 -22.26
C ALA A 688 8.92 10.08 -22.40
N GLU A 689 8.37 10.14 -23.64
CA GLU A 689 6.99 9.78 -23.99
C GLU A 689 6.50 8.42 -23.47
N ASP A 690 7.41 7.47 -23.21
CA ASP A 690 7.07 6.14 -22.68
C ASP A 690 6.68 6.17 -21.19
N LEU A 691 6.85 7.33 -20.52
CA LEU A 691 6.56 7.54 -19.10
C LEU A 691 5.32 8.39 -18.81
N TRP A 692 4.66 9.00 -19.83
CA TRP A 692 3.51 9.87 -19.57
C TRP A 692 2.36 9.83 -20.61
N VAL A 693 2.61 9.42 -21.88
CA VAL A 693 1.59 9.40 -22.93
C VAL A 693 0.46 8.40 -22.63
N GLU A 694 0.80 7.12 -22.33
CA GLU A 694 -0.18 6.07 -22.02
C GLU A 694 -1.03 6.41 -20.79
N GLU A 695 -0.39 7.00 -19.75
CA GLU A 695 -1.03 7.44 -18.50
C GLU A 695 -2.07 8.54 -18.78
N ARG A 696 -1.73 9.47 -19.70
CA ARG A 696 -2.63 10.56 -20.10
C ARG A 696 -3.84 10.06 -20.89
N PHE A 697 -3.64 9.04 -21.74
CA PHE A 697 -4.72 8.43 -22.50
C PHE A 697 -5.63 7.65 -21.55
N LYS A 698 -5.04 6.88 -20.61
CA LYS A 698 -5.75 6.09 -19.60
C LYS A 698 -6.60 6.95 -18.66
N ALA A 699 -6.17 8.19 -18.38
CA ALA A 699 -6.88 9.14 -17.53
C ALA A 699 -8.08 9.74 -18.27
N HIS A 700 -8.09 9.66 -19.60
CA HIS A 700 -9.15 10.22 -20.44
C HIS A 700 -9.98 9.13 -21.15
N ILE A 701 -10.12 7.96 -20.50
CA ILE A 701 -10.95 6.86 -20.95
C ILE A 701 -12.40 7.26 -20.65
N ALA A 702 -13.31 7.00 -21.59
CA ALA A 702 -14.73 7.30 -21.46
C ALA A 702 -15.56 6.10 -21.93
N ARG A 703 -16.90 6.23 -21.92
CA ARG A 703 -17.81 5.19 -22.42
C ARG A 703 -18.04 5.50 -23.90
N VAL A 704 -18.60 4.54 -24.67
CA VAL A 704 -18.94 4.76 -26.09
C VAL A 704 -20.05 5.83 -26.16
N ARG A 705 -21.01 5.79 -25.20
CA ARG A 705 -22.11 6.74 -25.09
C ARG A 705 -21.59 8.19 -24.95
N ASP A 706 -20.49 8.39 -24.19
CA ASP A 706 -19.85 9.70 -24.00
C ASP A 706 -19.32 10.25 -25.32
N VAL A 707 -18.72 9.36 -26.14
CA VAL A 707 -18.17 9.66 -27.48
C VAL A 707 -19.36 10.03 -28.41
N GLU A 708 -20.43 9.23 -28.35
CA GLU A 708 -21.67 9.39 -29.13
C GLU A 708 -22.34 10.75 -28.88
N LEU A 709 -22.42 11.18 -27.60
CA LEU A 709 -23.02 12.47 -27.23
C LEU A 709 -22.18 13.64 -27.74
N LEU A 710 -20.84 13.53 -27.62
CA LEU A 710 -19.86 14.53 -28.03
C LEU A 710 -19.65 14.67 -29.54
N THR A 711 -20.07 13.67 -30.33
CA THR A 711 -19.90 13.68 -31.78
C THR A 711 -21.18 13.77 -32.59
N GLY A 712 -22.26 13.21 -32.04
CA GLY A 712 -23.54 13.15 -32.73
C GLY A 712 -23.55 11.98 -33.70
N LEU A 713 -22.83 10.91 -33.33
CA LEU A 713 -22.68 9.66 -34.08
C LEU A 713 -23.22 8.50 -33.24
N ASP A 714 -23.60 7.39 -33.90
CA ASP A 714 -24.09 6.17 -33.24
C ASP A 714 -23.36 4.98 -33.84
N PHE A 715 -22.71 4.17 -32.98
CA PHE A 715 -21.91 3.03 -33.40
C PHE A 715 -22.60 1.65 -33.23
N TYR A 716 -21.99 0.61 -33.85
CA TYR A 716 -22.37 -0.81 -33.81
C TYR A 716 -23.84 -1.12 -34.17
N GLN A 717 -24.43 -0.34 -35.10
CA GLN A 717 -25.83 -0.53 -35.53
C GLN A 717 -26.03 -1.77 -36.41
N GLU A 718 -24.96 -2.24 -37.08
CA GLU A 718 -25.02 -3.43 -37.94
C GLU A 718 -24.49 -4.71 -37.24
N LYS A 719 -24.24 -4.62 -35.92
CA LYS A 719 -23.79 -5.76 -35.11
C LYS A 719 -25.00 -6.61 -34.74
N THR A 720 -24.99 -7.89 -35.16
CA THR A 720 -26.08 -8.85 -34.91
C THR A 720 -26.12 -9.23 -33.42
N GLN A 721 -26.81 -8.38 -32.64
CA GLN A 721 -27.00 -8.48 -31.19
C GLN A 721 -28.19 -7.59 -30.79
N PRO A 722 -28.98 -7.96 -29.74
CA PRO A 722 -30.10 -7.08 -29.33
C PRO A 722 -29.60 -5.72 -28.84
N VAL A 723 -30.41 -4.65 -29.06
CA VAL A 723 -30.11 -3.26 -28.69
C VAL A 723 -29.74 -3.14 -27.19
N SER A 724 -30.45 -3.89 -26.32
CA SER A 724 -30.21 -3.94 -24.87
C SER A 724 -28.77 -4.39 -24.54
N GLU A 725 -28.25 -5.37 -25.30
CA GLU A 725 -26.89 -5.90 -25.16
C GLU A 725 -25.83 -4.93 -25.68
N ILE A 726 -26.15 -4.20 -26.78
CA ILE A 726 -25.26 -3.20 -27.37
C ILE A 726 -25.16 -1.99 -26.43
N LEU A 727 -26.28 -1.63 -25.75
CA LEU A 727 -26.34 -0.53 -24.78
C LEU A 727 -25.45 -0.79 -23.55
N GLN A 728 -25.27 -2.09 -23.18
CA GLN A 728 -24.39 -2.51 -22.08
C GLN A 728 -22.94 -2.19 -22.46
N LEU A 729 -22.56 -2.48 -23.72
CA LEU A 729 -21.24 -2.23 -24.31
C LEU A 729 -20.98 -0.71 -24.43
N LYS A 730 -22.03 0.07 -24.72
CA LYS A 730 -21.95 1.52 -24.88
C LYS A 730 -21.83 2.28 -23.55
N THR A 731 -22.37 1.71 -22.45
CA THR A 731 -22.33 2.28 -21.10
C THR A 731 -21.15 1.77 -20.30
N TYR A 732 -20.48 0.71 -20.80
CA TYR A 732 -19.32 0.09 -20.17
C TYR A 732 -18.14 1.04 -20.07
N LEU A 733 -17.51 1.09 -18.89
CA LEU A 733 -16.32 1.91 -18.65
C LEU A 733 -15.13 0.99 -18.33
N PRO A 734 -14.11 0.93 -19.21
CA PRO A 734 -12.94 0.09 -18.92
C PRO A 734 -12.10 0.66 -17.78
N THR A 735 -11.77 -0.18 -16.79
CA THR A 735 -10.99 0.21 -15.61
C THR A 735 -9.63 -0.50 -15.57
N PHE A 736 -8.61 0.17 -15.00
CA PHE A 736 -7.25 -0.36 -14.88
C PHE A 736 -6.71 -0.20 -13.47
N TRP B 5 -17.24 -11.13 35.18
CA TRP B 5 -15.91 -10.53 35.09
C TRP B 5 -15.84 -9.41 34.05
N VAL B 6 -16.35 -9.66 32.83
CA VAL B 6 -16.32 -8.72 31.70
C VAL B 6 -17.13 -7.42 31.99
N THR B 7 -18.27 -7.53 32.72
CA THR B 7 -19.13 -6.40 33.10
C THR B 7 -18.55 -5.61 34.29
N GLU B 8 -17.73 -6.28 35.13
CA GLU B 8 -17.09 -5.70 36.31
C GLU B 8 -15.97 -4.72 35.91
N ALA B 9 -15.75 -3.70 36.76
CA ALA B 9 -14.72 -2.68 36.57
C ALA B 9 -13.31 -3.21 36.88
N CYS B 10 -12.25 -2.42 36.54
CA CYS B 10 -10.85 -2.78 36.78
C CYS B 10 -10.53 -2.91 38.28
N ALA B 11 -9.54 -3.76 38.61
CA ALA B 11 -9.10 -4.02 39.99
C ALA B 11 -8.43 -2.80 40.62
N GLN B 17 -5.53 -9.89 45.09
CA GLN B 17 -5.98 -10.55 46.31
C GLN B 17 -5.98 -12.07 46.14
N CYS B 18 -5.12 -12.77 46.90
CA CYS B 18 -5.00 -14.23 46.86
C CYS B 18 -5.73 -14.93 48.00
N PRO B 19 -6.46 -16.05 47.73
CA PRO B 19 -7.16 -16.74 48.83
C PRO B 19 -6.26 -17.67 49.66
N GLU B 20 -6.86 -18.47 50.56
CA GLU B 20 -6.18 -19.42 51.45
C GLU B 20 -5.40 -20.47 50.65
N GLY B 21 -4.13 -20.64 50.99
CA GLY B 21 -3.23 -21.60 50.35
C GLY B 21 -2.35 -21.00 49.26
N PHE B 22 -2.74 -19.82 48.74
CA PHE B 22 -2.01 -19.12 47.69
C PHE B 22 -1.05 -18.07 48.28
N ASP B 23 0.13 -18.52 48.73
CA ASP B 23 1.17 -17.68 49.32
C ASP B 23 1.84 -16.83 48.24
N GLN B 24 2.12 -17.45 47.08
CA GLN B 24 2.73 -16.80 45.91
C GLN B 24 1.74 -16.78 44.74
N PRO B 25 1.65 -15.67 43.98
CA PRO B 25 0.70 -15.62 42.85
C PRO B 25 1.04 -16.60 41.72
N PRO B 26 0.06 -17.38 41.21
CA PRO B 26 0.38 -18.33 40.12
C PRO B 26 0.57 -17.62 38.77
N VAL B 27 1.29 -18.26 37.84
CA VAL B 27 1.57 -17.71 36.51
C VAL B 27 0.90 -18.56 35.42
N ILE B 28 0.13 -17.91 34.54
CA ILE B 28 -0.51 -18.56 33.38
C ILE B 28 -0.01 -17.89 32.11
N LEU B 29 0.67 -18.66 31.25
CA LEU B 29 1.21 -18.20 29.98
C LEU B 29 0.31 -18.71 28.84
N PHE B 30 -0.59 -17.82 28.37
CA PHE B 30 -1.57 -18.09 27.32
C PHE B 30 -1.04 -17.66 25.97
N SER B 31 -1.06 -18.59 24.99
CA SER B 31 -0.65 -18.29 23.62
C SER B 31 -1.78 -18.50 22.65
N MET B 32 -2.02 -17.47 21.81
CA MET B 32 -3.00 -17.45 20.74
C MET B 32 -2.18 -17.33 19.48
N ASP B 33 -1.99 -18.47 18.79
CA ASP B 33 -1.16 -18.59 17.59
C ASP B 33 -1.57 -17.62 16.48
N GLY B 34 -0.58 -16.93 15.90
CA GLY B 34 -0.76 -15.99 14.81
C GLY B 34 -1.56 -14.74 15.10
N PHE B 35 -1.68 -14.37 16.39
CA PHE B 35 -2.40 -13.17 16.81
C PHE B 35 -1.46 -11.97 16.64
N ARG B 36 -1.52 -11.32 15.47
CA ARG B 36 -0.68 -10.17 15.18
C ARG B 36 -1.11 -8.93 15.96
N ALA B 37 -0.15 -7.99 16.18
CA ALA B 37 -0.36 -6.73 16.90
C ALA B 37 -1.49 -5.88 16.31
N GLU B 38 -1.63 -5.93 14.96
CA GLU B 38 -2.62 -5.24 14.14
C GLU B 38 -4.06 -5.62 14.56
N TYR B 39 -4.30 -6.92 14.89
CA TYR B 39 -5.61 -7.43 15.31
C TYR B 39 -6.12 -6.74 16.56
N LEU B 40 -5.22 -6.49 17.53
CA LEU B 40 -5.54 -5.81 18.78
C LEU B 40 -5.80 -4.32 18.56
N GLN B 41 -5.05 -3.68 17.66
CA GLN B 41 -5.20 -2.26 17.35
C GLN B 41 -6.51 -1.92 16.63
N THR B 42 -7.01 -2.84 15.81
CA THR B 42 -8.21 -2.63 14.99
C THR B 42 -9.47 -3.33 15.53
N TRP B 43 -9.37 -4.61 15.92
CA TRP B 43 -10.54 -5.39 16.33
C TRP B 43 -10.75 -5.61 17.84
N SER B 44 -10.00 -4.89 18.72
CA SER B 44 -10.12 -5.03 20.19
C SER B 44 -11.54 -4.84 20.75
N THR B 45 -12.28 -3.81 20.27
CA THR B 45 -13.65 -3.52 20.75
C THR B 45 -14.65 -4.63 20.39
N LEU B 46 -14.35 -5.46 19.38
CA LEU B 46 -15.18 -6.60 18.97
C LEU B 46 -14.93 -7.80 19.89
N LEU B 47 -13.85 -7.74 20.70
CA LEU B 47 -13.43 -8.78 21.62
C LEU B 47 -13.54 -8.23 23.06
N PRO B 48 -14.73 -8.35 23.72
CA PRO B 48 -14.90 -7.74 25.06
C PRO B 48 -13.97 -8.22 26.17
N ASN B 49 -13.61 -9.52 26.18
CA ASN B 49 -12.73 -10.09 27.22
C ASN B 49 -11.27 -9.65 27.07
N ILE B 50 -10.73 -9.66 25.85
CA ILE B 50 -9.36 -9.24 25.55
C ILE B 50 -9.24 -7.71 25.67
N ASN B 51 -10.32 -6.95 25.34
CA ASN B 51 -10.34 -5.49 25.45
C ASN B 51 -10.32 -5.03 26.91
N LYS B 52 -10.93 -5.82 27.84
CA LYS B 52 -10.92 -5.52 29.28
C LYS B 52 -9.50 -5.70 29.82
N LEU B 53 -8.80 -6.74 29.33
CA LEU B 53 -7.41 -7.07 29.66
C LEU B 53 -6.49 -5.94 29.15
N LYS B 54 -6.83 -5.37 27.96
CA LYS B 54 -6.12 -4.26 27.32
C LYS B 54 -6.31 -2.96 28.10
N THR B 55 -7.53 -2.71 28.60
CA THR B 55 -7.90 -1.50 29.33
C THR B 55 -7.39 -1.52 30.79
N CYS B 56 -7.67 -2.61 31.53
CA CYS B 56 -7.31 -2.75 32.95
C CYS B 56 -5.83 -3.08 33.19
N GLY B 57 -5.32 -4.07 32.47
CA GLY B 57 -3.94 -4.53 32.64
C GLY B 57 -2.90 -3.74 31.88
N LEU B 58 -1.74 -4.39 31.67
CA LEU B 58 -0.57 -3.87 30.95
C LEU B 58 -0.50 -4.51 29.58
N HIS B 59 -0.09 -3.74 28.56
CA HIS B 59 0.10 -4.25 27.20
C HIS B 59 1.14 -3.44 26.43
N SER B 60 1.88 -4.10 25.55
CA SER B 60 2.88 -3.44 24.71
C SER B 60 2.25 -3.10 23.36
N LYS B 61 2.81 -2.08 22.66
CA LYS B 61 2.37 -1.67 21.33
C LYS B 61 2.46 -2.89 20.41
N TYR B 62 3.54 -3.68 20.56
CA TYR B 62 3.81 -4.95 19.91
C TYR B 62 4.96 -5.69 20.60
N MET B 63 5.07 -7.00 20.34
CA MET B 63 6.16 -7.84 20.82
C MET B 63 6.85 -8.42 19.59
N ARG B 64 8.18 -8.21 19.51
CA ARG B 64 8.98 -8.69 18.39
C ARG B 64 9.32 -10.16 18.57
N ALA B 65 9.00 -10.96 17.55
CA ALA B 65 9.25 -12.39 17.50
C ALA B 65 10.69 -12.64 17.01
N VAL B 66 11.13 -13.91 17.00
CA VAL B 66 12.46 -14.27 16.50
C VAL B 66 12.34 -14.78 15.07
N TYR B 67 13.43 -14.68 14.29
CA TYR B 67 13.47 -15.16 12.91
C TYR B 67 13.89 -16.64 12.86
N PRO B 68 13.19 -17.51 12.08
CA PRO B 68 11.97 -17.25 11.29
C PRO B 68 10.73 -17.16 12.16
N THR B 69 9.77 -16.29 11.77
CA THR B 69 8.54 -16.08 12.55
C THR B 69 7.56 -17.25 12.36
N LYS B 70 7.96 -18.43 12.87
CA LYS B 70 7.20 -19.67 12.81
C LYS B 70 6.85 -20.17 14.22
N THR B 71 5.85 -21.06 14.32
CA THR B 71 5.26 -21.57 15.57
C THR B 71 6.27 -22.18 16.56
N PHE B 72 6.89 -23.32 16.21
CA PHE B 72 7.82 -24.04 17.08
C PHE B 72 9.10 -23.23 17.45
N PRO B 73 9.80 -22.50 16.53
CA PRO B 73 10.98 -21.73 16.97
C PRO B 73 10.65 -20.61 17.96
N ASN B 74 9.48 -19.97 17.81
CA ASN B 74 9.05 -18.85 18.65
C ASN B 74 8.47 -19.23 19.99
N HIS B 75 7.68 -20.32 20.04
CA HIS B 75 7.09 -20.82 21.28
C HIS B 75 8.18 -21.33 22.22
N TYR B 76 9.20 -22.01 21.65
CA TYR B 76 10.34 -22.51 22.43
C TYR B 76 11.27 -21.38 22.86
N THR B 77 11.29 -20.25 22.12
CA THR B 77 12.09 -19.05 22.44
C THR B 77 11.48 -18.36 23.67
N ILE B 78 10.13 -18.21 23.72
CA ILE B 78 9.40 -17.59 24.81
C ILE B 78 9.69 -18.27 26.16
N VAL B 79 9.73 -19.62 26.17
CA VAL B 79 9.95 -20.42 27.37
C VAL B 79 11.45 -20.65 27.71
N THR B 80 12.40 -20.33 26.81
CA THR B 80 13.83 -20.53 27.10
C THR B 80 14.64 -19.22 27.20
N GLY B 81 14.21 -18.20 26.45
CA GLY B 81 14.91 -16.93 26.34
C GLY B 81 16.08 -17.02 25.40
N LEU B 82 16.06 -18.05 24.53
CA LEU B 82 17.11 -18.37 23.58
C LEU B 82 16.70 -18.16 22.14
N TYR B 83 17.68 -17.81 21.30
CA TYR B 83 17.48 -17.67 19.85
C TYR B 83 17.41 -19.10 19.29
N PRO B 84 16.60 -19.37 18.23
CA PRO B 84 16.54 -20.74 17.67
C PRO B 84 17.88 -21.43 17.43
N GLU B 85 18.95 -20.69 17.11
CA GLU B 85 20.31 -21.24 16.91
C GLU B 85 20.87 -21.89 18.17
N SER B 86 20.46 -21.40 19.36
CA SER B 86 20.89 -21.90 20.66
C SER B 86 20.00 -23.04 21.17
N HIS B 87 18.65 -22.87 21.14
CA HIS B 87 17.74 -23.91 21.64
C HIS B 87 17.54 -25.10 20.64
N GLY B 88 17.96 -24.91 19.38
CA GLY B 88 17.94 -25.97 18.37
C GLY B 88 16.74 -26.07 17.44
N ILE B 89 15.57 -25.58 17.88
CA ILE B 89 14.35 -25.62 17.07
C ILE B 89 14.35 -24.41 16.14
N ILE B 90 15.05 -24.55 15.00
CA ILE B 90 15.25 -23.48 14.03
C ILE B 90 14.08 -23.36 13.05
N ASP B 91 13.27 -24.42 12.91
CA ASP B 91 12.10 -24.49 12.04
C ASP B 91 11.21 -25.67 12.46
N ASN B 92 9.95 -25.71 11.96
CA ASN B 92 9.00 -26.80 12.20
C ASN B 92 9.46 -28.04 11.43
N ASN B 93 10.20 -27.84 10.31
CA ASN B 93 10.78 -28.88 9.45
C ASN B 93 12.28 -28.62 9.33
N MET B 94 13.11 -29.56 9.80
CA MET B 94 14.57 -29.45 9.78
C MET B 94 15.30 -30.80 9.73
N TYR B 95 16.61 -30.77 9.41
CA TYR B 95 17.46 -31.96 9.34
C TYR B 95 18.78 -31.73 10.07
N ASP B 96 19.16 -32.69 10.92
CA ASP B 96 20.43 -32.70 11.66
C ASP B 96 21.32 -33.74 10.98
N VAL B 97 22.51 -33.34 10.54
CA VAL B 97 23.47 -34.21 9.86
C VAL B 97 24.13 -35.22 10.82
N TYR B 98 24.46 -34.80 12.06
CA TYR B 98 25.09 -35.64 13.06
C TYR B 98 24.15 -36.71 13.62
N LEU B 99 22.88 -36.35 13.85
CA LEU B 99 21.84 -37.27 14.32
C LEU B 99 21.35 -38.13 13.16
N ASN B 100 21.43 -37.57 11.92
CA ASN B 100 20.95 -38.17 10.66
C ASN B 100 19.47 -38.53 10.77
N LYS B 101 18.69 -37.55 11.26
CA LYS B 101 17.26 -37.67 11.48
C LYS B 101 16.54 -36.42 10.99
N ASN B 102 15.26 -36.58 10.62
CA ASN B 102 14.41 -35.49 10.14
C ASN B 102 13.41 -35.10 11.20
N PHE B 103 13.25 -33.79 11.41
CA PHE B 103 12.30 -33.26 12.37
C PHE B 103 11.10 -32.68 11.62
N SER B 104 9.90 -33.03 12.09
CA SER B 104 8.60 -32.56 11.59
C SER B 104 7.56 -32.76 12.70
N LEU B 105 6.47 -32.00 12.64
CA LEU B 105 5.40 -32.04 13.64
C LEU B 105 4.57 -33.33 13.60
N SER B 106 4.65 -34.07 12.48
CA SER B 106 3.93 -35.34 12.25
C SER B 106 4.79 -36.55 12.63
N SER B 107 6.12 -36.46 12.46
CA SER B 107 7.10 -37.51 12.76
C SER B 107 7.23 -37.77 14.27
N VAL B 108 7.73 -38.98 14.62
CA VAL B 108 7.97 -39.43 16.01
C VAL B 108 9.19 -38.66 16.57
N GLU B 109 10.05 -38.11 15.67
CA GLU B 109 11.25 -37.34 15.98
C GLU B 109 10.97 -36.01 16.70
N LYS B 110 9.69 -35.57 16.73
CA LYS B 110 9.22 -34.37 17.43
C LYS B 110 9.36 -34.60 18.94
N SER B 111 9.15 -35.86 19.38
CA SER B 111 9.22 -36.31 20.78
C SER B 111 10.65 -36.68 21.21
N ASN B 112 11.61 -36.68 20.26
CA ASN B 112 13.02 -36.99 20.54
C ASN B 112 13.68 -35.82 21.27
N PRO B 113 14.19 -36.04 22.51
CA PRO B 113 14.81 -34.92 23.26
C PRO B 113 16.14 -34.40 22.72
N ALA B 114 16.76 -35.12 21.77
CA ALA B 114 18.04 -34.76 21.14
C ALA B 114 17.98 -33.44 20.35
N TRP B 115 16.78 -33.03 19.94
CA TRP B 115 16.50 -31.81 19.18
C TRP B 115 16.31 -30.58 20.10
N TRP B 116 15.88 -30.82 21.36
CA TRP B 116 15.55 -29.76 22.29
C TRP B 116 16.69 -29.43 23.27
N SER B 117 17.35 -28.28 23.04
CA SER B 117 18.43 -27.75 23.87
C SER B 117 17.90 -26.62 24.76
N GLY B 118 18.73 -26.19 25.70
CA GLY B 118 18.37 -25.13 26.63
C GLY B 118 17.50 -25.62 27.77
N GLN B 119 17.00 -24.69 28.60
CA GLN B 119 16.19 -25.02 29.75
C GLN B 119 14.85 -24.27 29.78
N PRO B 120 13.76 -24.88 29.26
CA PRO B 120 12.44 -24.22 29.31
C PRO B 120 11.98 -23.95 30.74
N ILE B 121 11.19 -22.87 30.92
CA ILE B 121 10.68 -22.34 32.20
C ILE B 121 10.05 -23.44 33.10
N TRP B 122 9.40 -24.46 32.50
CA TRP B 122 8.81 -25.56 33.29
C TRP B 122 9.89 -26.40 33.98
N LEU B 123 11.07 -26.59 33.33
CA LEU B 123 12.20 -27.33 33.92
C LEU B 123 12.84 -26.49 35.04
N THR B 124 13.06 -25.18 34.77
CA THR B 124 13.64 -24.20 35.69
C THR B 124 12.83 -24.11 37.00
N ALA B 125 11.49 -24.18 36.89
CA ALA B 125 10.57 -24.16 38.02
C ALA B 125 10.70 -25.46 38.84
N MET B 126 10.75 -26.62 38.15
CA MET B 126 10.87 -27.95 38.74
C MET B 126 12.21 -28.16 39.43
N TYR B 127 13.31 -27.63 38.84
CA TYR B 127 14.65 -27.73 39.42
C TYR B 127 14.80 -26.86 40.67
N GLN B 128 13.93 -25.84 40.83
CA GLN B 128 13.97 -24.90 41.95
C GLN B 128 12.76 -25.01 42.92
N GLY B 129 12.31 -26.25 43.15
CA GLY B 129 11.25 -26.60 44.09
C GLY B 129 9.83 -26.13 43.82
N LEU B 130 9.45 -25.97 42.54
CA LEU B 130 8.09 -25.57 42.16
C LEU B 130 7.49 -26.54 41.16
N LYS B 131 6.15 -26.67 41.15
CA LYS B 131 5.47 -27.55 40.21
C LYS B 131 4.98 -26.78 38.98
N ALA B 132 5.09 -27.39 37.80
CA ALA B 132 4.70 -26.76 36.54
C ALA B 132 3.75 -27.64 35.72
N ALA B 133 2.67 -27.04 35.22
CA ALA B 133 1.65 -27.73 34.40
C ALA B 133 1.57 -27.16 33.00
N SER B 134 1.07 -27.97 32.03
CA SER B 134 0.98 -27.54 30.64
C SER B 134 -0.17 -28.17 29.86
N TYR B 135 -0.98 -27.30 29.21
CA TYR B 135 -2.03 -27.75 28.31
C TYR B 135 -1.67 -27.22 26.94
N TYR B 136 -0.79 -27.97 26.25
CA TYR B 136 -0.20 -27.70 24.95
C TYR B 136 0.81 -26.55 24.99
N TRP B 137 1.98 -26.80 24.41
CA TRP B 137 3.10 -25.88 24.23
C TRP B 137 4.24 -26.66 23.60
N PRO B 138 4.78 -26.21 22.46
CA PRO B 138 5.89 -26.95 21.83
C PRO B 138 7.04 -27.25 22.78
N GLY B 139 7.27 -28.55 23.01
CA GLY B 139 8.29 -29.06 23.91
C GLY B 139 7.78 -29.62 25.23
N SER B 140 6.57 -29.21 25.67
CA SER B 140 5.95 -29.64 26.92
C SER B 140 5.48 -31.11 26.92
N ASP B 141 5.30 -31.69 25.71
CA ASP B 141 4.92 -33.10 25.55
C ASP B 141 6.17 -33.92 25.13
N VAL B 142 7.36 -33.31 25.32
CA VAL B 142 8.68 -33.87 25.02
C VAL B 142 9.47 -33.93 26.35
N ALA B 143 10.21 -35.02 26.58
CA ALA B 143 11.03 -35.21 27.78
C ALA B 143 12.34 -34.42 27.64
N VAL B 144 12.24 -33.07 27.62
CA VAL B 144 13.37 -32.15 27.49
C VAL B 144 14.29 -32.31 28.70
N ASN B 145 15.58 -32.65 28.43
CA ASN B 145 16.63 -32.92 29.42
C ASN B 145 16.23 -34.06 30.38
N GLY B 146 15.54 -35.06 29.82
CA GLY B 146 15.06 -36.24 30.53
C GLY B 146 13.88 -36.03 31.46
N SER B 147 13.20 -34.86 31.37
CA SER B 147 12.06 -34.55 32.24
C SER B 147 10.90 -33.85 31.53
N PHE B 148 9.67 -34.24 31.88
CA PHE B 148 8.42 -33.66 31.40
C PHE B 148 7.88 -32.75 32.52
N PRO B 149 6.96 -31.77 32.24
CA PRO B 149 6.37 -31.00 33.35
C PRO B 149 5.53 -31.91 34.24
N ASN B 150 5.26 -31.51 35.50
CA ASN B 150 4.47 -32.29 36.47
C ASN B 150 3.18 -32.83 35.86
N ILE B 151 2.41 -31.96 35.19
CA ILE B 151 1.18 -32.31 34.47
C ILE B 151 1.33 -31.77 33.05
N TYR B 152 1.18 -32.64 32.05
CA TYR B 152 1.28 -32.25 30.64
C TYR B 152 0.23 -32.97 29.79
N ARG B 153 -0.04 -32.44 28.59
CA ARG B 153 -0.99 -33.02 27.66
C ARG B 153 -0.34 -33.24 26.30
N ASN B 154 -0.46 -34.46 25.76
CA ASN B 154 0.05 -34.81 24.44
C ASN B 154 -0.79 -34.04 23.41
N TYR B 155 -0.12 -33.36 22.46
CA TYR B 155 -0.76 -32.49 21.47
C TYR B 155 -1.77 -33.21 20.55
N SER B 156 -2.95 -32.57 20.42
CA SER B 156 -4.10 -32.95 19.60
C SER B 156 -4.96 -31.69 19.43
N ASN B 157 -4.95 -31.11 18.21
CA ASN B 157 -5.68 -29.89 17.87
C ASN B 157 -7.22 -30.02 17.85
N SER B 158 -7.74 -31.27 17.90
CA SER B 158 -9.18 -31.58 17.88
C SER B 158 -9.90 -31.29 19.20
N VAL B 159 -9.16 -31.05 20.29
CA VAL B 159 -9.73 -30.78 21.62
C VAL B 159 -10.31 -29.35 21.72
N PRO B 160 -11.64 -29.21 21.97
CA PRO B 160 -12.24 -27.86 22.10
C PRO B 160 -11.62 -27.02 23.22
N TYR B 161 -11.56 -25.69 23.01
CA TYR B 161 -10.97 -24.71 23.94
C TYR B 161 -11.61 -24.73 25.32
N GLU B 162 -12.94 -25.01 25.37
CA GLU B 162 -13.75 -25.13 26.59
C GLU B 162 -13.17 -26.20 27.52
N SER B 163 -12.73 -27.34 26.95
CA SER B 163 -12.13 -28.47 27.64
C SER B 163 -10.71 -28.15 28.13
N ARG B 164 -9.93 -27.40 27.33
CA ARG B 164 -8.56 -26.97 27.64
C ARG B 164 -8.56 -26.05 28.87
N ILE B 165 -9.52 -25.10 28.91
CA ILE B 165 -9.72 -24.12 29.99
C ILE B 165 -10.14 -24.83 31.29
N ALA B 166 -11.12 -25.76 31.19
CA ALA B 166 -11.67 -26.53 32.31
C ALA B 166 -10.61 -27.41 33.00
N THR B 167 -9.71 -28.03 32.22
CA THR B 167 -8.64 -28.88 32.74
C THR B 167 -7.62 -28.05 33.50
N LEU B 168 -7.31 -26.84 32.99
CA LEU B 168 -6.38 -25.90 33.60
C LEU B 168 -6.92 -25.40 34.95
N LEU B 169 -8.25 -25.17 35.03
CA LEU B 169 -8.94 -24.74 36.24
C LEU B 169 -8.97 -25.86 37.28
N GLN B 170 -9.02 -27.13 36.82
CA GLN B 170 -8.99 -28.33 37.68
C GLN B 170 -7.63 -28.44 38.38
N TRP B 171 -6.56 -28.04 37.68
CA TRP B 171 -5.18 -28.02 38.18
C TRP B 171 -5.01 -26.95 39.26
N LEU B 172 -5.79 -25.86 39.16
CA LEU B 172 -5.80 -24.75 40.14
C LEU B 172 -6.63 -25.13 41.37
N ASP B 173 -7.49 -26.17 41.25
CA ASP B 173 -8.35 -26.69 42.31
C ASP B 173 -7.65 -27.78 43.14
N LEU B 174 -6.48 -28.26 42.67
CA LEU B 174 -5.67 -29.30 43.32
C LEU B 174 -5.13 -28.82 44.68
N PRO B 175 -4.91 -29.72 45.68
CA PRO B 175 -4.36 -29.25 46.98
C PRO B 175 -2.97 -28.64 46.83
N LYS B 176 -2.65 -27.66 47.71
CA LYS B 176 -1.39 -26.89 47.75
C LYS B 176 -0.12 -27.70 47.43
N ALA B 177 0.01 -28.93 47.97
CA ALA B 177 1.14 -29.83 47.76
C ALA B 177 1.27 -30.36 46.33
N GLU B 178 0.13 -30.53 45.63
CA GLU B 178 0.06 -31.04 44.26
C GLU B 178 -0.08 -29.92 43.22
N ARG B 179 -0.72 -28.81 43.61
CA ARG B 179 -1.04 -27.64 42.77
C ARG B 179 0.19 -26.95 42.18
N PRO B 180 0.26 -26.88 40.82
CA PRO B 180 1.39 -26.20 40.16
C PRO B 180 1.38 -24.69 40.33
N SER B 181 2.57 -24.07 40.23
CA SER B 181 2.79 -22.63 40.35
C SER B 181 2.81 -21.97 38.96
N PHE B 182 3.30 -22.69 37.94
CA PHE B 182 3.39 -22.21 36.56
C PHE B 182 2.51 -23.04 35.62
N TYR B 183 1.82 -22.35 34.69
CA TYR B 183 0.92 -22.95 33.72
C TYR B 183 1.13 -22.40 32.33
N THR B 184 0.96 -23.26 31.30
CA THR B 184 1.01 -22.91 29.89
C THR B 184 -0.24 -23.42 29.20
N ILE B 185 -0.79 -22.61 28.30
CA ILE B 185 -1.97 -22.94 27.53
C ILE B 185 -1.79 -22.37 26.11
N TYR B 186 -2.00 -23.24 25.11
CA TYR B 186 -1.84 -22.90 23.71
C TYR B 186 -3.15 -23.10 22.94
N VAL B 187 -3.45 -22.15 22.05
CA VAL B 187 -4.61 -22.11 21.17
C VAL B 187 -4.13 -21.88 19.73
N GLU B 188 -4.69 -22.64 18.76
CA GLU B 188 -4.32 -22.60 17.33
C GLU B 188 -4.78 -21.36 16.58
N GLU B 189 -5.91 -20.75 16.99
CA GLU B 189 -6.48 -19.56 16.35
C GLU B 189 -5.91 -18.24 16.92
N PRO B 190 -5.87 -17.11 16.15
CA PRO B 190 -6.37 -16.89 14.78
C PRO B 190 -5.40 -17.27 13.64
N ASP B 191 -4.40 -18.14 13.91
CA ASP B 191 -3.42 -18.59 12.91
C ASP B 191 -4.05 -19.42 11.79
N SER B 192 -4.88 -20.43 12.13
CA SER B 192 -5.55 -21.32 11.19
C SER B 192 -6.43 -20.55 10.20
N ALA B 193 -7.19 -19.56 10.70
CA ALA B 193 -8.05 -18.70 9.89
C ALA B 193 -7.24 -17.77 8.99
N GLY B 194 -6.08 -17.30 9.51
CA GLY B 194 -5.14 -16.45 8.81
C GLY B 194 -4.52 -17.13 7.60
N HIS B 195 -4.24 -18.43 7.72
CA HIS B 195 -3.67 -19.25 6.65
C HIS B 195 -4.68 -19.49 5.54
N LYS B 196 -5.96 -19.65 5.90
CA LYS B 196 -7.06 -19.93 4.99
C LYS B 196 -7.51 -18.74 4.14
N SER B 197 -7.75 -17.56 4.77
CA SER B 197 -8.29 -16.39 4.08
C SER B 197 -7.49 -15.08 4.21
N GLY B 198 -6.37 -15.10 4.92
CA GLY B 198 -5.54 -13.91 5.09
C GLY B 198 -5.84 -13.14 6.37
N PRO B 199 -4.95 -12.19 6.77
CA PRO B 199 -5.17 -11.45 8.02
C PRO B 199 -6.41 -10.55 8.07
N VAL B 200 -6.77 -9.91 6.95
CA VAL B 200 -7.96 -9.04 6.90
C VAL B 200 -9.09 -9.84 6.19
N SER B 201 -9.83 -10.63 6.99
CA SER B 201 -10.90 -11.50 6.53
C SER B 201 -11.94 -11.76 7.61
N ALA B 202 -13.14 -12.22 7.19
CA ALA B 202 -14.26 -12.58 8.08
C ALA B 202 -13.91 -13.79 8.96
N GLY B 203 -13.16 -14.74 8.39
CA GLY B 203 -12.69 -15.94 9.08
C GLY B 203 -11.81 -15.62 10.27
N VAL B 204 -10.94 -14.60 10.14
CA VAL B 204 -10.05 -14.12 11.19
C VAL B 204 -10.88 -13.47 12.31
N ILE B 205 -11.91 -12.67 11.95
CA ILE B 205 -12.86 -12.02 12.89
C ILE B 205 -13.52 -13.08 13.78
N LYS B 206 -14.03 -14.16 13.14
CA LYS B 206 -14.67 -15.30 13.82
C LYS B 206 -13.69 -16.03 14.75
N ALA B 207 -12.43 -16.20 14.29
CA ALA B 207 -11.36 -16.85 15.06
C ALA B 207 -10.93 -16.02 16.27
N LEU B 208 -10.90 -14.67 16.12
CA LEU B 208 -10.55 -13.73 17.19
C LEU B 208 -11.62 -13.75 18.28
N GLN B 209 -12.90 -13.90 17.88
CA GLN B 209 -14.04 -13.97 18.80
C GLN B 209 -14.05 -15.30 19.55
N LEU B 210 -13.59 -16.37 18.88
CA LEU B 210 -13.46 -17.73 19.41
C LEU B 210 -12.41 -17.78 20.52
N VAL B 211 -11.26 -17.09 20.33
CA VAL B 211 -10.17 -17.03 21.32
C VAL B 211 -10.54 -16.09 22.48
N ASP B 212 -11.42 -15.09 22.21
CA ASP B 212 -11.92 -14.13 23.20
C ASP B 212 -12.86 -14.85 24.17
N ASP B 213 -13.67 -15.81 23.66
CA ASP B 213 -14.59 -16.63 24.45
C ASP B 213 -13.78 -17.58 25.34
N ALA B 214 -12.71 -18.18 24.78
CA ALA B 214 -11.79 -19.09 25.46
C ALA B 214 -11.10 -18.37 26.63
N PHE B 215 -10.61 -17.13 26.39
CA PHE B 215 -9.97 -16.30 27.42
C PHE B 215 -11.01 -15.85 28.46
N GLY B 216 -12.24 -15.61 27.99
CA GLY B 216 -13.38 -15.21 28.82
C GLY B 216 -13.79 -16.29 29.79
N MET B 217 -13.75 -17.56 29.34
CA MET B 217 -14.08 -18.75 30.15
C MET B 217 -13.06 -18.94 31.27
N LEU B 218 -11.77 -18.64 30.98
CA LEU B 218 -10.67 -18.74 31.93
C LEU B 218 -10.78 -17.67 33.01
N MET B 219 -11.04 -16.41 32.60
CA MET B 219 -11.20 -15.27 33.51
C MET B 219 -12.45 -15.41 34.39
N GLU B 220 -13.53 -16.00 33.84
CA GLU B 220 -14.78 -16.26 34.57
C GLU B 220 -14.56 -17.39 35.59
N GLY B 221 -13.76 -18.39 35.19
CA GLY B 221 -13.39 -19.53 36.01
C GLY B 221 -12.52 -19.13 37.19
N LEU B 222 -11.61 -18.15 36.97
CA LEU B 222 -10.74 -17.62 38.00
C LEU B 222 -11.51 -16.69 38.94
N LYS B 223 -12.54 -16.00 38.41
CA LYS B 223 -13.44 -15.12 39.17
C LYS B 223 -14.28 -15.97 40.15
N GLN B 224 -14.68 -17.18 39.72
CA GLN B 224 -15.46 -18.16 40.50
C GLN B 224 -14.58 -18.89 41.53
N ARG B 225 -13.26 -18.59 41.55
CA ARG B 225 -12.28 -19.18 42.45
C ARG B 225 -11.55 -18.11 43.28
N ASN B 226 -11.91 -16.82 43.05
CA ASN B 226 -11.34 -15.61 43.69
C ASN B 226 -9.83 -15.48 43.39
N LEU B 227 -9.45 -15.82 42.13
CA LEU B 227 -8.09 -15.81 41.61
C LEU B 227 -7.87 -14.82 40.45
N HIS B 228 -8.95 -14.14 40.00
CA HIS B 228 -8.95 -13.16 38.91
C HIS B 228 -7.99 -11.98 39.13
N ASN B 229 -7.72 -11.64 40.41
CA ASN B 229 -6.80 -10.56 40.81
C ASN B 229 -5.57 -11.12 41.56
N CYS B 230 -5.43 -12.45 41.58
CA CYS B 230 -4.34 -13.19 42.23
C CYS B 230 -3.34 -13.71 41.20
N VAL B 231 -3.85 -14.34 40.12
CA VAL B 231 -3.05 -14.94 39.06
C VAL B 231 -2.37 -13.88 38.18
N ASN B 232 -1.08 -14.09 37.89
CA ASN B 232 -0.29 -13.25 36.99
C ASN B 232 -0.42 -13.89 35.61
N ILE B 233 -1.43 -13.45 34.85
CA ILE B 233 -1.76 -13.95 33.51
C ILE B 233 -1.03 -13.16 32.42
N ILE B 234 -0.45 -13.88 31.45
CA ILE B 234 0.22 -13.30 30.28
C ILE B 234 -0.45 -13.88 29.03
N VAL B 235 -0.97 -13.00 28.18
CA VAL B 235 -1.59 -13.38 26.91
C VAL B 235 -0.70 -12.83 25.80
N LEU B 236 -0.09 -13.73 25.02
CA LEU B 236 0.80 -13.35 23.93
C LEU B 236 0.62 -14.24 22.69
N ALA B 237 1.45 -14.00 21.66
CA ALA B 237 1.46 -14.74 20.42
C ALA B 237 2.89 -15.03 20.00
N ASP B 238 3.06 -16.12 19.24
CA ASP B 238 4.35 -16.58 18.71
C ASP B 238 4.85 -15.74 17.54
N HIS B 239 3.93 -15.25 16.70
CA HIS B 239 4.23 -14.43 15.52
C HIS B 239 2.96 -13.73 15.04
N GLY B 240 3.07 -13.05 13.89
CA GLY B 240 1.96 -12.38 13.25
C GLY B 240 1.44 -13.15 12.05
N MET B 241 0.80 -12.42 11.11
CA MET B 241 0.21 -12.98 9.89
C MET B 241 0.23 -11.93 8.77
N ASP B 242 0.54 -12.36 7.54
CA ASP B 242 0.51 -11.51 6.36
C ASP B 242 -0.24 -12.20 5.22
N GLN B 243 -0.73 -11.40 4.26
CA GLN B 243 -1.48 -11.89 3.11
C GLN B 243 -0.53 -12.43 2.03
N THR B 244 -0.92 -13.55 1.40
CA THR B 244 -0.15 -14.17 0.31
C THR B 244 -1.02 -14.30 -0.94
N SER B 245 -0.36 -14.38 -2.10
CA SER B 245 -1.01 -14.52 -3.39
C SER B 245 -0.22 -15.49 -4.27
N CYS B 246 -0.91 -16.16 -5.20
CA CYS B 246 -0.25 -17.10 -6.12
C CYS B 246 0.47 -16.38 -7.26
N ASP B 247 0.14 -15.08 -7.47
CA ASP B 247 0.80 -14.22 -8.46
C ASP B 247 1.89 -13.39 -7.75
N ARG B 248 2.19 -13.77 -6.49
CA ARG B 248 3.20 -13.19 -5.61
C ARG B 248 4.14 -14.32 -5.13
N VAL B 249 4.55 -15.21 -6.06
CA VAL B 249 5.44 -16.35 -5.83
C VAL B 249 6.65 -16.32 -6.78
N GLU B 250 7.84 -16.54 -6.22
CA GLU B 250 9.11 -16.64 -6.95
C GLU B 250 9.45 -18.12 -7.13
N TYR B 251 9.78 -18.52 -8.36
CA TYR B 251 10.11 -19.92 -8.66
C TYR B 251 11.59 -20.08 -8.99
N MET B 252 12.22 -21.13 -8.40
CA MET B 252 13.65 -21.43 -8.59
C MET B 252 13.99 -21.92 -9.99
N THR B 253 12.97 -22.38 -10.75
CA THR B 253 13.08 -22.84 -12.14
C THR B 253 13.45 -21.68 -13.07
N ASP B 254 13.07 -20.44 -12.68
CA ASP B 254 13.35 -19.19 -13.41
C ASP B 254 14.81 -18.74 -13.23
N TYR B 255 15.54 -19.38 -12.28
CA TYR B 255 16.93 -19.05 -11.97
C TYR B 255 17.90 -20.20 -12.26
N PHE B 256 17.43 -21.45 -12.21
CA PHE B 256 18.24 -22.64 -12.49
C PHE B 256 17.64 -23.47 -13.63
N PRO B 257 18.43 -23.85 -14.66
CA PRO B 257 17.86 -24.69 -15.73
C PRO B 257 17.60 -26.13 -15.29
N GLU B 258 18.25 -26.56 -14.18
CA GLU B 258 18.14 -27.87 -13.57
C GLU B 258 18.36 -27.74 -12.05
N ILE B 259 17.39 -28.21 -11.25
CA ILE B 259 17.45 -28.17 -9.79
C ILE B 259 17.72 -29.58 -9.24
N ASN B 260 18.89 -29.75 -8.61
CA ASN B 260 19.33 -31.03 -8.02
C ASN B 260 19.39 -30.94 -6.50
N PHE B 261 19.16 -29.74 -5.94
CA PHE B 261 19.19 -29.47 -4.51
C PHE B 261 17.81 -29.58 -3.86
N TYR B 262 17.78 -29.73 -2.52
CA TYR B 262 16.55 -29.77 -1.72
C TYR B 262 16.29 -28.36 -1.19
N MET B 263 15.01 -27.95 -1.17
CA MET B 263 14.61 -26.63 -0.71
C MET B 263 13.46 -26.68 0.29
N TYR B 264 13.62 -25.96 1.41
CA TYR B 264 12.59 -25.78 2.42
C TYR B 264 11.86 -24.53 1.94
N GLN B 265 10.79 -24.72 1.17
CA GLN B 265 10.01 -23.66 0.55
C GLN B 265 9.21 -22.82 1.56
N GLY B 266 8.77 -21.64 1.12
CA GLY B 266 7.96 -20.73 1.94
C GLY B 266 8.47 -19.31 2.08
N PRO B 267 8.17 -18.65 3.23
CA PRO B 267 8.61 -17.27 3.44
C PRO B 267 10.03 -17.09 3.98
N ALA B 268 10.65 -18.18 4.50
CA ALA B 268 12.01 -18.21 5.04
C ALA B 268 12.73 -19.45 4.48
N PRO B 269 13.09 -19.47 3.17
CA PRO B 269 13.68 -20.68 2.59
C PRO B 269 15.13 -20.98 2.94
N ARG B 270 15.46 -22.28 2.89
CA ARG B 270 16.78 -22.87 3.15
C ARG B 270 17.07 -23.89 2.05
N ILE B 271 18.31 -23.89 1.52
CA ILE B 271 18.72 -24.82 0.46
C ILE B 271 19.89 -25.69 0.92
N ARG B 272 19.76 -27.01 0.71
CA ARG B 272 20.76 -28.03 1.03
C ARG B 272 20.82 -29.09 -0.07
N THR B 273 21.79 -30.02 0.02
CA THR B 273 21.93 -31.12 -0.94
C THR B 273 20.84 -32.18 -0.72
N ARG B 274 20.54 -32.96 -1.78
CA ARG B 274 19.57 -34.04 -1.69
C ARG B 274 20.27 -35.26 -1.09
N ASN B 275 21.55 -35.47 -1.45
CA ASN B 275 22.36 -36.58 -0.97
C ASN B 275 22.94 -36.31 0.43
N ILE B 276 22.12 -36.58 1.45
CA ILE B 276 22.43 -36.42 2.88
C ILE B 276 22.58 -37.81 3.55
N PRO B 277 23.54 -38.02 4.49
CA PRO B 277 24.49 -37.06 5.09
C PRO B 277 25.84 -36.89 4.39
N GLN B 278 26.16 -37.74 3.40
CA GLN B 278 27.45 -37.78 2.69
C GLN B 278 27.89 -36.44 2.06
N ASP B 279 27.01 -35.75 1.32
CA ASP B 279 27.39 -34.49 0.65
C ASP B 279 26.95 -33.20 1.36
N PHE B 280 26.53 -33.29 2.64
CA PHE B 280 26.06 -32.14 3.42
C PHE B 280 27.07 -30.99 3.53
N PHE B 281 28.32 -31.29 3.93
CA PHE B 281 29.38 -30.29 4.09
C PHE B 281 30.10 -29.94 2.79
N THR B 282 30.19 -30.90 1.85
CA THR B 282 30.85 -30.70 0.56
C THR B 282 29.99 -29.90 -0.43
N PHE B 283 28.67 -29.77 -0.15
CA PHE B 283 27.69 -29.04 -0.97
C PHE B 283 28.14 -27.58 -1.18
N ASN B 284 28.22 -27.16 -2.47
CA ASN B 284 28.65 -25.81 -2.81
C ASN B 284 27.54 -24.80 -2.51
N SER B 285 27.51 -24.34 -1.25
CA SER B 285 26.54 -23.38 -0.74
C SER B 285 26.81 -21.99 -1.30
N GLU B 286 28.10 -21.67 -1.53
CA GLU B 286 28.58 -20.41 -2.09
C GLU B 286 28.06 -20.21 -3.51
N GLU B 287 28.08 -21.28 -4.33
CA GLU B 287 27.63 -21.31 -5.72
C GLU B 287 26.14 -21.00 -5.86
N ILE B 288 25.28 -21.60 -4.99
CA ILE B 288 23.82 -21.41 -5.00
C ILE B 288 23.45 -19.95 -4.71
N VAL B 289 24.08 -19.33 -3.70
CA VAL B 289 23.86 -17.92 -3.30
C VAL B 289 24.30 -16.99 -4.44
N ARG B 290 25.46 -17.31 -5.07
CA ARG B 290 26.05 -16.59 -6.19
C ARG B 290 25.14 -16.64 -7.44
N ASP B 291 24.57 -17.82 -7.75
CA ASP B 291 23.68 -18.04 -8.89
C ASP B 291 22.29 -17.42 -8.72
N LEU B 292 21.93 -17.01 -7.49
CA LEU B 292 20.65 -16.39 -7.16
C LEU B 292 20.78 -14.88 -6.89
N SER B 293 22.02 -14.36 -6.83
CA SER B 293 22.32 -12.96 -6.54
C SER B 293 22.21 -12.03 -7.75
N CYS B 294 21.40 -10.96 -7.60
CA CYS B 294 21.16 -9.88 -8.57
C CYS B 294 20.81 -10.39 -9.98
N ARG B 295 19.97 -11.43 -10.06
CA ARG B 295 19.56 -12.04 -11.32
C ARG B 295 18.56 -11.18 -12.10
N LYS B 296 17.58 -10.58 -11.40
CA LYS B 296 16.59 -9.69 -11.99
C LYS B 296 16.41 -8.44 -11.11
N SER B 297 16.19 -7.27 -11.74
CA SER B 297 16.04 -5.96 -11.09
C SER B 297 14.92 -5.94 -10.04
N ASP B 298 13.79 -6.60 -10.35
CA ASP B 298 12.63 -6.69 -9.46
C ASP B 298 12.55 -8.03 -8.71
N GLN B 299 13.72 -8.57 -8.28
CA GLN B 299 13.83 -9.82 -7.51
C GLN B 299 13.15 -9.64 -6.15
N HIS B 300 12.20 -10.53 -5.81
CA HIS B 300 11.43 -10.45 -4.57
C HIS B 300 11.99 -11.29 -3.41
N PHE B 301 13.30 -11.61 -3.48
CA PHE B 301 14.04 -12.36 -2.48
C PHE B 301 15.51 -11.97 -2.55
N LYS B 302 16.26 -12.22 -1.47
CA LYS B 302 17.69 -11.94 -1.44
C LYS B 302 18.44 -13.17 -0.92
N PRO B 303 19.32 -13.77 -1.74
CA PRO B 303 20.10 -14.92 -1.25
C PRO B 303 21.23 -14.49 -0.31
N TYR B 304 21.47 -15.29 0.72
CA TYR B 304 22.49 -15.02 1.73
C TYR B 304 23.14 -16.30 2.21
N LEU B 305 24.44 -16.20 2.54
CA LEU B 305 25.16 -17.26 3.23
C LEU B 305 24.88 -16.85 4.69
N THR B 306 24.54 -17.82 5.56
CA THR B 306 24.17 -17.54 6.97
C THR B 306 25.10 -16.55 7.72
N PRO B 307 26.46 -16.55 7.60
CA PRO B 307 27.26 -15.52 8.30
C PRO B 307 27.06 -14.10 7.75
N ASP B 308 26.56 -13.96 6.50
CA ASP B 308 26.33 -12.68 5.82
C ASP B 308 24.95 -12.06 6.12
N LEU B 309 24.05 -12.82 6.77
CA LEU B 309 22.71 -12.37 7.15
C LEU B 309 22.81 -11.27 8.22
N PRO B 310 21.86 -10.29 8.29
CA PRO B 310 21.92 -9.27 9.35
C PRO B 310 22.10 -9.91 10.73
N LYS B 311 23.11 -9.44 11.48
CA LYS B 311 23.53 -9.97 12.79
C LYS B 311 22.46 -9.92 13.88
N ARG B 312 21.49 -8.97 13.77
CA ARG B 312 20.39 -8.83 14.73
C ARG B 312 19.43 -10.03 14.72
N LEU B 313 19.42 -10.80 13.60
CA LEU B 313 18.56 -11.98 13.43
C LEU B 313 19.05 -13.15 14.26
N HIS B 314 20.40 -13.24 14.49
CA HIS B 314 21.08 -14.31 15.25
C HIS B 314 20.66 -15.69 14.74
N TYR B 315 20.75 -15.90 13.41
CA TYR B 315 20.30 -17.13 12.76
C TYR B 315 21.41 -17.72 11.87
N ALA B 316 22.40 -18.38 12.50
CA ALA B 316 23.55 -18.99 11.81
C ALA B 316 24.25 -20.09 12.60
N LYS B 317 24.51 -19.86 13.91
CA LYS B 317 25.27 -20.79 14.76
C LYS B 317 24.46 -22.02 15.20
N ASN B 318 24.20 -22.92 14.22
CA ASN B 318 23.54 -24.21 14.36
C ASN B 318 23.69 -24.99 13.06
N VAL B 319 24.03 -26.29 13.17
CA VAL B 319 24.23 -27.17 12.01
C VAL B 319 22.90 -27.42 11.24
N ARG B 320 21.75 -27.27 11.94
CA ARG B 320 20.41 -27.42 11.36
C ARG B 320 20.08 -26.26 10.42
N ILE B 321 20.71 -25.07 10.64
CA ILE B 321 20.53 -23.91 9.79
C ILE B 321 21.48 -24.10 8.59
N ASP B 322 20.92 -24.40 7.41
CA ASP B 322 21.71 -24.58 6.18
C ASP B 322 22.36 -23.28 5.77
N LYS B 323 23.57 -23.35 5.18
CA LYS B 323 24.32 -22.17 4.75
C LYS B 323 23.56 -21.30 3.74
N VAL B 324 22.79 -21.90 2.82
CA VAL B 324 21.98 -21.14 1.84
C VAL B 324 20.67 -20.71 2.48
N HIS B 325 20.42 -19.39 2.48
CA HIS B 325 19.19 -18.81 3.02
C HIS B 325 18.66 -17.74 2.08
N LEU B 326 17.33 -17.56 2.03
CA LEU B 326 16.70 -16.55 1.21
C LEU B 326 15.86 -15.61 2.07
N MET B 327 16.08 -14.29 1.94
CA MET B 327 15.30 -13.29 2.67
C MET B 327 14.21 -12.82 1.71
N VAL B 328 13.00 -13.35 1.91
CA VAL B 328 11.84 -13.07 1.07
C VAL B 328 11.16 -11.76 1.48
N ASP B 329 10.81 -10.93 0.47
CA ASP B 329 10.13 -9.64 0.62
C ASP B 329 8.71 -9.81 1.18
N ARG B 330 8.14 -8.70 1.69
CA ARG B 330 6.79 -8.64 2.27
C ARG B 330 5.75 -9.22 1.31
N GLN B 331 4.88 -10.10 1.82
CA GLN B 331 3.75 -10.74 1.12
C GLN B 331 4.13 -11.70 -0.03
N TRP B 332 5.44 -12.00 -0.21
CA TRP B 332 5.92 -12.89 -1.27
C TRP B 332 6.28 -14.29 -0.77
N LEU B 333 6.44 -15.25 -1.70
CA LEU B 333 6.81 -16.64 -1.38
C LEU B 333 7.87 -17.14 -2.36
N ALA B 334 8.66 -18.14 -1.95
CA ALA B 334 9.69 -18.73 -2.79
C ALA B 334 9.56 -20.24 -2.82
N TYR B 335 9.19 -20.79 -3.99
CA TYR B 335 8.99 -22.23 -4.21
C TYR B 335 10.03 -22.76 -5.20
N ARG B 336 10.21 -24.09 -5.22
CA ARG B 336 11.13 -24.80 -6.13
C ARG B 336 10.62 -24.73 -7.58
N ASN B 337 9.34 -25.09 -7.79
CA ASN B 337 8.66 -25.08 -9.09
C ASN B 337 7.21 -24.58 -8.97
N LYS B 338 6.54 -24.30 -10.11
CA LYS B 338 5.18 -23.75 -10.17
C LYS B 338 4.05 -24.80 -10.21
N GLY B 339 3.78 -25.41 -9.06
CA GLY B 339 2.76 -26.43 -8.94
C GLY B 339 1.80 -26.27 -7.77
N SER B 340 2.31 -25.79 -6.62
CA SER B 340 1.56 -25.62 -5.37
C SER B 340 0.42 -24.60 -5.41
N SER B 341 -0.65 -24.86 -4.63
CA SER B 341 -1.85 -24.03 -4.44
C SER B 341 -1.88 -23.44 -3.01
N ASN B 342 -0.87 -23.79 -2.18
CA ASN B 342 -0.72 -23.32 -0.79
C ASN B 342 -0.45 -21.79 -0.67
N CYS B 343 -0.23 -21.12 -1.82
CA CYS B 343 0.04 -19.67 -1.94
C CYS B 343 -1.19 -18.78 -1.62
N GLU B 344 -2.39 -19.37 -1.50
CA GLU B 344 -3.63 -18.63 -1.19
C GLU B 344 -3.79 -18.37 0.31
N GLY B 345 -4.49 -17.27 0.63
CA GLY B 345 -4.77 -16.86 2.01
C GLY B 345 -3.66 -16.03 2.63
N GLY B 346 -2.91 -16.64 3.53
CA GLY B 346 -1.81 -15.99 4.24
C GLY B 346 -0.83 -16.92 4.89
N THR B 347 0.33 -16.37 5.33
CA THR B 347 1.38 -17.11 6.03
C THR B 347 2.26 -16.18 6.88
N HIS B 348 3.15 -16.80 7.67
CA HIS B 348 4.13 -16.19 8.55
C HIS B 348 5.45 -16.95 8.38
N GLY B 349 6.55 -16.34 8.81
CA GLY B 349 7.89 -16.91 8.72
C GLY B 349 8.89 -15.89 8.22
N TYR B 350 8.37 -14.75 7.76
CA TYR B 350 9.10 -13.60 7.23
C TYR B 350 9.97 -12.93 8.28
N ASN B 351 10.67 -11.84 7.87
CA ASN B 351 11.50 -11.01 8.72
C ASN B 351 10.65 -10.50 9.90
N ASN B 352 11.18 -10.63 11.12
CA ASN B 352 10.52 -10.23 12.36
C ASN B 352 10.30 -8.72 12.50
N GLU B 353 11.02 -7.91 11.69
CA GLU B 353 10.90 -6.44 11.69
C GLU B 353 9.63 -5.98 10.96
N PHE B 354 9.11 -6.81 10.02
CA PHE B 354 7.90 -6.54 9.26
C PHE B 354 6.71 -6.40 10.21
N LYS B 355 5.95 -5.29 10.11
CA LYS B 355 4.79 -4.94 10.93
C LYS B 355 3.76 -6.08 11.06
N SER B 356 3.53 -6.81 9.96
CA SER B 356 2.59 -7.93 9.88
C SER B 356 3.03 -9.13 10.73
N MET B 357 4.35 -9.25 11.00
CA MET B 357 4.94 -10.35 11.78
C MET B 357 4.97 -10.07 13.30
N GLU B 358 4.65 -8.83 13.70
CA GLU B 358 4.62 -8.39 15.10
C GLU B 358 3.50 -9.11 15.87
N ALA B 359 3.82 -9.59 17.08
CA ALA B 359 2.89 -10.33 17.93
C ALA B 359 2.34 -9.51 19.10
N ILE B 360 1.22 -9.96 19.67
CA ILE B 360 0.58 -9.29 20.81
C ILE B 360 1.26 -9.68 22.13
N PHE B 361 1.10 -8.80 23.14
CA PHE B 361 1.59 -9.03 24.51
C PHE B 361 0.72 -8.24 25.47
N LEU B 362 0.03 -8.96 26.35
CA LEU B 362 -0.86 -8.40 27.37
C LEU B 362 -0.59 -9.14 28.68
N ALA B 363 -0.67 -8.42 29.81
CA ALA B 363 -0.41 -8.97 31.14
C ALA B 363 -1.30 -8.34 32.20
N HIS B 364 -1.76 -9.16 33.15
CA HIS B 364 -2.60 -8.75 34.28
C HIS B 364 -2.25 -9.57 35.51
N GLY B 365 -2.29 -8.94 36.66
CA GLY B 365 -1.99 -9.58 37.94
C GLY B 365 -1.45 -8.62 38.98
N PRO B 366 -1.23 -9.11 40.23
CA PRO B 366 -0.72 -8.21 41.30
C PRO B 366 0.72 -7.74 41.09
N SER B 367 1.54 -8.54 40.39
CA SER B 367 2.94 -8.22 40.11
C SER B 367 3.11 -7.24 38.95
N PHE B 368 2.11 -7.14 38.05
CA PHE B 368 2.13 -6.25 36.89
C PHE B 368 1.51 -4.89 37.16
N LYS B 369 2.00 -3.84 36.45
CA LYS B 369 1.50 -2.48 36.56
C LYS B 369 0.13 -2.34 35.88
N GLU B 370 -0.83 -1.71 36.56
CA GLU B 370 -2.20 -1.51 36.09
C GLU B 370 -2.32 -0.34 35.11
N LYS B 371 -3.18 -0.50 34.07
CA LYS B 371 -3.49 0.49 33.02
C LYS B 371 -2.22 1.14 32.45
N THR B 372 -1.28 0.31 31.98
CA THR B 372 0.02 0.75 31.46
C THR B 372 0.26 0.30 30.02
N VAL B 373 0.72 1.23 29.18
CA VAL B 373 1.09 0.97 27.79
C VAL B 373 2.62 1.03 27.72
N ILE B 374 3.27 -0.12 27.49
CA ILE B 374 4.72 -0.19 27.41
C ILE B 374 5.19 -0.18 25.95
N GLU B 375 6.43 0.29 25.73
CA GLU B 375 7.06 0.36 24.40
C GLU B 375 7.36 -1.06 23.88
N PRO B 376 7.49 -1.27 22.54
CA PRO B 376 7.77 -2.63 22.03
C PRO B 376 9.04 -3.26 22.57
N PHE B 377 9.02 -4.58 22.76
CA PHE B 377 10.13 -5.38 23.27
C PHE B 377 10.19 -6.74 22.56
N GLU B 378 11.29 -7.47 22.73
CA GLU B 378 11.52 -8.76 22.10
C GLU B 378 11.12 -9.96 22.95
N ASN B 379 10.75 -11.03 22.23
CA ASN B 379 10.36 -12.38 22.62
C ASN B 379 11.31 -12.99 23.65
N ILE B 380 12.62 -12.81 23.42
CA ILE B 380 13.76 -13.36 24.17
C ILE B 380 13.84 -12.86 25.62
N GLU B 381 13.10 -11.78 25.94
CA GLU B 381 13.05 -11.14 27.26
C GLU B 381 12.01 -11.73 28.21
N VAL B 382 11.03 -12.51 27.67
CA VAL B 382 9.91 -13.10 28.43
C VAL B 382 10.39 -14.09 29.52
N TYR B 383 11.38 -14.96 29.20
CA TYR B 383 11.91 -15.97 30.11
C TYR B 383 12.37 -15.41 31.47
N ASN B 384 13.20 -14.35 31.46
CA ASN B 384 13.70 -13.70 32.69
C ASN B 384 12.56 -13.11 33.51
N LEU B 385 11.53 -12.56 32.83
CA LEU B 385 10.32 -12.00 33.45
C LEU B 385 9.52 -13.13 34.13
N LEU B 386 9.40 -14.30 33.46
CA LEU B 386 8.72 -15.48 33.98
C LEU B 386 9.42 -16.00 35.24
N CYS B 387 10.78 -15.95 35.24
CA CYS B 387 11.64 -16.35 36.36
C CYS B 387 11.45 -15.41 37.56
N ASP B 388 11.29 -14.10 37.30
CA ASP B 388 11.06 -13.09 38.34
C ASP B 388 9.71 -13.27 39.02
N LEU B 389 8.67 -13.59 38.22
CA LEU B 389 7.30 -13.83 38.70
C LEU B 389 7.25 -15.10 39.57
N LEU B 390 8.03 -16.14 39.18
CA LEU B 390 8.12 -17.41 39.90
C LEU B 390 9.14 -17.38 41.05
N HIS B 391 9.90 -16.26 41.19
CA HIS B 391 10.94 -16.03 42.20
C HIS B 391 12.08 -17.05 42.08
N ILE B 392 12.43 -17.41 40.83
CA ILE B 392 13.47 -18.39 40.51
C ILE B 392 14.64 -17.76 39.74
N GLN B 393 15.83 -18.39 39.84
CA GLN B 393 17.04 -17.95 39.16
C GLN B 393 17.02 -18.42 37.70
N PRO B 394 17.26 -17.52 36.72
CA PRO B 394 17.21 -17.95 35.32
C PRO B 394 18.47 -18.67 34.85
N ALA B 395 18.28 -19.63 33.93
CA ALA B 395 19.36 -20.38 33.29
C ALA B 395 20.01 -19.44 32.27
N PRO B 396 21.30 -19.63 31.85
CA PRO B 396 21.90 -18.70 30.87
C PRO B 396 21.09 -18.59 29.57
N ASN B 397 20.57 -17.37 29.30
CA ASN B 397 19.75 -17.08 28.11
C ASN B 397 20.23 -15.80 27.39
N ASN B 398 19.47 -15.36 26.36
CA ASN B 398 19.82 -14.21 25.54
C ASN B 398 19.07 -12.92 25.89
N GLY B 399 18.23 -13.00 26.92
CA GLY B 399 17.50 -11.84 27.42
C GLY B 399 18.42 -11.01 28.32
N SER B 400 18.09 -9.72 28.49
CA SER B 400 18.83 -8.80 29.35
C SER B 400 18.02 -8.69 30.63
N HIS B 401 18.49 -9.35 31.70
CA HIS B 401 17.82 -9.40 33.00
C HIS B 401 17.75 -8.01 33.65
N GLY B 402 16.54 -7.46 33.69
CA GLY B 402 16.26 -6.14 34.23
C GLY B 402 15.66 -5.17 33.22
N SER B 403 15.70 -5.53 31.92
CA SER B 403 15.14 -4.70 30.83
C SER B 403 13.61 -4.62 30.88
N LEU B 404 12.94 -5.62 31.50
CA LEU B 404 11.48 -5.66 31.64
C LEU B 404 11.00 -5.31 33.05
N ASN B 405 11.85 -4.63 33.85
CA ASN B 405 11.52 -4.20 35.21
C ASN B 405 10.44 -3.12 35.25
N HIS B 406 10.30 -2.34 34.16
CA HIS B 406 9.29 -1.28 34.03
C HIS B 406 7.85 -1.82 33.86
N LEU B 407 7.70 -3.16 33.77
CA LEU B 407 6.43 -3.87 33.65
C LEU B 407 5.91 -4.29 35.02
N LEU B 408 6.85 -4.52 35.97
CA LEU B 408 6.56 -4.98 37.33
C LEU B 408 6.35 -3.85 38.33
N LYS B 409 5.38 -4.03 39.27
CA LYS B 409 5.06 -3.10 40.34
C LYS B 409 6.23 -3.00 41.33
N ALA B 410 6.86 -4.17 41.61
CA ALA B 410 8.02 -4.31 42.50
C ALA B 410 8.99 -5.33 41.90
N PRO B 411 10.05 -4.87 41.17
CA PRO B 411 10.98 -5.82 40.53
C PRO B 411 11.72 -6.76 41.50
N PHE B 412 11.79 -8.05 41.12
CA PHE B 412 12.45 -9.12 41.90
C PHE B 412 13.97 -9.07 41.75
N TYR B 413 14.46 -8.74 40.53
CA TYR B 413 15.88 -8.64 40.21
C TYR B 413 16.29 -7.19 39.95
N GLN B 414 17.44 -6.80 40.52
CA GLN B 414 18.01 -5.47 40.35
C GLN B 414 19.27 -5.57 39.50
N PRO B 415 19.27 -5.00 38.26
CA PRO B 415 20.47 -5.13 37.42
C PRO B 415 21.59 -4.17 37.80
N SER B 416 22.82 -4.51 37.39
CA SER B 416 24.03 -3.73 37.65
C SER B 416 24.90 -3.68 36.39
N HIS B 417 25.72 -2.61 36.25
CA HIS B 417 26.62 -2.41 35.12
C HIS B 417 27.65 -3.53 35.02
N ALA B 418 27.98 -3.96 33.79
CA ALA B 418 28.97 -5.02 33.54
C ALA B 418 30.36 -4.60 34.02
N GLU B 419 31.01 -5.48 34.81
CA GLU B 419 32.32 -5.26 35.41
C GLU B 419 33.43 -5.27 34.34
N GLU B 420 34.27 -4.22 34.33
CA GLU B 420 35.39 -4.08 33.41
C GLU B 420 36.49 -5.08 33.81
N LEU B 421 36.90 -5.92 32.85
CA LEU B 421 37.87 -7.00 33.04
C LEU B 421 39.31 -6.62 32.66
N SER B 422 39.50 -5.48 31.96
CA SER B 422 40.81 -4.96 31.55
C SER B 422 40.89 -3.45 31.73
N LYS B 423 42.01 -2.97 32.31
CA LYS B 423 42.25 -1.55 32.57
C LYS B 423 43.23 -0.94 31.57
N SER B 424 43.01 0.34 31.22
CA SER B 424 43.84 1.11 30.29
C SER B 424 45.21 1.41 30.91
N ALA B 425 46.29 1.24 30.12
CA ALA B 425 47.67 1.48 30.54
C ALA B 425 48.57 1.87 29.36
N GLY B 426 49.49 2.79 29.62
CA GLY B 426 50.45 3.28 28.63
C GLY B 426 49.92 4.31 27.66
N CYS B 427 50.60 4.42 26.49
CA CYS B 427 50.32 5.34 25.37
C CYS B 427 50.34 6.82 25.77
N GLY B 428 51.18 7.15 26.76
CA GLY B 428 51.36 8.51 27.22
C GLY B 428 52.34 9.24 26.31
N PHE B 429 52.14 10.56 26.16
CA PHE B 429 53.01 11.39 25.33
C PHE B 429 54.37 11.56 26.02
N THR B 430 55.47 11.30 25.28
CA THR B 430 56.83 11.44 25.77
C THR B 430 57.64 12.36 24.86
N THR B 431 57.84 11.95 23.59
CA THR B 431 58.60 12.70 22.59
C THR B 431 57.72 13.08 21.39
N PRO B 432 57.89 14.30 20.80
CA PRO B 432 57.08 14.65 19.63
C PRO B 432 57.64 14.12 18.30
N LEU B 433 58.78 13.41 18.35
CA LEU B 433 59.44 12.82 17.20
C LEU B 433 59.21 11.30 17.20
N PRO B 434 58.84 10.68 16.04
CA PRO B 434 58.64 9.23 16.03
C PRO B 434 59.95 8.45 16.00
N LYS B 435 60.01 7.35 16.77
CA LYS B 435 61.17 6.46 16.84
C LYS B 435 61.28 5.65 15.54
N ASP B 436 60.12 5.31 14.95
CA ASP B 436 59.99 4.57 13.70
C ASP B 436 58.97 5.29 12.82
N SER B 437 59.33 5.54 11.55
CA SER B 437 58.46 6.20 10.57
C SER B 437 57.34 5.27 10.09
N LEU B 438 57.52 3.94 10.29
CA LEU B 438 56.61 2.84 9.92
C LEU B 438 56.29 2.81 8.42
N ASN B 439 57.26 3.25 7.58
CA ASN B 439 57.18 3.34 6.12
C ASN B 439 55.98 4.19 5.65
N CYS B 440 55.57 5.16 6.47
CA CYS B 440 54.48 6.09 6.17
C CYS B 440 55.07 7.39 5.66
N SER B 441 54.30 8.16 4.86
CA SER B 441 54.76 9.41 4.30
C SER B 441 53.72 10.51 4.23
N CYS B 442 54.14 11.73 4.58
CA CYS B 442 53.35 12.95 4.53
C CYS B 442 54.29 14.07 4.05
N LEU B 443 54.27 14.34 2.74
CA LEU B 443 55.11 15.35 2.08
C LEU B 443 54.75 16.79 2.43
N ALA B 444 53.55 17.01 3.03
CA ALA B 444 53.07 18.32 3.47
C ALA B 444 53.86 18.81 4.70
N LEU B 445 54.48 17.88 5.44
CA LEU B 445 55.29 18.12 6.63
C LEU B 445 56.78 17.93 6.32
N GLN B 446 57.63 18.92 6.66
CA GLN B 446 59.08 18.86 6.41
C GLN B 446 59.89 19.02 7.70
N GLY B 449 55.32 21.89 7.09
CA GLY B 449 56.45 22.64 7.62
C GLY B 449 57.23 21.88 8.68
N GLN B 450 56.53 21.37 9.71
CA GLN B 450 57.11 20.61 10.82
C GLN B 450 56.09 19.64 11.43
N GLU B 451 56.47 18.35 11.53
CA GLU B 451 55.62 17.31 12.10
C GLU B 451 55.67 17.29 13.64
N GLU B 452 56.73 17.87 14.22
CA GLU B 452 56.95 17.97 15.66
C GLU B 452 55.84 18.83 16.29
N GLN B 453 55.45 19.94 15.64
CA GLN B 453 54.44 20.85 16.15
C GLN B 453 53.01 20.31 16.01
N VAL B 454 52.72 19.52 14.94
CA VAL B 454 51.38 18.92 14.77
C VAL B 454 51.22 17.74 15.75
N ASN B 455 52.34 17.12 16.16
CA ASN B 455 52.36 16.02 17.13
C ASN B 455 52.13 16.55 18.55
N GLN B 456 52.44 17.85 18.79
CA GLN B 456 52.23 18.50 20.10
C GLN B 456 50.74 18.70 20.40
N ARG B 457 49.88 18.58 19.37
CA ARG B 457 48.42 18.65 19.47
C ARG B 457 47.89 17.37 20.14
N LEU B 458 48.66 16.26 19.99
CA LEU B 458 48.40 14.93 20.57
C LEU B 458 48.84 14.90 22.05
N ASN B 459 49.56 15.95 22.50
CA ASN B 459 50.02 16.12 23.87
C ASN B 459 49.03 17.04 24.58
N LEU B 460 47.99 16.45 25.16
CA LEU B 460 46.93 17.18 25.87
C LEU B 460 47.18 17.20 27.37
N ASN B 461 46.86 18.34 28.01
CA ASN B 461 46.96 18.51 29.46
C ASN B 461 45.70 17.98 30.15
N ARG B 462 45.65 17.95 31.50
CA ARG B 462 44.49 17.47 32.27
C ARG B 462 43.20 18.20 31.91
N GLY B 463 43.29 19.51 31.73
CA GLY B 463 42.17 20.37 31.33
C GLY B 463 41.66 20.04 29.94
N GLU B 464 42.58 19.77 28.99
CA GLU B 464 42.28 19.40 27.61
C GLU B 464 41.68 18.00 27.53
N VAL B 465 42.23 17.05 28.33
CA VAL B 465 41.75 15.66 28.41
C VAL B 465 40.30 15.64 28.97
N SER B 466 40.03 16.42 30.04
CA SER B 466 38.71 16.53 30.65
C SER B 466 37.68 17.15 29.70
N ALA B 467 38.13 18.15 28.88
CA ALA B 467 37.30 18.84 27.89
C ALA B 467 36.87 17.90 26.75
N THR B 468 37.79 17.04 26.26
CA THR B 468 37.48 16.07 25.21
C THR B 468 36.64 14.91 25.77
N GLU B 469 36.80 14.59 27.08
CA GLU B 469 36.03 13.55 27.78
C GLU B 469 34.59 14.02 27.97
N LYS B 470 34.39 15.32 28.26
CA LYS B 470 33.07 15.91 28.46
C LYS B 470 32.26 15.94 27.15
N THR B 471 32.93 16.28 26.03
CA THR B 471 32.30 16.39 24.70
C THR B 471 32.18 15.04 23.99
N ASN B 472 33.30 14.33 23.80
CA ASN B 472 33.36 13.09 23.02
C ASN B 472 33.04 11.80 23.79
N LEU B 473 33.02 11.84 25.13
CA LEU B 473 32.62 10.69 25.95
C LEU B 473 31.52 11.17 26.95
N PRO B 474 30.33 11.64 26.47
CA PRO B 474 29.31 12.14 27.42
C PRO B 474 28.65 11.09 28.31
N PHE B 475 28.64 9.84 27.87
CA PHE B 475 28.03 8.72 28.60
C PHE B 475 29.11 7.79 29.18
N GLY B 476 30.35 8.30 29.20
CA GLY B 476 31.51 7.57 29.70
C GLY B 476 32.15 6.70 28.65
N ARG B 477 33.41 6.31 28.89
CA ARG B 477 34.18 5.46 27.98
C ARG B 477 33.60 4.03 27.93
N PRO B 478 33.56 3.38 26.74
CA PRO B 478 33.08 1.98 26.69
C PRO B 478 34.01 1.09 27.53
N ARG B 479 33.43 0.28 28.42
CA ARG B 479 34.18 -0.59 29.32
C ARG B 479 34.57 -1.89 28.62
N VAL B 480 35.83 -2.32 28.81
CA VAL B 480 36.36 -3.54 28.20
C VAL B 480 35.97 -4.74 29.07
N ILE B 481 34.99 -5.53 28.60
CA ILE B 481 34.52 -6.74 29.30
C ILE B 481 35.25 -7.96 28.68
N GLN B 482 36.59 -7.89 28.70
CA GLN B 482 37.49 -8.90 28.16
C GLN B 482 38.69 -9.05 29.08
N LYS B 483 39.03 -10.29 29.44
CA LYS B 483 40.18 -10.58 30.30
C LYS B 483 41.47 -10.54 29.48
N ASN B 484 42.54 -9.95 30.07
CA ASN B 484 43.90 -9.80 29.52
C ASN B 484 43.93 -9.10 28.14
N LYS B 485 43.03 -8.13 27.91
CA LYS B 485 42.96 -7.36 26.67
C LYS B 485 43.80 -6.08 26.83
N ASP B 486 45.07 -6.13 26.39
CA ASP B 486 46.03 -5.02 26.47
C ASP B 486 45.57 -3.85 25.62
N HIS B 487 45.21 -2.73 26.27
CA HIS B 487 44.70 -1.54 25.60
C HIS B 487 45.09 -0.23 26.30
N CYS B 488 44.94 0.89 25.58
CA CYS B 488 45.22 2.23 26.05
C CYS B 488 44.24 3.23 25.44
N LEU B 489 43.96 4.34 26.16
CA LEU B 489 43.08 5.38 25.66
C LEU B 489 43.89 6.51 25.03
N LEU B 490 43.54 6.85 23.78
CA LEU B 490 44.20 7.91 23.01
C LEU B 490 43.27 9.11 22.93
N TYR B 491 43.73 10.24 23.47
CA TYR B 491 42.97 11.49 23.56
C TYR B 491 43.41 12.48 22.50
N HIS B 492 42.42 13.05 21.80
CA HIS B 492 42.59 14.07 20.76
C HIS B 492 41.53 15.14 21.02
N ARG B 493 41.72 16.35 20.46
CA ARG B 493 40.81 17.47 20.64
C ARG B 493 39.38 17.20 20.15
N GLU B 494 39.25 16.46 19.02
CA GLU B 494 37.94 16.18 18.42
C GLU B 494 37.41 14.76 18.64
N TYR B 495 38.26 13.80 19.08
CA TYR B 495 37.86 12.41 19.31
C TYR B 495 38.71 11.68 20.34
N VAL B 496 38.13 10.67 21.01
CA VAL B 496 38.80 9.81 21.98
C VAL B 496 38.65 8.36 21.49
N SER B 497 39.74 7.58 21.44
CA SER B 497 39.72 6.18 21.02
C SER B 497 40.37 5.23 22.02
N GLY B 498 39.92 3.98 22.01
CA GLY B 498 40.45 2.91 22.85
C GLY B 498 41.24 1.97 21.96
N PHE B 499 42.58 2.11 21.98
CA PHE B 499 43.49 1.35 21.12
C PHE B 499 43.82 -0.06 21.63
N GLY B 500 43.49 -1.06 20.82
CA GLY B 500 43.80 -2.46 21.09
C GLY B 500 45.20 -2.77 20.61
N LYS B 501 46.15 -2.87 21.56
CA LYS B 501 47.59 -3.08 21.32
C LYS B 501 47.95 -4.35 20.55
N ALA B 502 47.32 -5.50 20.87
CA ALA B 502 47.58 -6.79 20.23
C ALA B 502 47.16 -6.83 18.76
N MET B 503 45.99 -6.25 18.44
CA MET B 503 45.46 -6.23 17.07
C MET B 503 45.96 -5.01 16.26
N LYS B 504 46.78 -4.14 16.89
CA LYS B 504 47.41 -2.93 16.34
C LYS B 504 46.40 -1.89 15.80
N MET B 505 45.13 -1.95 16.24
CA MET B 505 44.06 -1.04 15.81
C MET B 505 43.12 -0.69 16.98
N PRO B 506 42.27 0.37 16.88
CA PRO B 506 41.37 0.67 18.00
C PRO B 506 40.17 -0.26 18.08
N MET B 507 39.70 -0.53 19.31
CA MET B 507 38.52 -1.34 19.61
C MET B 507 37.28 -0.49 19.37
N TRP B 508 37.40 0.81 19.70
CA TRP B 508 36.34 1.82 19.58
C TRP B 508 36.94 3.22 19.39
N SER B 509 36.18 4.11 18.73
CA SER B 509 36.52 5.52 18.50
C SER B 509 35.25 6.32 18.75
N SER B 510 35.29 7.21 19.76
CA SER B 510 34.15 8.03 20.16
C SER B 510 34.35 9.51 19.89
N TYR B 511 33.33 10.14 19.27
CA TYR B 511 33.34 11.56 18.90
C TYR B 511 31.92 12.11 18.74
N THR B 512 31.69 13.33 19.24
CA THR B 512 30.38 13.99 19.14
C THR B 512 30.42 15.09 18.06
N VAL B 513 29.79 14.80 16.91
CA VAL B 513 29.70 15.74 15.79
C VAL B 513 28.63 16.78 16.16
N PRO B 514 28.93 18.10 16.11
CA PRO B 514 27.90 19.09 16.44
C PRO B 514 26.92 19.30 15.27
N LYS B 515 25.84 20.07 15.48
CA LYS B 515 24.86 20.36 14.43
C LYS B 515 25.50 21.20 13.31
N PRO B 516 25.62 20.68 12.07
CA PRO B 516 26.27 21.43 10.99
C PRO B 516 25.43 22.60 10.46
N GLY B 517 26.10 23.54 9.81
CA GLY B 517 25.51 24.71 9.19
C GLY B 517 25.58 24.67 7.69
N ASP B 518 26.48 25.50 7.11
CA ASP B 518 26.71 25.61 5.67
C ASP B 518 27.44 24.37 5.14
N LEU B 522 31.57 22.01 2.75
CA LEU B 522 32.17 20.93 3.52
C LEU B 522 33.62 20.64 3.09
N PRO B 523 34.55 20.44 4.06
CA PRO B 523 35.96 20.21 3.68
C PRO B 523 36.33 18.76 3.38
N PRO B 524 37.22 18.49 2.39
CA PRO B 524 37.61 17.10 2.11
C PRO B 524 38.79 16.62 2.99
N THR B 525 39.10 15.31 2.92
CA THR B 525 40.20 14.71 3.68
C THR B 525 41.54 15.05 3.00
N VAL B 526 42.58 15.38 3.81
CA VAL B 526 43.93 15.72 3.34
C VAL B 526 44.55 14.47 2.67
N PRO B 527 44.88 14.54 1.35
CA PRO B 527 45.42 13.36 0.68
C PRO B 527 46.94 13.19 0.80
N ASP B 528 47.40 11.92 0.60
CA ASP B 528 48.81 11.48 0.63
C ASP B 528 49.57 11.86 1.92
N CYS B 529 48.82 12.00 3.04
CA CYS B 529 49.42 12.33 4.33
C CYS B 529 49.01 11.34 5.42
N LEU B 530 50.01 10.60 5.92
CA LEU B 530 49.89 9.61 6.98
C LEU B 530 51.23 9.48 7.70
N ARG B 531 51.19 9.47 9.04
CA ARG B 531 52.38 9.34 9.88
C ARG B 531 52.15 8.40 11.06
N ALA B 532 53.24 8.03 11.76
CA ALA B 532 53.23 7.17 12.93
C ALA B 532 52.75 7.95 14.16
N ASP B 533 52.01 7.28 15.05
CA ASP B 533 51.53 7.91 16.29
C ASP B 533 52.66 7.76 17.34
N VAL B 534 53.19 8.91 17.79
CA VAL B 534 54.30 9.02 18.75
C VAL B 534 53.97 8.45 20.15
N ARG B 535 52.67 8.27 20.47
CA ARG B 535 52.18 7.74 21.75
C ARG B 535 52.20 6.21 21.80
N VAL B 536 51.92 5.55 20.67
CA VAL B 536 51.91 4.09 20.60
C VAL B 536 53.26 3.56 20.05
N ASP B 537 53.77 2.49 20.71
CA ASP B 537 55.02 1.80 20.41
C ASP B 537 55.03 1.23 18.97
N PRO B 538 56.18 1.25 18.24
CA PRO B 538 56.19 0.72 16.86
C PRO B 538 55.79 -0.75 16.71
N SER B 539 56.08 -1.58 17.73
CA SER B 539 55.74 -3.01 17.74
C SER B 539 54.23 -3.25 17.92
N GLU B 540 53.51 -2.24 18.42
CA GLU B 540 52.06 -2.29 18.66
C GLU B 540 51.29 -1.43 17.63
N SER B 541 52.00 -0.95 16.60
CA SER B 541 51.48 -0.09 15.54
C SER B 541 51.45 -0.74 14.15
N GLN B 542 50.51 -0.29 13.29
CA GLN B 542 50.40 -0.71 11.89
C GLN B 542 51.37 0.12 11.05
N LYS B 543 51.94 -0.51 10.00
CA LYS B 543 52.84 0.16 9.05
C LYS B 543 52.08 0.41 7.75
N CYS B 544 52.38 1.53 7.05
CA CYS B 544 51.75 1.86 5.77
C CYS B 544 52.14 0.88 4.67
N SER B 545 53.31 0.23 4.82
CA SER B 545 53.86 -0.77 3.91
C SER B 545 53.07 -2.09 3.93
N PHE B 546 52.35 -2.37 5.04
CA PHE B 546 51.52 -3.57 5.25
C PHE B 546 50.40 -3.67 4.21
N TYR B 547 49.83 -2.52 3.82
CA TYR B 547 48.73 -2.42 2.87
C TYR B 547 49.17 -2.41 1.41
N LEU B 548 50.45 -2.06 1.13
CA LEU B 548 51.01 -2.08 -0.22
C LEU B 548 51.23 -3.52 -0.68
N ALA B 549 51.70 -4.39 0.24
CA ALA B 549 51.95 -5.81 0.01
C ALA B 549 50.66 -6.60 -0.19
N ASP B 550 49.56 -6.17 0.45
CA ASP B 550 48.25 -6.82 0.30
C ASP B 550 47.46 -6.14 -0.83
N GLN B 551 47.32 -6.85 -1.95
CA GLN B 551 46.61 -6.37 -3.14
C GLN B 551 45.08 -6.44 -2.97
N ASN B 552 44.60 -7.23 -1.99
CA ASN B 552 43.17 -7.44 -1.73
C ASN B 552 42.56 -6.48 -0.70
N ILE B 553 43.37 -5.89 0.21
CA ILE B 553 42.85 -4.98 1.23
C ILE B 553 43.64 -3.66 1.27
N ASP B 554 42.94 -2.56 1.61
CA ASP B 554 43.51 -1.22 1.75
C ASP B 554 43.27 -0.73 3.19
N HIS B 555 43.78 0.46 3.54
CA HIS B 555 43.59 1.02 4.88
C HIS B 555 42.42 2.00 4.88
N GLY B 556 41.77 2.14 6.02
CA GLY B 556 40.64 3.04 6.19
C GLY B 556 40.69 3.79 7.51
N PHE B 557 40.06 4.97 7.58
CA PHE B 557 40.03 5.77 8.80
C PHE B 557 38.76 5.45 9.58
N LEU B 558 38.91 5.04 10.85
CA LEU B 558 37.78 4.74 11.72
C LEU B 558 37.03 6.04 12.03
N TYR B 559 37.77 7.06 12.48
CA TYR B 559 37.24 8.41 12.71
C TYR B 559 37.50 9.19 11.40
N PRO B 560 36.49 9.87 10.81
CA PRO B 560 36.76 10.64 9.58
C PRO B 560 37.55 11.91 9.88
N PRO B 561 38.77 12.06 9.31
CA PRO B 561 39.61 13.23 9.66
C PRO B 561 39.03 14.61 9.39
N ALA B 562 38.20 14.77 8.35
CA ALA B 562 37.63 16.04 7.93
C ALA B 562 36.25 16.40 8.54
N ILE B 563 35.71 15.57 9.45
CA ILE B 563 34.38 15.79 10.05
C ILE B 563 34.37 16.97 11.07
N LYS B 564 35.47 17.17 11.83
CA LYS B 564 35.53 18.22 12.86
C LYS B 564 36.77 19.09 12.78
N GLY B 565 36.60 20.36 13.14
CA GLY B 565 37.66 21.38 13.16
C GLY B 565 38.03 21.91 11.80
N ASN B 566 39.33 22.17 11.60
CA ASN B 566 39.90 22.71 10.36
C ASN B 566 40.98 21.78 9.77
N ASN B 567 41.82 22.30 8.84
CA ASN B 567 42.90 21.57 8.18
C ASN B 567 43.93 21.02 9.17
N GLU B 568 44.24 21.80 10.24
CA GLU B 568 45.18 21.47 11.31
C GLU B 568 44.65 20.31 12.15
N SER B 569 43.33 20.31 12.46
CA SER B 569 42.63 19.28 13.24
C SER B 569 42.67 17.89 12.57
N GLN B 570 42.79 17.86 11.23
CA GLN B 570 42.86 16.64 10.43
C GLN B 570 44.10 15.81 10.75
N TYR B 571 45.23 16.47 11.08
CA TYR B 571 46.50 15.83 11.41
C TYR B 571 46.43 14.90 12.64
N ASP B 572 45.50 15.20 13.57
CA ASP B 572 45.25 14.41 14.78
C ASP B 572 44.60 13.06 14.45
N ALA B 573 44.05 12.92 13.23
CA ALA B 573 43.38 11.73 12.72
C ALA B 573 44.13 11.05 11.57
N LEU B 574 45.12 11.74 10.98
CA LEU B 574 45.93 11.20 9.88
C LEU B 574 47.16 10.45 10.44
N ILE B 575 46.92 9.63 11.48
CA ILE B 575 47.92 8.82 12.20
C ILE B 575 47.59 7.33 12.11
N THR B 576 48.62 6.47 12.27
CA THR B 576 48.57 5.00 12.19
C THR B 576 47.58 4.35 13.16
N SER B 577 47.32 5.00 14.30
CA SER B 577 46.40 4.51 15.33
C SER B 577 44.92 4.65 14.93
N ASN B 578 44.62 5.45 13.90
CA ASN B 578 43.28 5.68 13.37
C ASN B 578 43.02 4.80 12.13
N LEU B 579 44.00 3.94 11.78
CA LEU B 579 43.90 3.05 10.62
C LEU B 579 43.30 1.70 10.97
N VAL B 580 42.37 1.24 10.11
CA VAL B 580 41.68 -0.05 10.20
C VAL B 580 41.71 -0.75 8.82
N PRO B 581 41.82 -2.10 8.73
CA PRO B 581 41.86 -2.75 7.41
C PRO B 581 40.52 -2.73 6.69
N MET B 582 40.45 -2.12 5.49
CA MET B 582 39.22 -2.01 4.71
C MET B 582 39.33 -2.40 3.25
N TYR B 583 38.33 -3.16 2.74
CA TYR B 583 38.25 -3.53 1.33
C TYR B 583 37.81 -2.30 0.55
N LYS B 584 38.30 -2.15 -0.70
CA LYS B 584 38.00 -1.03 -1.59
C LYS B 584 36.48 -0.82 -1.78
N GLU B 585 35.72 -1.91 -1.94
CA GLU B 585 34.27 -1.87 -2.10
C GLU B 585 33.55 -1.45 -0.83
N PHE B 586 34.01 -1.92 0.35
CA PHE B 586 33.43 -1.56 1.64
C PHE B 586 33.73 -0.09 1.96
N LYS B 587 34.96 0.37 1.64
CA LYS B 587 35.43 1.74 1.84
C LYS B 587 34.53 2.76 1.12
N LYS B 588 33.90 2.36 -0.01
CA LYS B 588 32.97 3.18 -0.78
C LYS B 588 31.70 3.48 0.04
N MET B 589 31.18 2.46 0.78
CA MET B 589 30.02 2.58 1.65
C MET B 589 30.39 3.40 2.89
N TRP B 590 31.58 3.10 3.47
CA TRP B 590 32.13 3.74 4.67
C TRP B 590 32.37 5.23 4.47
N ASP B 591 33.06 5.61 3.37
CA ASP B 591 33.35 7.01 3.04
C ASP B 591 32.07 7.80 2.76
N TYR B 592 31.10 7.19 2.02
CA TYR B 592 29.82 7.83 1.71
C TYR B 592 29.00 8.07 2.99
N PHE B 593 29.02 7.12 3.94
CA PHE B 593 28.29 7.23 5.20
C PHE B 593 28.81 8.38 6.07
N HIS B 594 30.13 8.55 6.16
CA HIS B 594 30.73 9.59 6.99
C HIS B 594 30.77 10.97 6.33
N LYS B 595 30.80 11.04 4.99
CA LYS B 595 30.84 12.28 4.24
C LYS B 595 29.44 12.84 3.97
N VAL B 596 28.46 11.97 3.69
CA VAL B 596 27.10 12.39 3.34
C VAL B 596 26.06 12.05 4.42
N LEU B 597 25.84 10.75 4.70
CA LEU B 597 24.80 10.25 5.61
C LEU B 597 24.92 10.72 7.07
N LEU B 598 26.14 10.76 7.62
CA LEU B 598 26.42 11.18 9.00
C LEU B 598 26.09 12.65 9.23
N ILE B 599 26.35 13.52 8.23
CA ILE B 599 26.06 14.95 8.27
C ILE B 599 24.54 15.16 8.31
N LYS B 600 23.80 14.38 7.47
CA LYS B 600 22.34 14.38 7.37
C LYS B 600 21.70 14.01 8.71
N TYR B 601 22.25 12.98 9.40
CA TYR B 601 21.76 12.53 10.72
C TYR B 601 22.05 13.55 11.81
N ALA B 602 23.22 14.21 11.76
CA ALA B 602 23.64 15.24 12.72
C ALA B 602 22.73 16.48 12.67
N ILE B 603 22.17 16.80 11.48
CA ILE B 603 21.24 17.93 11.29
C ILE B 603 19.89 17.57 11.94
N GLU B 604 19.38 16.37 11.66
CA GLU B 604 18.10 15.83 12.14
C GLU B 604 18.03 15.66 13.66
N ARG B 605 19.12 15.19 14.28
CA ARG B 605 19.22 14.86 15.71
C ARG B 605 19.83 15.97 16.58
N ASN B 606 20.19 17.13 15.99
CA ASN B 606 20.89 18.26 16.64
C ASN B 606 22.20 17.77 17.28
N GLY B 607 23.11 17.34 16.41
CA GLY B 607 24.39 16.75 16.80
C GLY B 607 24.25 15.26 17.05
N VAL B 608 25.36 14.51 16.90
CA VAL B 608 25.33 13.06 17.10
C VAL B 608 26.67 12.53 17.66
N ASN B 609 26.59 11.69 18.71
CA ASN B 609 27.75 11.03 19.29
C ASN B 609 27.92 9.72 18.53
N VAL B 610 29.10 9.50 17.96
CA VAL B 610 29.41 8.32 17.18
C VAL B 610 30.47 7.48 17.87
N VAL B 611 30.20 6.18 18.02
CA VAL B 611 31.13 5.19 18.56
C VAL B 611 31.23 4.13 17.47
N SER B 612 32.41 4.05 16.84
CA SER B 612 32.68 3.10 15.76
C SER B 612 33.85 2.21 16.08
N GLY B 613 33.92 1.04 15.45
CA GLY B 613 35.01 0.11 15.66
C GLY B 613 34.86 -1.20 14.91
N PRO B 614 35.91 -2.05 14.96
CA PRO B 614 35.85 -3.33 14.25
C PRO B 614 35.17 -4.45 15.04
N ILE B 615 34.65 -5.44 14.31
CA ILE B 615 34.01 -6.63 14.88
C ILE B 615 34.68 -7.85 14.25
N PHE B 616 35.05 -8.82 15.09
CA PHE B 616 35.67 -10.06 14.66
C PHE B 616 34.75 -11.20 15.09
N ASP B 617 34.10 -11.85 14.11
CA ASP B 617 33.18 -12.97 14.36
C ASP B 617 33.23 -14.00 13.23
N TYR B 618 34.42 -14.60 13.04
CA TYR B 618 34.68 -15.60 12.01
C TYR B 618 33.92 -16.91 12.22
N ASN B 619 33.63 -17.26 13.48
CA ASN B 619 32.88 -18.47 13.84
C ASN B 619 31.36 -18.22 13.86
N TYR B 620 30.94 -16.96 13.57
CA TYR B 620 29.55 -16.45 13.50
C TYR B 620 28.67 -16.93 14.68
N ASP B 621 29.17 -16.77 15.91
CA ASP B 621 28.45 -17.14 17.14
C ASP B 621 27.80 -15.94 17.83
N GLY B 622 27.95 -14.74 17.24
CA GLY B 622 27.40 -13.49 17.74
C GLY B 622 28.17 -12.90 18.90
N HIS B 623 29.37 -13.43 19.17
CA HIS B 623 30.26 -13.02 20.25
C HIS B 623 31.62 -12.61 19.69
N PHE B 624 32.35 -11.74 20.42
CA PHE B 624 33.69 -11.27 20.05
C PHE B 624 34.64 -12.45 19.94
N ASP B 625 35.44 -12.48 18.87
CA ASP B 625 36.39 -13.55 18.62
C ASP B 625 37.61 -13.48 19.50
N ALA B 626 38.05 -14.66 19.96
CA ALA B 626 39.30 -14.82 20.72
C ALA B 626 40.39 -14.78 19.62
N PRO B 627 41.63 -14.30 19.90
CA PRO B 627 42.65 -14.23 18.82
C PRO B 627 42.79 -15.49 17.95
N ASP B 628 42.64 -16.68 18.55
CA ASP B 628 42.72 -17.98 17.88
C ASP B 628 41.59 -18.25 16.88
N GLU B 629 40.43 -17.58 17.07
CA GLU B 629 39.23 -17.72 16.22
C GLU B 629 39.30 -16.93 14.90
N ILE B 630 40.20 -15.92 14.82
CA ILE B 630 40.39 -15.09 13.64
C ILE B 630 41.17 -15.89 12.58
N THR B 631 40.58 -16.03 11.37
CA THR B 631 41.16 -16.81 10.27
C THR B 631 41.76 -15.96 9.13
N ASN B 632 41.41 -14.65 9.07
CA ASN B 632 41.94 -13.77 8.03
C ASN B 632 42.69 -12.57 8.60
N TYR B 633 43.90 -12.34 8.07
CA TYR B 633 44.82 -11.28 8.46
C TYR B 633 45.30 -10.51 7.24
N VAL B 634 45.92 -9.34 7.46
CA VAL B 634 46.53 -8.52 6.39
C VAL B 634 47.81 -9.27 5.98
N ALA B 635 47.97 -9.55 4.66
CA ALA B 635 49.06 -10.31 4.05
C ALA B 635 50.43 -10.16 4.73
N GLY B 636 50.92 -11.28 5.26
CA GLY B 636 52.21 -11.41 5.93
C GLY B 636 52.32 -10.81 7.33
N THR B 637 51.23 -10.22 7.85
CA THR B 637 51.22 -9.56 9.16
C THR B 637 50.22 -10.19 10.14
N ASP B 638 50.35 -9.84 11.44
CA ASP B 638 49.49 -10.31 12.51
C ASP B 638 48.27 -9.39 12.76
N VAL B 639 48.07 -8.41 11.84
CA VAL B 639 46.96 -7.45 11.88
C VAL B 639 45.68 -8.16 11.40
N PRO B 640 44.65 -8.37 12.26
CA PRO B 640 43.47 -9.11 11.80
C PRO B 640 42.51 -8.31 10.92
N VAL B 641 41.75 -9.01 10.07
CA VAL B 641 40.77 -8.40 9.18
C VAL B 641 39.38 -8.49 9.85
N PRO B 642 38.68 -7.36 10.07
CA PRO B 642 37.36 -7.43 10.72
C PRO B 642 36.29 -8.03 9.81
N THR B 643 35.35 -8.80 10.40
CA THR B 643 34.23 -9.42 9.69
C THR B 643 33.11 -8.39 9.51
N HIS B 644 33.00 -7.46 10.48
CA HIS B 644 31.99 -6.40 10.51
C HIS B 644 32.59 -5.11 11.08
N TYR B 645 31.89 -3.99 10.91
CA TYR B 645 32.24 -2.69 11.46
C TYR B 645 31.00 -2.11 12.10
N PHE B 646 31.11 -1.68 13.37
CA PHE B 646 29.98 -1.09 14.07
C PHE B 646 30.02 0.42 14.04
N VAL B 647 28.85 1.06 14.02
CA VAL B 647 28.64 2.51 14.05
C VAL B 647 27.41 2.70 14.97
N VAL B 648 27.63 3.21 16.18
CA VAL B 648 26.55 3.45 17.13
C VAL B 648 26.32 4.95 17.25
N LEU B 649 25.14 5.40 16.80
CA LEU B 649 24.76 6.81 16.81
C LEU B 649 23.89 7.10 18.02
N THR B 650 24.36 8.00 18.90
CA THR B 650 23.62 8.37 20.11
C THR B 650 23.42 9.87 20.18
N SER B 651 22.16 10.27 20.38
CA SER B 651 21.73 11.65 20.54
C SER B 651 20.69 11.67 21.66
N CYS B 652 20.06 12.83 21.91
CA CYS B 652 19.05 12.93 22.95
C CYS B 652 17.64 12.96 22.37
N LYS B 653 16.66 12.39 23.11
CA LYS B 653 15.25 12.36 22.72
C LYS B 653 14.74 13.79 22.52
N ASN B 654 15.05 14.70 23.47
CA ASN B 654 14.71 16.11 23.38
C ASN B 654 15.74 16.75 22.45
N LYS B 655 15.31 17.07 21.22
CA LYS B 655 16.15 17.65 20.15
C LYS B 655 16.64 19.08 20.43
N THR B 656 16.19 19.70 21.55
CA THR B 656 16.64 21.04 21.95
C THR B 656 18.07 20.98 22.53
N HIS B 657 18.46 19.81 23.06
CA HIS B 657 19.79 19.55 23.64
C HIS B 657 20.67 18.71 22.72
N THR B 658 21.99 18.92 22.81
CA THR B 658 23.02 18.19 22.04
C THR B 658 23.35 16.87 22.78
N PRO B 659 24.02 15.86 22.14
CA PRO B 659 24.30 14.61 22.87
C PRO B 659 25.26 14.76 24.05
N ASP B 660 26.23 15.70 23.95
CA ASP B 660 27.21 15.96 24.99
C ASP B 660 26.65 16.65 26.24
N SER B 661 25.56 17.43 26.08
CA SER B 661 24.91 18.15 27.18
C SER B 661 23.39 17.90 27.19
N CYS B 662 22.96 16.77 27.80
CA CYS B 662 21.55 16.40 27.90
C CYS B 662 21.22 15.54 29.14
N PRO B 663 20.22 15.94 29.97
CA PRO B 663 19.93 15.16 31.18
C PRO B 663 18.93 14.01 31.03
N GLY B 664 17.99 14.13 30.10
CA GLY B 664 16.93 13.14 29.87
C GLY B 664 17.33 11.88 29.12
N TRP B 665 16.31 11.19 28.57
CA TRP B 665 16.43 9.95 27.80
C TRP B 665 17.20 10.15 26.49
N LEU B 666 17.94 9.11 26.06
CA LEU B 666 18.73 9.13 24.83
C LEU B 666 18.01 8.43 23.67
N ASP B 667 18.43 8.76 22.43
CA ASP B 667 17.93 8.15 21.19
C ASP B 667 19.11 7.45 20.53
N VAL B 668 18.98 6.15 20.23
CA VAL B 668 20.09 5.37 19.67
C VAL B 668 19.76 4.76 18.29
N LEU B 669 20.80 4.67 17.43
CA LEU B 669 20.75 4.09 16.08
C LEU B 669 22.04 3.27 15.79
N PRO B 670 22.11 2.00 16.25
CA PRO B 670 23.32 1.19 16.02
C PRO B 670 23.32 0.45 14.68
N PHE B 671 24.52 0.24 14.10
CA PHE B 671 24.72 -0.47 12.84
C PHE B 671 25.82 -1.52 13.01
N VAL B 672 25.66 -2.68 12.37
CA VAL B 672 26.65 -3.77 12.34
C VAL B 672 26.73 -4.19 10.87
N VAL B 673 27.52 -3.43 10.10
CA VAL B 673 27.68 -3.61 8.66
C VAL B 673 28.76 -4.65 8.34
N PRO B 674 28.46 -5.72 7.56
CA PRO B 674 29.49 -6.71 7.23
C PRO B 674 30.59 -6.13 6.36
N HIS B 675 31.85 -6.41 6.73
CA HIS B 675 33.04 -5.96 6.01
C HIS B 675 33.34 -7.01 4.95
N ARG B 676 32.69 -6.87 3.79
CA ARG B 676 32.77 -7.80 2.66
C ARG B 676 33.60 -7.23 1.49
N PRO B 677 34.31 -8.09 0.70
CA PRO B 677 35.12 -7.58 -0.42
C PRO B 677 34.32 -7.06 -1.62
N THR B 678 33.03 -7.41 -1.71
CA THR B 678 32.13 -6.98 -2.80
C THR B 678 30.83 -6.41 -2.20
N ASN B 679 30.11 -5.60 -2.99
CA ASN B 679 28.84 -5.01 -2.59
C ASN B 679 27.64 -5.72 -3.25
N VAL B 680 27.82 -7.02 -3.58
CA VAL B 680 26.83 -7.91 -4.23
C VAL B 680 25.47 -7.94 -3.46
N GLU B 681 25.50 -7.70 -2.13
CA GLU B 681 24.32 -7.66 -1.27
C GLU B 681 23.38 -6.52 -1.66
N SER B 682 23.94 -5.40 -2.14
CA SER B 682 23.19 -4.20 -2.53
C SER B 682 22.73 -4.19 -3.98
N CYS B 683 23.35 -5.04 -4.85
CA CYS B 683 23.15 -5.10 -6.31
C CYS B 683 23.36 -3.68 -6.88
N PRO B 684 24.61 -3.14 -6.85
CA PRO B 684 24.82 -1.75 -7.27
C PRO B 684 25.24 -1.54 -8.72
N GLU B 685 24.70 -2.36 -9.65
CA GLU B 685 25.02 -2.24 -11.07
C GLU B 685 24.55 -0.90 -11.66
N ASN B 686 25.54 -0.07 -12.09
CA ASN B 686 25.41 1.27 -12.68
C ASN B 686 24.98 2.36 -11.68
N LYS B 687 23.94 2.08 -10.85
CA LYS B 687 23.36 3.01 -9.87
C LYS B 687 24.37 3.60 -8.87
N ALA B 688 24.24 4.92 -8.63
CA ALA B 688 25.09 5.72 -7.73
C ALA B 688 24.84 5.41 -6.25
N GLU B 689 25.83 5.75 -5.39
CA GLU B 689 25.86 5.52 -3.93
C GLU B 689 24.65 6.10 -3.16
N ASP B 690 23.98 7.13 -3.70
CA ASP B 690 22.79 7.73 -3.07
C ASP B 690 21.53 6.84 -3.19
N LEU B 691 21.62 5.75 -3.96
CA LEU B 691 20.52 4.80 -4.22
C LEU B 691 20.66 3.43 -3.52
N TRP B 692 21.80 3.14 -2.85
CA TRP B 692 21.99 1.82 -2.23
C TRP B 692 22.77 1.78 -0.89
N VAL B 693 23.62 2.78 -0.58
CA VAL B 693 24.44 2.80 0.64
C VAL B 693 23.58 2.89 1.92
N GLU B 694 22.65 3.88 1.99
CA GLU B 694 21.76 4.09 3.15
C GLU B 694 20.86 2.86 3.40
N GLU B 695 20.34 2.24 2.32
CA GLU B 695 19.50 1.05 2.35
C GLU B 695 20.27 -0.15 2.94
N ARG B 696 21.56 -0.29 2.58
CA ARG B 696 22.44 -1.36 3.08
C ARG B 696 22.77 -1.19 4.56
N PHE B 697 22.92 0.07 5.03
CA PHE B 697 23.17 0.38 6.44
C PHE B 697 21.90 0.12 7.25
N LYS B 698 20.73 0.53 6.71
CA LYS B 698 19.42 0.35 7.33
C LYS B 698 19.03 -1.13 7.50
N ALA B 699 19.49 -1.99 6.57
CA ALA B 699 19.26 -3.43 6.60
C ALA B 699 20.13 -4.12 7.66
N HIS B 700 21.22 -3.45 8.09
CA HIS B 700 22.15 -3.99 9.08
C HIS B 700 22.11 -3.23 10.41
N ILE B 701 20.92 -2.71 10.76
CA ILE B 701 20.65 -2.05 12.03
C ILE B 701 20.53 -3.18 13.08
N ALA B 702 21.13 -2.99 14.25
CA ALA B 702 21.10 -3.95 15.36
C ALA B 702 20.80 -3.20 16.67
N ARG B 703 20.78 -3.94 17.80
CA ARG B 703 20.59 -3.35 19.13
C ARG B 703 21.97 -3.02 19.67
N VAL B 704 22.07 -2.20 20.74
CA VAL B 704 23.36 -1.88 21.38
C VAL B 704 23.93 -3.17 21.99
N ARG B 705 23.05 -4.03 22.56
CA ARG B 705 23.41 -5.32 23.15
C ARG B 705 24.10 -6.24 22.12
N ASP B 706 23.65 -6.21 20.85
CA ASP B 706 24.23 -6.99 19.75
C ASP B 706 25.67 -6.55 19.48
N VAL B 707 25.92 -5.22 19.52
CA VAL B 707 27.23 -4.59 19.34
C VAL B 707 28.13 -4.99 20.51
N GLU B 708 27.59 -4.91 21.74
CA GLU B 708 28.25 -5.27 23.01
C GLU B 708 28.75 -6.72 23.02
N LEU B 709 27.91 -7.67 22.57
CA LEU B 709 28.25 -9.10 22.49
C LEU B 709 29.37 -9.36 21.48
N LEU B 710 29.28 -8.70 20.31
CA LEU B 710 30.23 -8.82 19.19
C LEU B 710 31.58 -8.14 19.42
N THR B 711 31.68 -7.22 20.39
CA THR B 711 32.91 -6.46 20.66
C THR B 711 33.56 -6.76 22.00
N GLY B 712 32.75 -7.10 23.00
CA GLY B 712 33.21 -7.33 24.36
C GLY B 712 33.40 -6.00 25.07
N LEU B 713 32.55 -5.03 24.72
CA LEU B 713 32.51 -3.67 25.28
C LEU B 713 31.14 -3.43 25.92
N ASP B 714 31.07 -2.46 26.85
CA ASP B 714 29.83 -2.08 27.54
C ASP B 714 29.73 -0.55 27.50
N PHE B 715 28.61 -0.04 26.98
CA PHE B 715 28.37 1.39 26.81
C PHE B 715 27.46 2.03 27.88
N TYR B 716 27.43 3.38 27.91
CA TYR B 716 26.62 4.26 28.75
C TYR B 716 26.68 3.97 30.26
N GLN B 717 27.84 3.54 30.78
CA GLN B 717 28.03 3.24 32.20
C GLN B 717 28.07 4.48 33.09
N GLU B 718 28.45 5.64 32.53
CA GLU B 718 28.51 6.91 33.26
C GLU B 718 27.26 7.79 33.06
N LYS B 719 26.22 7.23 32.42
CA LYS B 719 24.95 7.93 32.20
C LYS B 719 24.10 7.84 33.47
N THR B 720 23.75 8.99 34.05
CA THR B 720 22.97 9.09 35.28
C THR B 720 21.51 8.66 35.02
N GLN B 721 21.28 7.34 35.08
CA GLN B 721 20.01 6.66 34.86
C GLN B 721 20.08 5.26 35.47
N PRO B 722 18.96 4.67 35.97
CA PRO B 722 19.04 3.30 36.53
C PRO B 722 19.39 2.28 35.44
N VAL B 723 20.10 1.20 35.83
CA VAL B 723 20.56 0.12 34.94
C VAL B 723 19.40 -0.48 34.13
N SER B 724 18.22 -0.66 34.77
CA SER B 724 17.00 -1.17 34.14
C SER B 724 16.55 -0.30 32.95
N GLU B 725 16.69 1.03 33.08
CA GLU B 725 16.35 2.01 32.03
C GLU B 725 17.37 2.01 30.90
N ILE B 726 18.67 1.82 31.23
CA ILE B 726 19.75 1.75 30.25
C ILE B 726 19.63 0.44 29.44
N LEU B 727 19.19 -0.66 30.09
CA LEU B 727 18.97 -1.96 29.44
C LEU B 727 17.85 -1.91 28.40
N GLN B 728 16.85 -1.02 28.60
CA GLN B 728 15.74 -0.78 27.66
C GLN B 728 16.31 -0.17 26.38
N LEU B 729 17.23 0.81 26.53
CA LEU B 729 17.93 1.50 25.45
C LEU B 729 18.87 0.54 24.69
N LYS B 730 19.50 -0.42 25.42
CA LYS B 730 20.42 -1.40 24.86
C LYS B 730 19.72 -2.52 24.08
N THR B 731 18.47 -2.85 24.44
CA THR B 731 17.64 -3.89 23.80
C THR B 731 16.75 -3.30 22.71
N TYR B 732 16.64 -1.97 22.65
CA TYR B 732 15.84 -1.23 21.68
C TYR B 732 16.34 -1.45 20.25
N LEU B 733 15.42 -1.73 19.33
CA LEU B 733 15.73 -1.89 17.91
C LEU B 733 15.03 -0.79 17.11
N PRO B 734 15.80 0.13 16.48
CA PRO B 734 15.16 1.19 15.69
C PRO B 734 14.55 0.62 14.40
N THR B 735 13.29 0.98 14.12
CA THR B 735 12.55 0.52 12.94
C THR B 735 12.22 1.67 11.99
N PHE B 736 12.16 1.37 10.68
CA PHE B 736 11.85 2.36 9.64
C PHE B 736 10.78 1.85 8.68
C1 NAG C . -21.83 32.66 1.31
C2 NAG C . -22.18 34.10 1.72
C3 NAG C . -20.96 34.97 1.43
C4 NAG C . -19.72 34.46 2.18
C5 NAG C . -19.53 32.96 1.95
C6 NAG C . -18.51 32.33 2.88
C7 NAG C . -24.60 34.56 1.48
C8 NAG C . -25.63 35.28 0.66
N2 NAG C . -23.34 34.60 1.00
O3 NAG C . -21.25 36.31 1.82
O4 NAG C . -18.54 35.08 1.66
O5 NAG C . -20.76 32.25 2.17
O6 NAG C . -18.25 30.99 2.52
O7 NAG C . -24.88 33.97 2.52
C1 NAG C . -18.09 36.33 2.18
C2 NAG C . -16.57 36.32 2.17
C3 NAG C . -16.02 37.70 2.52
C4 NAG C . -16.61 38.76 1.60
C5 NAG C . -18.13 38.70 1.64
C6 NAG C . -18.79 39.64 0.65
C7 NAG C . -15.48 34.15 2.66
C8 NAG C . -14.85 33.30 3.72
N2 NAG C . -16.02 35.30 3.07
O3 NAG C . -14.60 37.68 2.40
O4 NAG C . -16.14 40.05 1.98
O5 NAG C . -18.57 37.37 1.32
O6 NAG C . -20.21 39.46 0.64
O7 NAG C . -15.50 33.80 1.48
C1 NAG D . -41.56 19.49 7.60
C2 NAG D . -43.04 19.18 7.79
C3 NAG D . -43.82 20.31 7.12
C4 NAG D . -43.44 21.67 7.72
C5 NAG D . -41.93 21.86 7.68
C6 NAG D . -41.47 23.07 8.47
C7 NAG D . -43.81 16.83 7.90
C8 NAG D . -44.31 15.68 7.09
N2 NAG D . -43.40 17.90 7.19
O3 NAG D . -45.22 20.08 7.28
O4 NAG D . -44.06 22.71 6.96
O5 NAG D . -41.27 20.72 8.25
O6 NAG D . -40.07 23.30 8.31
O7 NAG D . -43.77 16.81 9.13
C1 NAG D . -45.14 23.43 7.54
C2 NAG D . -45.22 24.80 6.86
C3 NAG D . -46.39 25.56 7.49
C4 NAG D . -47.69 24.76 7.33
C5 NAG D . -47.53 23.35 7.90
C6 NAG D . -48.70 22.44 7.62
C7 NAG D . -43.03 25.67 6.12
C8 NAG D . -41.81 26.47 6.51
N2 NAG D . -43.98 25.54 7.05
O3 NAG D . -46.53 26.83 6.88
O4 NAG D . -48.75 25.44 7.99
O5 NAG D . -46.37 22.72 7.33
O6 NAG D . -49.86 22.82 8.34
O7 NAG D . -43.14 25.18 5.00
C1 NAG E . -28.26 14.83 -19.18
C2 NAG E . -27.61 15.52 -20.37
C3 NAG E . -28.02 16.99 -20.29
C4 NAG E . -29.54 17.15 -20.31
C5 NAG E . -30.18 16.28 -19.22
C6 NAG E . -31.69 16.19 -19.32
C7 NAG E . -25.40 14.69 -21.15
C8 NAG E . -23.92 14.78 -20.95
N2 NAG E . -26.16 15.39 -20.29
O3 NAG E . -27.44 17.73 -21.36
O4 NAG E . -29.85 18.52 -20.06
O5 NAG E . -29.69 14.94 -19.31
O6 NAG E . -32.12 15.55 -20.51
O7 NAG E . -25.90 14.01 -22.05
C1 NAG E . -30.65 19.23 -20.98
C2 NAG E . -31.33 20.36 -20.21
C3 NAG E . -32.13 21.22 -21.17
C4 NAG E . -31.25 21.73 -22.30
C5 NAG E . -30.56 20.57 -23.00
C6 NAG E . -29.55 20.99 -24.06
C7 NAG E . -31.84 19.83 -17.84
C8 NAG E . -32.81 19.16 -16.91
N2 NAG E . -32.19 19.83 -19.15
O3 NAG E . -32.72 22.32 -20.48
O4 NAG E . -32.03 22.48 -23.23
O5 NAG E . -29.85 19.76 -22.04
O6 NAG E . -28.36 21.53 -23.48
O7 NAG E . -30.80 20.34 -17.44
C1 NAG F . 15.12 -36.87 5.56
C2 NAG F . 15.53 -38.29 5.19
C3 NAG F . 16.29 -38.16 3.87
C4 NAG F . 15.42 -37.56 2.78
C5 NAG F . 14.75 -36.27 3.25
C6 NAG F . 13.63 -35.79 2.35
C7 NAG F . 15.88 -39.62 7.24
C8 NAG F . 16.91 -40.37 8.05
N2 NAG F . 16.37 -38.92 6.21
O3 NAG F . 16.76 -39.45 3.48
O4 NAG F . 16.22 -37.20 1.65
O5 NAG F . 14.18 -36.44 4.56
O6 NAG F . 13.04 -34.59 2.84
O7 NAG F . 14.69 -39.67 7.52
C1 NAG F . 16.41 -38.13 0.60
C2 NAG F . 16.51 -37.33 -0.71
C3 NAG F . 16.97 -38.23 -1.86
C4 NAG F . 18.25 -38.97 -1.49
C5 NAG F . 18.04 -39.76 -0.20
C6 NAG F . 19.27 -40.47 0.30
C7 NAG F . 15.01 -35.41 -1.10
C8 NAG F . 13.64 -34.99 -1.55
N2 NAG F . 15.22 -36.73 -1.02
O3 NAG F . 17.18 -37.45 -3.02
O4 NAG F . 18.62 -39.84 -2.56
O5 NAG F . 17.61 -38.87 0.85
O6 NAG F . 18.99 -41.22 1.47
O7 NAG F . 15.87 -34.58 -0.81
C1 BMA F . 19.87 -39.66 -3.20
C2 BMA F . 20.37 -41.02 -3.67
C3 BMA F . 21.67 -40.89 -4.47
C4 BMA F . 21.53 -39.85 -5.58
C5 BMA F . 20.98 -38.54 -5.03
C6 BMA F . 20.68 -37.52 -6.11
O2 BMA F . 19.37 -41.68 -4.44
O3 BMA F . 22.05 -42.14 -5.01
O4 BMA F . 22.81 -39.63 -6.18
O5 BMA F . 19.75 -38.77 -4.33
O6 BMA F . 20.23 -36.28 -5.56
C1 NAG G . 22.50 -17.05 23.79
C2 NAG G . 23.92 -16.71 23.33
C3 NAG G . 24.61 -18.05 23.10
C4 NAG G . 24.61 -18.91 24.37
C5 NAG G . 23.19 -19.03 24.96
C6 NAG G . 23.16 -19.63 26.34
C7 NAG G . 24.25 -14.69 21.94
C8 NAG G . 24.27 -14.15 20.54
N2 NAG G . 23.86 -15.96 22.08
O3 NAG G . 25.94 -17.85 22.65
O4 NAG G . 25.03 -20.22 24.01
O5 NAG G . 22.58 -17.73 25.03
O6 NAG G . 23.77 -18.79 27.31
O7 NAG G . 24.58 -13.99 22.90
C1 NAG G . 26.10 -20.82 24.72
C2 NAG G . 26.01 -22.33 24.44
C3 NAG G . 27.23 -23.05 25.03
C4 NAG G . 28.53 -22.39 24.60
C5 NAG G . 28.50 -20.89 24.92
C6 NAG G . 29.70 -20.11 24.43
C7 NAG G . 23.69 -23.15 24.30
C8 NAG G . 22.49 -23.58 25.10
N2 NAG G . 24.78 -22.85 25.02
O3 NAG G . 27.22 -24.41 24.60
O4 NAG G . 29.62 -23.01 25.28
O5 NAG G . 27.35 -20.29 24.29
O6 NAG G . 29.70 -19.96 23.01
O7 NAG G . 23.66 -23.06 23.08
C1 BMA G . 30.65 -23.61 24.52
C2 BMA G . 31.87 -23.81 25.42
C3 BMA G . 33.00 -24.48 24.63
C4 BMA G . 32.51 -25.76 23.95
C5 BMA G . 31.25 -25.50 23.14
C6 BMA G . 30.62 -26.75 22.55
O2 BMA G . 31.52 -24.58 26.56
O3 BMA G . 34.10 -24.76 25.49
O4 BMA G . 33.55 -26.27 23.10
O5 BMA G . 30.26 -24.87 23.96
O6 BMA G . 29.99 -27.55 23.54
P PO4 H . -22.32 12.61 4.81
O1 PO4 H . -21.44 13.10 5.98
O2 PO4 H . -23.68 11.99 5.38
O3 PO4 H . -22.67 13.84 3.84
O4 PO4 H . -21.54 11.50 3.98
ZN ZN I . -23.22 9.43 1.69
ZN ZN J . -19.96 10.58 4.49
CA CA K . -21.23 21.35 -26.72
C1 NAG L . -43.13 20.50 -12.97
C2 NAG L . -42.66 19.52 -14.05
C3 NAG L . -43.49 19.67 -15.32
C4 NAG L . -44.97 19.54 -15.02
C5 NAG L . -45.39 20.52 -13.92
C6 NAG L . -46.81 20.34 -13.46
C7 NAG L . -40.29 18.85 -14.00
C8 NAG L . -38.88 19.23 -14.38
N2 NAG L . -41.25 19.73 -14.34
O3 NAG L . -43.11 18.67 -16.26
O4 NAG L . -45.73 19.79 -16.20
O5 NAG L . -44.55 20.34 -12.76
O6 NAG L . -47.15 21.26 -12.43
O7 NAG L . -40.53 17.81 -13.40
C1 NAG M . -13.72 -19.05 -28.70
C2 NAG M . -14.55 -19.88 -27.71
C3 NAG M . -14.15 -21.35 -27.87
C4 NAG M . -14.34 -21.80 -29.32
C5 NAG M . -13.59 -20.87 -30.27
C6 NAG M . -13.87 -21.15 -31.73
C7 NAG M . -15.23 -18.97 -25.50
C8 NAG M . -14.75 -18.55 -24.15
N2 NAG M . -14.28 -19.43 -26.34
O3 NAG M . -14.95 -22.14 -27.00
O4 NAG M . -13.87 -23.13 -29.46
O5 NAG M . -13.98 -19.50 -30.03
O6 NAG M . -13.08 -20.32 -32.58
O7 NAG M . -16.41 -18.92 -25.83
P PO4 N . 1.38 -23.64 12.38
O1 PO4 N . 2.78 -24.29 12.57
O2 PO4 N . 1.54 -22.20 11.70
O3 PO4 N . 0.50 -24.57 11.42
O4 PO4 N . 0.66 -23.49 13.80
ZN ZN O . 2.32 -20.10 15.11
ZN ZN P . 0.69 -20.65 11.04
CA CA Q . 32.80 -15.09 17.65
C1 NAG R . 19.69 -31.23 32.80
C2 NAG R . 20.20 -29.81 32.99
C3 NAG R . 21.47 -29.86 33.83
C4 NAG R . 21.22 -30.59 35.15
C5 NAG R . 20.62 -31.97 34.90
C6 NAG R . 20.19 -32.70 36.16
C7 NAG R . 19.73 -28.21 31.15
C8 NAG R . 20.13 -27.76 29.79
N2 NAG R . 20.46 -29.20 31.70
O3 NAG R . 21.93 -28.53 34.09
O4 NAG R . 22.45 -30.73 35.86
O5 NAG R . 19.44 -31.85 34.07
O6 NAG R . 19.13 -32.04 36.83
O7 NAG R . 18.78 -27.72 31.75
C1 NAG S . 60.19 -0.38 6.01
C2 NAG S . 60.57 -0.97 4.64
C3 NAG S . 61.96 -1.62 4.76
C4 NAG S . 62.98 -0.63 5.30
C5 NAG S . 62.50 -0.03 6.63
C6 NAG S . 63.40 1.05 7.19
C7 NAG S . 58.96 -1.88 3.01
C8 NAG S . 58.11 -3.07 2.66
N2 NAG S . 59.59 -1.94 4.20
O3 NAG S . 62.37 -2.08 3.48
O4 NAG S . 64.23 -1.28 5.49
O5 NAG S . 61.19 0.54 6.47
O6 NAG S . 63.43 2.21 6.37
O7 NAG S . 59.08 -0.93 2.26
#